data_3L2C
# 
_entry.id   3L2C 
# 
_audit_conform.dict_name       mmcif_pdbx.dic 
_audit_conform.dict_version    5.380 
_audit_conform.dict_location   http://mmcif.pdb.org/dictionaries/ascii/mmcif_pdbx.dic 
# 
loop_
_database_2.database_id 
_database_2.database_code 
_database_2.pdbx_database_accession 
_database_2.pdbx_DOI 
PDB   3L2C         pdb_00003l2c 10.2210/pdb3l2c/pdb 
NDB   NA0394       ?            ?                   
RCSB  RCSB056744   ?            ?                   
WWPDB D_1000056744 ?            ?                   
# 
_pdbx_database_PDB_obs_spr.id               SPRSDE 
_pdbx_database_PDB_obs_spr.date             2009-12-29 
_pdbx_database_PDB_obs_spr.pdb_id           3L2C 
_pdbx_database_PDB_obs_spr.replace_pdb_id   3BPY 
_pdbx_database_PDB_obs_spr.details          ? 
# 
_pdbx_database_status.entry_id                        3L2C 
_pdbx_database_status.status_code                     REL 
_pdbx_database_status.deposit_site                    RCSB 
_pdbx_database_status.process_site                    PDBJ 
_pdbx_database_status.SG_entry                        N 
_pdbx_database_status.recvd_initial_deposition_date   2009-12-15 
_pdbx_database_status.status_code_sf                  REL 
_pdbx_database_status.status_code_mr                  ? 
_pdbx_database_status.status_code_cs                  ? 
_pdbx_database_status.pdb_format_compatible           Y 
_pdbx_database_status.status_code_nmr_data            ? 
_pdbx_database_status.methods_development_category    ? 
# 
loop_
_audit_author.name 
_audit_author.pdbx_ordinal 
'Boura, E.'    1 
'Silhan, J.'   2 
'Sulc, M.'     3 
'Brynda, J.'   4 
'Obsilova, V.' 5 
'Obsil, T.'    6 
# 
_citation.id                        primary 
_citation.title                     
'Structure of the human FOXO4-DBD-DNA complex at 1.9   A resolution reveals new details of FOXO binding to the DNA' 
_citation.journal_abbrev            'Acta Crystallogr.,Sect.D' 
_citation.journal_volume            66 
_citation.page_first                1351 
_citation.page_last                 1357 
_citation.year                      2010 
_citation.journal_id_ASTM           ABCRE6 
_citation.country                   DK 
_citation.journal_id_ISSN           0907-4449 
_citation.journal_id_CSD            0766 
_citation.book_publisher            ? 
_citation.pdbx_database_id_PubMed   21123876 
_citation.pdbx_database_id_DOI      10.1107/S0907444910042228 
# 
loop_
_citation_author.citation_id 
_citation_author.name 
_citation_author.ordinal 
_citation_author.identifier_ORCID 
primary 'Boura, E.'     1 ? 
primary 'Rezabkova, L.' 2 ? 
primary 'Brynda, J.'    3 ? 
primary 'Obsilova, V.'  4 ? 
primary 'Obsil, T.'     5 ? 
# 
_cell.length_a           40.810 
_cell.length_b           71.700 
_cell.length_c           131.860 
_cell.angle_alpha        90.000 
_cell.angle_beta         90.000 
_cell.angle_gamma        90.000 
_cell.entry_id           3L2C 
_cell.Z_PDB              8 
_cell.pdbx_unique_axis   ? 
_cell.length_a_esd       ? 
_cell.length_b_esd       ? 
_cell.length_c_esd       ? 
_cell.angle_alpha_esd    ? 
_cell.angle_beta_esd     ? 
_cell.angle_gamma_esd    ? 
# 
_symmetry.space_group_name_H-M             'C 2 2 21' 
_symmetry.entry_id                         3L2C 
_symmetry.Int_Tables_number                20 
_symmetry.pdbx_full_space_group_name_H-M   ? 
_symmetry.cell_setting                     ? 
_symmetry.space_group_name_Hall            ? 
# 
loop_
_entity.id 
_entity.type 
_entity.src_method 
_entity.pdbx_description 
_entity.formula_weight 
_entity.pdbx_number_of_molecules 
_entity.pdbx_ec 
_entity.pdbx_mutation 
_entity.pdbx_fragment 
_entity.details 
1 polymer     syn 'FOXO consensus binding sequence, plus strand'  3943.613  1   ? ? ?                                         ? 
2 polymer     syn 'FOXO consensus binding sequence, minus strand' 3996.619  1   ? ? ?                                         ? 
3 polymer     man 'Forkhead box protein O4'                       12276.740 1   ? ? 'DNA binding domain, UNP residues 86-187' ? 
4 non-polymer syn 'MAGNESIUM ION'                                 24.305    2   ? ? ?                                         ? 
5 water       nat water                                           18.015    163 ? ? ?                                         ? 
# 
_entity_name_com.entity_id   3 
_entity_name_com.name        'Forkhead transcription factor FOXO4, Fork head domain transcription factor AFX1' 
# 
loop_
_entity_poly.entity_id 
_entity_poly.type 
_entity_poly.nstd_linkage 
_entity_poly.nstd_monomer 
_entity_poly.pdbx_seq_one_letter_code 
_entity_poly.pdbx_seq_one_letter_code_can 
_entity_poly.pdbx_strand_id 
_entity_poly.pdbx_target_identifier 
1 polydeoxyribonucleotide no no '(DC)(DT)(DA)(DT)(DG)(DT)(DA)(DA)(DA)(DC)(DA)(DA)(DC)' CTATGTAAACAAC B ? 
2 polydeoxyribonucleotide no no '(DG)(DT)(DT)(DG)(DT)(DT)(DT)(DA)(DC)(DA)(DT)(DA)(DG)' GTTGTTTACATAG C ? 
3 'polypeptide(L)'        no no 
;GSHMLEDPGAVTGPRKGGSRRNAWGNQSYAELISQAIESAPEKRLTLAQIYEWMVRTVPYFKDKGDSNSSAGWKNSIRHN
LSLHSKFIKVHNEATGKSSWWMLNPEGGKS
;
;GSHMLEDPGAVTGPRKGGSRRNAWGNQSYAELISQAIESAPEKRLTLAQIYEWMVRTVPYFKDKGDSNSSAGWKNSIRHN
LSLHSKFIKVHNEATGKSSWWMLNPEGGKS
;
A ? 
# 
loop_
_entity_poly_seq.entity_id 
_entity_poly_seq.num 
_entity_poly_seq.mon_id 
_entity_poly_seq.hetero 
1 1   DC  n 
1 2   DT  n 
1 3   DA  n 
1 4   DT  n 
1 5   DG  n 
1 6   DT  n 
1 7   DA  n 
1 8   DA  n 
1 9   DA  n 
1 10  DC  n 
1 11  DA  n 
1 12  DA  n 
1 13  DC  n 
2 1   DG  n 
2 2   DT  n 
2 3   DT  n 
2 4   DG  n 
2 5   DT  n 
2 6   DT  n 
2 7   DT  n 
2 8   DA  n 
2 9   DC  n 
2 10  DA  n 
2 11  DT  n 
2 12  DA  n 
2 13  DG  n 
3 1   GLY n 
3 2   SER n 
3 3   HIS n 
3 4   MET n 
3 5   LEU n 
3 6   GLU n 
3 7   ASP n 
3 8   PRO n 
3 9   GLY n 
3 10  ALA n 
3 11  VAL n 
3 12  THR n 
3 13  GLY n 
3 14  PRO n 
3 15  ARG n 
3 16  LYS n 
3 17  GLY n 
3 18  GLY n 
3 19  SER n 
3 20  ARG n 
3 21  ARG n 
3 22  ASN n 
3 23  ALA n 
3 24  TRP n 
3 25  GLY n 
3 26  ASN n 
3 27  GLN n 
3 28  SER n 
3 29  TYR n 
3 30  ALA n 
3 31  GLU n 
3 32  LEU n 
3 33  ILE n 
3 34  SER n 
3 35  GLN n 
3 36  ALA n 
3 37  ILE n 
3 38  GLU n 
3 39  SER n 
3 40  ALA n 
3 41  PRO n 
3 42  GLU n 
3 43  LYS n 
3 44  ARG n 
3 45  LEU n 
3 46  THR n 
3 47  LEU n 
3 48  ALA n 
3 49  GLN n 
3 50  ILE n 
3 51  TYR n 
3 52  GLU n 
3 53  TRP n 
3 54  MET n 
3 55  VAL n 
3 56  ARG n 
3 57  THR n 
3 58  VAL n 
3 59  PRO n 
3 60  TYR n 
3 61  PHE n 
3 62  LYS n 
3 63  ASP n 
3 64  LYS n 
3 65  GLY n 
3 66  ASP n 
3 67  SER n 
3 68  ASN n 
3 69  SER n 
3 70  SER n 
3 71  ALA n 
3 72  GLY n 
3 73  TRP n 
3 74  LYS n 
3 75  ASN n 
3 76  SER n 
3 77  ILE n 
3 78  ARG n 
3 79  HIS n 
3 80  ASN n 
3 81  LEU n 
3 82  SER n 
3 83  LEU n 
3 84  HIS n 
3 85  SER n 
3 86  LYS n 
3 87  PHE n 
3 88  ILE n 
3 89  LYS n 
3 90  VAL n 
3 91  HIS n 
3 92  ASN n 
3 93  GLU n 
3 94  ALA n 
3 95  THR n 
3 96  GLY n 
3 97  LYS n 
3 98  SER n 
3 99  SER n 
3 100 TRP n 
3 101 TRP n 
3 102 MET n 
3 103 LEU n 
3 104 ASN n 
3 105 PRO n 
3 106 GLU n 
3 107 GLY n 
3 108 GLY n 
3 109 LYS n 
3 110 SER n 
# 
_entity_src_gen.entity_id                          3 
_entity_src_gen.pdbx_src_id                        1 
_entity_src_gen.pdbx_alt_source_flag               sample 
_entity_src_gen.pdbx_seq_type                      ? 
_entity_src_gen.pdbx_beg_seq_num                   ? 
_entity_src_gen.pdbx_end_seq_num                   ? 
_entity_src_gen.gene_src_common_name               human 
_entity_src_gen.gene_src_genus                     Homo 
_entity_src_gen.pdbx_gene_src_gene                 'AFX, AFX1, FOXO4, MLLT7' 
_entity_src_gen.gene_src_species                   ? 
_entity_src_gen.gene_src_strain                    ? 
_entity_src_gen.gene_src_tissue                    ? 
_entity_src_gen.gene_src_tissue_fraction           ? 
_entity_src_gen.gene_src_details                   ? 
_entity_src_gen.pdbx_gene_src_fragment             ? 
_entity_src_gen.pdbx_gene_src_scientific_name      'Homo sapiens' 
_entity_src_gen.pdbx_gene_src_ncbi_taxonomy_id     9606 
_entity_src_gen.pdbx_gene_src_variant              ? 
_entity_src_gen.pdbx_gene_src_cell_line            ? 
_entity_src_gen.pdbx_gene_src_atcc                 ? 
_entity_src_gen.pdbx_gene_src_organ                ? 
_entity_src_gen.pdbx_gene_src_organelle            ? 
_entity_src_gen.pdbx_gene_src_cell                 ? 
_entity_src_gen.pdbx_gene_src_cellular_location    ? 
_entity_src_gen.host_org_common_name               ? 
_entity_src_gen.pdbx_host_org_scientific_name      'Escherichia coli' 
_entity_src_gen.pdbx_host_org_ncbi_taxonomy_id     469008 
_entity_src_gen.host_org_genus                     ? 
_entity_src_gen.pdbx_host_org_gene                 ? 
_entity_src_gen.pdbx_host_org_organ                ? 
_entity_src_gen.host_org_species                   ? 
_entity_src_gen.pdbx_host_org_tissue               ? 
_entity_src_gen.pdbx_host_org_tissue_fraction      ? 
_entity_src_gen.pdbx_host_org_strain               'BL21(DE3)' 
_entity_src_gen.pdbx_host_org_variant              ? 
_entity_src_gen.pdbx_host_org_cell_line            ? 
_entity_src_gen.pdbx_host_org_atcc                 ? 
_entity_src_gen.pdbx_host_org_culture_collection   ? 
_entity_src_gen.pdbx_host_org_cell                 ? 
_entity_src_gen.pdbx_host_org_organelle            ? 
_entity_src_gen.pdbx_host_org_cellular_location    ? 
_entity_src_gen.pdbx_host_org_vector_type          plasmid 
_entity_src_gen.pdbx_host_org_vector               ? 
_entity_src_gen.host_org_details                   ? 
_entity_src_gen.expression_system_id               ? 
_entity_src_gen.plasmid_name                       pET15b 
_entity_src_gen.plasmid_details                    ? 
_entity_src_gen.pdbx_description                   ? 
# 
loop_
_pdbx_entity_src_syn.entity_id 
_pdbx_entity_src_syn.pdbx_src_id 
_pdbx_entity_src_syn.pdbx_alt_source_flag 
_pdbx_entity_src_syn.pdbx_beg_seq_num 
_pdbx_entity_src_syn.pdbx_end_seq_num 
_pdbx_entity_src_syn.organism_scientific 
_pdbx_entity_src_syn.organism_common_name 
_pdbx_entity_src_syn.ncbi_taxonomy_id 
_pdbx_entity_src_syn.details 
1 1 sample ? ? ? ? ? 'Synthetic DNA' 
2 1 sample ? ? ? ? ? 'Synthetic DNA' 
# 
loop_
_struct_ref.id 
_struct_ref.db_name 
_struct_ref.db_code 
_struct_ref.pdbx_db_accession 
_struct_ref.entity_id 
_struct_ref.pdbx_seq_one_letter_code 
_struct_ref.pdbx_align_begin 
_struct_ref.pdbx_db_isoform 
1 UNP FOXO4_HUMAN P98177 3 
;GAVTGPRKGGSRRNAWGNQSYAELISQAIESAPEKRLTLAQIYEWMVRTVPYFKDKGDSNSSAGWKNSIRHNLSLHSKFI
KVHNEATGKSSWWMLNPEGGKS
;
86 ? 
2 PDB 3L2C        3L2C   1 ? ?  ? 
3 PDB 3L2C        3L2C   2 ? ?  ? 
# 
loop_
_struct_ref_seq.align_id 
_struct_ref_seq.ref_id 
_struct_ref_seq.pdbx_PDB_id_code 
_struct_ref_seq.pdbx_strand_id 
_struct_ref_seq.seq_align_beg 
_struct_ref_seq.pdbx_seq_align_beg_ins_code 
_struct_ref_seq.seq_align_end 
_struct_ref_seq.pdbx_seq_align_end_ins_code 
_struct_ref_seq.pdbx_db_accession 
_struct_ref_seq.db_align_beg 
_struct_ref_seq.pdbx_db_align_beg_ins_code 
_struct_ref_seq.db_align_end 
_struct_ref_seq.pdbx_db_align_end_ins_code 
_struct_ref_seq.pdbx_auth_seq_align_beg 
_struct_ref_seq.pdbx_auth_seq_align_end 
1 1 3L2C A 9 ? 110 ? P98177 86 ? 187 ? 82 183 
2 2 3L2C B 1 ? 13  ? 3L2C   1  ? 13  ? 1  13  
3 3 3L2C C 1 ? 13  ? 3L2C   25 ? 37  ? 25 37  
# 
loop_
_struct_ref_seq_dif.align_id 
_struct_ref_seq_dif.pdbx_pdb_id_code 
_struct_ref_seq_dif.mon_id 
_struct_ref_seq_dif.pdbx_pdb_strand_id 
_struct_ref_seq_dif.seq_num 
_struct_ref_seq_dif.pdbx_pdb_ins_code 
_struct_ref_seq_dif.pdbx_seq_db_name 
_struct_ref_seq_dif.pdbx_seq_db_accession_code 
_struct_ref_seq_dif.db_mon_id 
_struct_ref_seq_dif.pdbx_seq_db_seq_num 
_struct_ref_seq_dif.details 
_struct_ref_seq_dif.pdbx_auth_seq_num 
_struct_ref_seq_dif.pdbx_ordinal 
1 3L2C GLY A 1 ? UNP P98177 ? ? 'expression tag' 74 1 
1 3L2C SER A 2 ? UNP P98177 ? ? 'expression tag' 75 2 
1 3L2C HIS A 3 ? UNP P98177 ? ? 'expression tag' 76 3 
1 3L2C MET A 4 ? UNP P98177 ? ? 'expression tag' 77 4 
1 3L2C LEU A 5 ? UNP P98177 ? ? 'expression tag' 78 5 
1 3L2C GLU A 6 ? UNP P98177 ? ? 'expression tag' 79 6 
1 3L2C ASP A 7 ? UNP P98177 ? ? 'expression tag' 80 7 
1 3L2C PRO A 8 ? UNP P98177 ? ? 'expression tag' 81 8 
# 
loop_
_chem_comp.id 
_chem_comp.type 
_chem_comp.mon_nstd_flag 
_chem_comp.name 
_chem_comp.pdbx_synonyms 
_chem_comp.formula 
_chem_comp.formula_weight 
ALA 'L-peptide linking' y ALANINE                              ? 'C3 H7 N O2'      89.093  
ARG 'L-peptide linking' y ARGININE                             ? 'C6 H15 N4 O2 1'  175.209 
ASN 'L-peptide linking' y ASPARAGINE                           ? 'C4 H8 N2 O3'     132.118 
ASP 'L-peptide linking' y 'ASPARTIC ACID'                      ? 'C4 H7 N O4'      133.103 
DA  'DNA linking'       y "2'-DEOXYADENOSINE-5'-MONOPHOSPHATE" ? 'C10 H14 N5 O6 P' 331.222 
DC  'DNA linking'       y "2'-DEOXYCYTIDINE-5'-MONOPHOSPHATE"  ? 'C9 H14 N3 O7 P'  307.197 
DG  'DNA linking'       y "2'-DEOXYGUANOSINE-5'-MONOPHOSPHATE" ? 'C10 H14 N5 O7 P' 347.221 
DT  'DNA linking'       y "THYMIDINE-5'-MONOPHOSPHATE"         ? 'C10 H15 N2 O8 P' 322.208 
GLN 'L-peptide linking' y GLUTAMINE                            ? 'C5 H10 N2 O3'    146.144 
GLU 'L-peptide linking' y 'GLUTAMIC ACID'                      ? 'C5 H9 N O4'      147.129 
GLY 'peptide linking'   y GLYCINE                              ? 'C2 H5 N O2'      75.067  
HIS 'L-peptide linking' y HISTIDINE                            ? 'C6 H10 N3 O2 1'  156.162 
HOH non-polymer         . WATER                                ? 'H2 O'            18.015  
ILE 'L-peptide linking' y ISOLEUCINE                           ? 'C6 H13 N O2'     131.173 
LEU 'L-peptide linking' y LEUCINE                              ? 'C6 H13 N O2'     131.173 
LYS 'L-peptide linking' y LYSINE                               ? 'C6 H15 N2 O2 1'  147.195 
MET 'L-peptide linking' y METHIONINE                           ? 'C5 H11 N O2 S'   149.211 
MG  non-polymer         . 'MAGNESIUM ION'                      ? 'Mg 2'            24.305  
PHE 'L-peptide linking' y PHENYLALANINE                        ? 'C9 H11 N O2'     165.189 
PRO 'L-peptide linking' y PROLINE                              ? 'C5 H9 N O2'      115.130 
SER 'L-peptide linking' y SERINE                               ? 'C3 H7 N O3'      105.093 
THR 'L-peptide linking' y THREONINE                            ? 'C4 H9 N O3'      119.119 
TRP 'L-peptide linking' y TRYPTOPHAN                           ? 'C11 H12 N2 O2'   204.225 
TYR 'L-peptide linking' y TYROSINE                             ? 'C9 H11 N O3'     181.189 
VAL 'L-peptide linking' y VALINE                               ? 'C5 H11 N O2'     117.146 
# 
_exptl.entry_id          3L2C 
_exptl.method            'X-RAY DIFFRACTION' 
_exptl.crystals_number   1 
# 
_exptl_crystal.id                    1 
_exptl_crystal.density_meas          ? 
_exptl_crystal.density_Matthews      2.39 
_exptl_crystal.density_percent_sol   48.44 
_exptl_crystal.description           ? 
_exptl_crystal.F_000                 ? 
_exptl_crystal.preparation           ? 
# 
_exptl_crystal_grow.crystal_id      1 
_exptl_crystal_grow.method          'VAPOR DIFFUSION, HANGING DROP' 
_exptl_crystal_grow.pH              7.3 
_exptl_crystal_grow.temp            292 
_exptl_crystal_grow.pdbx_details    
'HEPES, MgCl2, PEG MME, pH 7.3, vapor diffusion, hanging drop, temperature 292K, VAPOR DIFFUSION, HANGING DROP' 
_exptl_crystal_grow.temp_details    ? 
_exptl_crystal_grow.pdbx_pH_range   ? 
# 
loop_
_exptl_crystal_grow_comp.crystal_id 
_exptl_crystal_grow_comp.id 
_exptl_crystal_grow_comp.sol_id 
_exptl_crystal_grow_comp.name 
_exptl_crystal_grow_comp.conc 
_exptl_crystal_grow_comp.volume 
_exptl_crystal_grow_comp.details 
1 1 1 HEPES     ? ? ? 
1 2 1 MgCl2     ? ? ? 
1 3 1 'PEG MME' ? ? ? 
1 4 2 HEPES     ? ? ? 
1 5 2 MgCl2     ? ? ? 
1 6 2 'PEG MME' ? ? ? 
# 
_diffrn.id                     1 
_diffrn.ambient_temp           100 
_diffrn.ambient_temp_details   ? 
_diffrn.crystal_id             1 
# 
_diffrn_detector.diffrn_id              1 
_diffrn_detector.detector               'IMAGE PLATE' 
_diffrn_detector.type                   'MAR scanner 345 mm plate' 
_diffrn_detector.pdbx_collection_date   2007-11-05 
_diffrn_detector.details                ? 
# 
_diffrn_radiation.diffrn_id                        1 
_diffrn_radiation.pdbx_diffrn_protocol             'SINGLE WAVELENGTH' 
_diffrn_radiation.monochromator                    MIRROR 
_diffrn_radiation.wavelength_id                    1 
_diffrn_radiation.pdbx_monochromatic_or_laue_m_l   M 
_diffrn_radiation.pdbx_scattering_type             x-ray 
# 
_diffrn_radiation_wavelength.id           1 
_diffrn_radiation_wavelength.wavelength   1.5418 
_diffrn_radiation_wavelength.wt           1.0 
# 
_diffrn_source.diffrn_id                   1 
_diffrn_source.source                      'ROTATING ANODE' 
_diffrn_source.type                        'ENRAF-NONIUS FR591' 
_diffrn_source.pdbx_wavelength_list        ? 
_diffrn_source.pdbx_wavelength             1.5418 
_diffrn_source.pdbx_synchrotron_site       ? 
_diffrn_source.pdbx_synchrotron_beamline   ? 
# 
_reflns.entry_id                     3L2C 
_reflns.d_resolution_high            1.868 
_reflns.d_resolution_low             65.938 
_reflns.number_obs                   16135 
_reflns.pdbx_Rmerge_I_obs            0.044 
_reflns.pdbx_netI_over_sigmaI        12.200 
_reflns.pdbx_Rsym_value              0.044 
_reflns.pdbx_redundancy              7.000 
_reflns.percent_possible_obs         96.600 
_reflns.observed_criterion_sigma_F   0 
_reflns.observed_criterion_sigma_I   1 
_reflns.number_all                   16689 
_reflns.B_iso_Wilson_estimate        ? 
_reflns.R_free_details               ? 
_reflns.pdbx_chi_squared             ? 
_reflns.pdbx_scaling_rejects         ? 
_reflns.limit_h_max                  ? 
_reflns.limit_h_min                  ? 
_reflns.limit_k_max                  ? 
_reflns.limit_k_min                  ? 
_reflns.limit_l_max                  ? 
_reflns.limit_l_min                  ? 
_reflns.observed_criterion_F_max     ? 
_reflns.observed_criterion_F_min     ? 
_reflns.pdbx_diffrn_id               1 
_reflns.pdbx_ordinal                 1 
# 
_reflns_shell.d_res_high             1.868 
_reflns_shell.d_res_low              1.960 
_reflns_shell.number_measured_obs    ? 
_reflns_shell.number_measured_all    12693 
_reflns_shell.number_unique_obs      ? 
_reflns_shell.Rmerge_I_obs           0.251 
_reflns_shell.meanI_over_sigI_obs    3.0 
_reflns_shell.pdbx_Rsym_value        0.251 
_reflns_shell.pdbx_chi_squared       ? 
_reflns_shell.pdbx_redundancy        6.50 
_reflns_shell.percent_possible_obs   ? 
_reflns_shell.number_unique_all      1953 
_reflns_shell.percent_possible_all   81.60 
_reflns_shell.pdbx_diffrn_id         ? 
_reflns_shell.pdbx_ordinal           1 
# 
_refine.entry_id                                 3L2C 
_refine.ls_d_res_high                            1.868 
_refine.ls_d_res_low                             19.000 
_refine.pdbx_ls_sigma_F                          0.00 
_refine.ls_percent_reflns_obs                    97.790 
_refine.ls_number_reflns_obs                     16083 
_refine.pdbx_ls_cross_valid_method               THROUGHOUT 
_refine.pdbx_R_Free_selection_details            RANDOM 
_refine.details                                  'HYDROGENS HAVE BEEN ADDED IN THE RIDING POSITIONS' 
_refine.ls_R_factor_obs                          0.195 
_refine.ls_R_factor_R_work                       0.193 
_refine.ls_R_factor_R_free                       0.228 
_refine.ls_percent_reflns_R_free                 5.000 
_refine.ls_number_reflns_R_free                  807 
_refine.B_iso_mean                               21.875 
_refine.aniso_B[1][1]                            -0.410 
_refine.aniso_B[2][2]                            0.170 
_refine.aniso_B[3][3]                            0.240 
_refine.aniso_B[1][2]                            0.000 
_refine.aniso_B[1][3]                            0.000 
_refine.aniso_B[2][3]                            0.000 
_refine.correlation_coeff_Fo_to_Fc               0.952 
_refine.correlation_coeff_Fo_to_Fc_free          0.941 
_refine.pdbx_overall_ESU_R                       0.140 
_refine.pdbx_overall_ESU_R_Free                  0.131 
_refine.overall_SU_ML                            0.078 
_refine.overall_SU_B                             2.524 
_refine.solvent_model_details                    MASK 
_refine.pdbx_solvent_vdw_probe_radii             1.200 
_refine.pdbx_solvent_ion_probe_radii             0.800 
_refine.pdbx_solvent_shrinkage_radii             0.800 
_refine.pdbx_method_to_determine_struct          'MOLECULAR REPLACEMENT' 
_refine.pdbx_stereochemistry_target_values       'MAXIMUM LIKELIHOOD' 
_refine.pdbx_ls_sigma_I                          ? 
_refine.ls_number_reflns_all                     ? 
_refine.ls_R_factor_all                          ? 
_refine.ls_redundancy_reflns_obs                 ? 
_refine.pdbx_data_cutoff_high_absF               ? 
_refine.pdbx_data_cutoff_low_absF                ? 
_refine.ls_number_parameters                     ? 
_refine.ls_number_restraints                     ? 
_refine.ls_R_factor_R_free_error                 ? 
_refine.ls_R_factor_R_free_error_details         ? 
_refine.pdbx_starting_model                      'PDB ENTRY 2UZK' 
_refine.pdbx_stereochem_target_val_spec_case     ? 
_refine.solvent_model_param_bsol                 ? 
_refine.solvent_model_param_ksol                 ? 
_refine.occupancy_max                            ? 
_refine.occupancy_min                            ? 
_refine.pdbx_isotropic_thermal_model             ? 
_refine.overall_SU_R_Cruickshank_DPI             ? 
_refine.overall_SU_R_free                        ? 
_refine.pdbx_data_cutoff_high_rms_absF           ? 
_refine.ls_wR_factor_R_free                      ? 
_refine.ls_wR_factor_R_work                      ? 
_refine.overall_FOM_free_R_set                   ? 
_refine.overall_FOM_work_R_set                   ? 
_refine.B_iso_min                                ? 
_refine.B_iso_max                                ? 
_refine.pdbx_overall_phase_error                 ? 
_refine.pdbx_refine_id                           'X-RAY DIFFRACTION' 
_refine.pdbx_diffrn_id                           1 
_refine.pdbx_TLS_residual_ADP_flag               ? 
_refine.pdbx_overall_SU_R_free_Cruickshank_DPI   ? 
_refine.pdbx_overall_SU_R_Blow_DPI               ? 
_refine.pdbx_overall_SU_R_free_Blow_DPI          ? 
# 
_refine_hist.pdbx_refine_id                   'X-RAY DIFFRACTION' 
_refine_hist.cycle_id                         LAST 
_refine_hist.pdbx_number_atoms_protein        697 
_refine_hist.pdbx_number_atoms_nucleic_acid   527 
_refine_hist.pdbx_number_atoms_ligand         2 
_refine_hist.number_atoms_solvent             163 
_refine_hist.number_atoms_total               1389 
_refine_hist.d_res_high                       1.868 
_refine_hist.d_res_low                        19.000 
# 
loop_
_refine_ls_restr.type 
_refine_ls_restr.number 
_refine_ls_restr.dev_ideal 
_refine_ls_restr.dev_ideal_target 
_refine_ls_restr.weight 
_refine_ls_restr.pdbx_refine_id 
_refine_ls_restr.pdbx_restraint_function 
r_bond_refined_d         1306 0.013  0.021  ? 'X-RAY DIFFRACTION' ? 
r_angle_refined_deg      1874 1.924  2.431  ? 'X-RAY DIFFRACTION' ? 
r_dihedral_angle_1_deg   84   1.592  5.000  ? 'X-RAY DIFFRACTION' ? 
r_dihedral_angle_2_deg   35   22.784 23.429 ? 'X-RAY DIFFRACTION' ? 
r_dihedral_angle_3_deg   126  6.870  15.000 ? 'X-RAY DIFFRACTION' ? 
r_dihedral_angle_4_deg   5    8.219  15.000 ? 'X-RAY DIFFRACTION' ? 
r_chiral_restr           200  0.109  0.200  ? 'X-RAY DIFFRACTION' ? 
r_gen_planes_refined     807  0.008  0.020  ? 'X-RAY DIFFRACTION' ? 
r_nbd_refined            478  0.185  0.200  ? 'X-RAY DIFFRACTION' ? 
r_nbtor_refined          820  0.300  0.200  ? 'X-RAY DIFFRACTION' ? 
r_xyhbond_nbd_refined    140  0.138  0.200  ? 'X-RAY DIFFRACTION' ? 
r_metal_ion_refined      2    0.039  0.200  ? 'X-RAY DIFFRACTION' ? 
r_symmetry_vdw_refined   38   0.164  0.200  ? 'X-RAY DIFFRACTION' ? 
r_symmetry_hbond_refined 11   0.175  0.200  ? 'X-RAY DIFFRACTION' ? 
r_mcbond_it              437  1.234  1.500  ? 'X-RAY DIFFRACTION' ? 
r_mcangle_it             675  1.874  2.000  ? 'X-RAY DIFFRACTION' ? 
r_scbond_it              1164 2.009  3.000  ? 'X-RAY DIFFRACTION' ? 
r_scangle_it             1199 2.829  4.500  ? 'X-RAY DIFFRACTION' ? 
# 
_refine_ls_shell.d_res_high                       1.868 
_refine_ls_shell.d_res_low                        1.916 
_refine_ls_shell.pdbx_total_number_of_bins_used   20 
_refine_ls_shell.percent_reflns_obs               89.210 
_refine_ls_shell.number_reflns_R_work             997 
_refine_ls_shell.R_factor_all                     ? 
_refine_ls_shell.R_factor_R_work                  0.235 
_refine_ls_shell.R_factor_R_free                  0.251 
_refine_ls_shell.percent_reflns_R_free            ? 
_refine_ls_shell.number_reflns_R_free             45 
_refine_ls_shell.R_factor_R_free_error            ? 
_refine_ls_shell.number_reflns_all                1042 
_refine_ls_shell.number_reflns_obs                ? 
_refine_ls_shell.redundancy_reflns_obs            ? 
_refine_ls_shell.pdbx_refine_id                   'X-RAY DIFFRACTION' 
# 
_struct.entry_id                  3L2C 
_struct.title                     'Crystal Structure of the DNA Binding Domain of FOXO4 Bound to DNA' 
_struct.pdbx_model_details        ? 
_struct.pdbx_CASP_flag            ? 
_struct.pdbx_model_type_details   ? 
# 
_struct_keywords.entry_id        3L2C 
_struct_keywords.text            'forkhead, forkhead box, winged helix, TRANSCRIPTION-DNA COMPLEX' 
_struct_keywords.pdbx_keywords   TRANSCRIPTION/DNA 
# 
loop_
_struct_asym.id 
_struct_asym.pdbx_blank_PDB_chainid_flag 
_struct_asym.pdbx_modified 
_struct_asym.entity_id 
_struct_asym.details 
A N N 1 ? 
B N N 2 ? 
C N N 3 ? 
D N N 4 ? 
E N N 4 ? 
F N N 5 ? 
G N N 5 ? 
H N N 5 ? 
# 
_struct_biol.id        1 
_struct_biol.details   ? 
# 
loop_
_struct_conf.conf_type_id 
_struct_conf.id 
_struct_conf.pdbx_PDB_helix_id 
_struct_conf.beg_label_comp_id 
_struct_conf.beg_label_asym_id 
_struct_conf.beg_label_seq_id 
_struct_conf.pdbx_beg_PDB_ins_code 
_struct_conf.end_label_comp_id 
_struct_conf.end_label_asym_id 
_struct_conf.end_label_seq_id 
_struct_conf.pdbx_end_PDB_ins_code 
_struct_conf.beg_auth_comp_id 
_struct_conf.beg_auth_asym_id 
_struct_conf.beg_auth_seq_id 
_struct_conf.end_auth_comp_id 
_struct_conf.end_auth_asym_id 
_struct_conf.end_auth_seq_id 
_struct_conf.pdbx_PDB_helix_class 
_struct_conf.details 
_struct_conf.pdbx_PDB_helix_length 
HELX_P HELX_P1 1 SER C 28 ? ALA C 40 ? SER A 101 ALA A 113 1 ? 13 
HELX_P HELX_P2 2 THR C 46 ? VAL C 58 ? THR A 119 VAL A 131 1 ? 13 
HELX_P HELX_P3 3 PRO C 59 ? LYS C 62 ? PRO A 132 LYS A 135 5 ? 4  
HELX_P HELX_P4 4 ALA C 71 ? HIS C 84 ? ALA A 144 HIS A 157 1 ? 14 
# 
_struct_conf_type.id          HELX_P 
_struct_conf_type.criteria    ? 
_struct_conf_type.reference   ? 
# 
loop_
_struct_conn.id 
_struct_conn.conn_type_id 
_struct_conn.pdbx_leaving_atom_flag 
_struct_conn.pdbx_PDB_id 
_struct_conn.ptnr1_label_asym_id 
_struct_conn.ptnr1_label_comp_id 
_struct_conn.ptnr1_label_seq_id 
_struct_conn.ptnr1_label_atom_id 
_struct_conn.pdbx_ptnr1_label_alt_id 
_struct_conn.pdbx_ptnr1_PDB_ins_code 
_struct_conn.pdbx_ptnr1_standard_comp_id 
_struct_conn.ptnr1_symmetry 
_struct_conn.ptnr2_label_asym_id 
_struct_conn.ptnr2_label_comp_id 
_struct_conn.ptnr2_label_seq_id 
_struct_conn.ptnr2_label_atom_id 
_struct_conn.pdbx_ptnr2_label_alt_id 
_struct_conn.pdbx_ptnr2_PDB_ins_code 
_struct_conn.ptnr1_auth_asym_id 
_struct_conn.ptnr1_auth_comp_id 
_struct_conn.ptnr1_auth_seq_id 
_struct_conn.ptnr2_auth_asym_id 
_struct_conn.ptnr2_auth_comp_id 
_struct_conn.ptnr2_auth_seq_id 
_struct_conn.ptnr2_symmetry 
_struct_conn.pdbx_ptnr3_label_atom_id 
_struct_conn.pdbx_ptnr3_label_seq_id 
_struct_conn.pdbx_ptnr3_label_comp_id 
_struct_conn.pdbx_ptnr3_label_asym_id 
_struct_conn.pdbx_ptnr3_label_alt_id 
_struct_conn.pdbx_ptnr3_PDB_ins_code 
_struct_conn.details 
_struct_conn.pdbx_dist_value 
_struct_conn.pdbx_value_order 
_struct_conn.pdbx_role 
metalc1  metalc ? ? D MG  .  MG ? ? ? 1_555 B DT  11 OP1 ? ? C MG  2  C DT  35  1_555 ? ? ? ? ? ? ?            2.072 ? ? 
metalc2  metalc ? ? D MG  .  MG ? ? ? 1_555 G HOH .  O   ? ? C MG  2  C HOH 70  1_555 ? ? ? ? ? ? ?            2.156 ? ? 
metalc3  metalc ? ? D MG  .  MG ? ? ? 1_555 G HOH .  O   ? ? C MG  2  C HOH 71  1_555 ? ? ? ? ? ? ?            1.935 ? ? 
metalc4  metalc ? ? D MG  .  MG ? ? ? 1_555 G HOH .  O   ? ? C MG  2  C HOH 72  1_555 ? ? ? ? ? ? ?            2.233 ? ? 
metalc5  metalc ? ? D MG  .  MG ? ? ? 1_555 G HOH .  O   ? ? C MG  2  C HOH 73  1_555 ? ? ? ? ? ? ?            1.988 ? ? 
metalc6  metalc ? ? D MG  .  MG ? ? ? 1_555 G HOH .  O   ? ? C MG  2  C HOH 74  1_555 ? ? ? ? ? ? ?            2.035 ? ? 
metalc7  metalc ? ? G HOH .  O  ? ? ? 1_555 E MG  .  MG  ? ? C HOH 60 A MG  1   1_555 ? ? ? ? ? ? ?            2.663 ? ? 
metalc8  metalc ? ? E MG  .  MG ? ? ? 1_555 C LEU 81 O   ? ? A MG  1  A LEU 154 1_555 ? ? ? ? ? ? ?            2.426 ? ? 
metalc9  metalc ? ? E MG  .  MG ? ? ? 1_555 C HIS 84 O   ? ? A MG  1  A HIS 157 1_555 ? ? ? ? ? ? ?            2.799 ? ? 
metalc10 metalc ? ? E MG  .  MG ? ? ? 1_555 C PHE 87 O   ? ? A MG  1  A PHE 160 1_555 ? ? ? ? ? ? ?            2.555 ? ? 
hydrog1  hydrog ? ? A DC  1  N3 ? ? ? 1_555 B DG  13 N1  ? ? B DC  1  C DG  37  1_555 ? ? ? ? ? ? WATSON-CRICK ?     ? ? 
hydrog2  hydrog ? ? A DC  1  N4 ? ? ? 1_555 B DG  13 O6  ? ? B DC  1  C DG  37  1_555 ? ? ? ? ? ? WATSON-CRICK ?     ? ? 
hydrog3  hydrog ? ? A DC  1  O2 ? ? ? 1_555 B DG  13 N2  ? ? B DC  1  C DG  37  1_555 ? ? ? ? ? ? WATSON-CRICK ?     ? ? 
hydrog4  hydrog ? ? A DT  2  N3 ? ? ? 1_555 B DA  12 N1  ? ? B DT  2  C DA  36  1_555 ? ? ? ? ? ? WATSON-CRICK ?     ? ? 
hydrog5  hydrog ? ? A DT  2  O4 ? ? ? 1_555 B DA  12 N6  ? ? B DT  2  C DA  36  1_555 ? ? ? ? ? ? WATSON-CRICK ?     ? ? 
hydrog6  hydrog ? ? A DA  3  N1 ? ? ? 1_555 B DT  11 N3  ? ? B DA  3  C DT  35  1_555 ? ? ? ? ? ? WATSON-CRICK ?     ? ? 
hydrog7  hydrog ? ? A DA  3  N6 ? ? ? 1_555 B DT  11 O4  ? ? B DA  3  C DT  35  1_555 ? ? ? ? ? ? WATSON-CRICK ?     ? ? 
hydrog8  hydrog ? ? A DT  4  N3 ? ? ? 1_555 B DA  10 N1  ? ? B DT  4  C DA  34  1_555 ? ? ? ? ? ? WATSON-CRICK ?     ? ? 
hydrog9  hydrog ? ? A DT  4  O4 ? ? ? 1_555 B DA  10 N6  ? ? B DT  4  C DA  34  1_555 ? ? ? ? ? ? WATSON-CRICK ?     ? ? 
hydrog10 hydrog ? ? A DG  5  N1 ? ? ? 1_555 B DC  9  N3  ? ? B DG  5  C DC  33  1_555 ? ? ? ? ? ? WATSON-CRICK ?     ? ? 
hydrog11 hydrog ? ? A DG  5  N2 ? ? ? 1_555 B DC  9  O2  ? ? B DG  5  C DC  33  1_555 ? ? ? ? ? ? WATSON-CRICK ?     ? ? 
hydrog12 hydrog ? ? A DG  5  O6 ? ? ? 1_555 B DC  9  N4  ? ? B DG  5  C DC  33  1_555 ? ? ? ? ? ? WATSON-CRICK ?     ? ? 
hydrog13 hydrog ? ? A DT  6  N3 ? ? ? 1_555 B DA  8  N1  ? ? B DT  6  C DA  32  1_555 ? ? ? ? ? ? WATSON-CRICK ?     ? ? 
hydrog14 hydrog ? ? A DT  6  O4 ? ? ? 1_555 B DA  8  N6  ? ? B DT  6  C DA  32  1_555 ? ? ? ? ? ? WATSON-CRICK ?     ? ? 
hydrog15 hydrog ? ? A DA  7  N1 ? ? ? 1_555 B DT  7  N3  ? ? B DA  7  C DT  31  1_555 ? ? ? ? ? ? WATSON-CRICK ?     ? ? 
hydrog16 hydrog ? ? A DA  7  N6 ? ? ? 1_555 B DT  7  O4  ? ? B DA  7  C DT  31  1_555 ? ? ? ? ? ? WATSON-CRICK ?     ? ? 
hydrog17 hydrog ? ? A DA  8  N1 ? ? ? 1_555 B DT  6  N3  ? ? B DA  8  C DT  30  1_555 ? ? ? ? ? ? WATSON-CRICK ?     ? ? 
hydrog18 hydrog ? ? A DA  8  N6 ? ? ? 1_555 B DT  6  O4  ? ? B DA  8  C DT  30  1_555 ? ? ? ? ? ? WATSON-CRICK ?     ? ? 
hydrog19 hydrog ? ? A DA  9  N1 ? ? ? 1_555 B DT  5  N3  ? ? B DA  9  C DT  29  1_555 ? ? ? ? ? ? WATSON-CRICK ?     ? ? 
hydrog20 hydrog ? ? A DA  9  N6 ? ? ? 1_555 B DT  5  O4  ? ? B DA  9  C DT  29  1_555 ? ? ? ? ? ? WATSON-CRICK ?     ? ? 
hydrog21 hydrog ? ? A DC  10 N3 ? ? ? 1_555 B DG  4  N1  ? ? B DC  10 C DG  28  1_555 ? ? ? ? ? ? WATSON-CRICK ?     ? ? 
hydrog22 hydrog ? ? A DC  10 N4 ? ? ? 1_555 B DG  4  O6  ? ? B DC  10 C DG  28  1_555 ? ? ? ? ? ? WATSON-CRICK ?     ? ? 
hydrog23 hydrog ? ? A DC  10 O2 ? ? ? 1_555 B DG  4  N2  ? ? B DC  10 C DG  28  1_555 ? ? ? ? ? ? WATSON-CRICK ?     ? ? 
hydrog24 hydrog ? ? A DA  11 N1 ? ? ? 1_555 B DT  3  N3  ? ? B DA  11 C DT  27  1_555 ? ? ? ? ? ? WATSON-CRICK ?     ? ? 
hydrog25 hydrog ? ? A DA  11 N6 ? ? ? 1_555 B DT  3  O4  ? ? B DA  11 C DT  27  1_555 ? ? ? ? ? ? WATSON-CRICK ?     ? ? 
hydrog26 hydrog ? ? A DA  12 N1 ? ? ? 1_555 B DT  2  N3  ? ? B DA  12 C DT  26  1_555 ? ? ? ? ? ? WATSON-CRICK ?     ? ? 
hydrog27 hydrog ? ? A DA  12 N6 ? ? ? 1_555 B DT  2  O4  ? ? B DA  12 C DT  26  1_555 ? ? ? ? ? ? WATSON-CRICK ?     ? ? 
hydrog28 hydrog ? ? A DC  13 N3 ? ? ? 1_555 B DG  1  N1  ? ? B DC  13 C DG  25  1_555 ? ? ? ? ? ? WATSON-CRICK ?     ? ? 
hydrog29 hydrog ? ? A DC  13 N4 ? ? ? 1_555 B DG  1  O6  ? ? B DC  13 C DG  25  1_555 ? ? ? ? ? ? WATSON-CRICK ?     ? ? 
hydrog30 hydrog ? ? A DC  13 O2 ? ? ? 1_555 B DG  1  N2  ? ? B DC  13 C DG  25  1_555 ? ? ? ? ? ? WATSON-CRICK ?     ? ? 
# 
loop_
_struct_conn_type.id 
_struct_conn_type.criteria 
_struct_conn_type.reference 
metalc ? ? 
hydrog ? ? 
# 
_struct_sheet.id               A 
_struct_sheet.type             ? 
_struct_sheet.number_strands   2 
_struct_sheet.details          ? 
# 
_struct_sheet_order.sheet_id     A 
_struct_sheet_order.range_id_1   1 
_struct_sheet_order.range_id_2   2 
_struct_sheet_order.offset       ? 
_struct_sheet_order.sense        anti-parallel 
# 
loop_
_struct_sheet_range.sheet_id 
_struct_sheet_range.id 
_struct_sheet_range.beg_label_comp_id 
_struct_sheet_range.beg_label_asym_id 
_struct_sheet_range.beg_label_seq_id 
_struct_sheet_range.pdbx_beg_PDB_ins_code 
_struct_sheet_range.end_label_comp_id 
_struct_sheet_range.end_label_asym_id 
_struct_sheet_range.end_label_seq_id 
_struct_sheet_range.pdbx_end_PDB_ins_code 
_struct_sheet_range.beg_auth_comp_id 
_struct_sheet_range.beg_auth_asym_id 
_struct_sheet_range.beg_auth_seq_id 
_struct_sheet_range.end_auth_comp_id 
_struct_sheet_range.end_auth_asym_id 
_struct_sheet_range.end_auth_seq_id 
A 1 PHE C 87  ? VAL C 90  ? PHE A 160 VAL A 163 
A 2 TRP C 100 ? LEU C 103 ? TRP A 173 LEU A 176 
# 
_pdbx_struct_sheet_hbond.sheet_id                A 
_pdbx_struct_sheet_hbond.range_id_1              1 
_pdbx_struct_sheet_hbond.range_id_2              2 
_pdbx_struct_sheet_hbond.range_1_label_atom_id   N 
_pdbx_struct_sheet_hbond.range_1_label_comp_id   VAL 
_pdbx_struct_sheet_hbond.range_1_label_asym_id   C 
_pdbx_struct_sheet_hbond.range_1_label_seq_id    90 
_pdbx_struct_sheet_hbond.range_1_PDB_ins_code    ? 
_pdbx_struct_sheet_hbond.range_1_auth_atom_id    N 
_pdbx_struct_sheet_hbond.range_1_auth_comp_id    VAL 
_pdbx_struct_sheet_hbond.range_1_auth_asym_id    A 
_pdbx_struct_sheet_hbond.range_1_auth_seq_id     163 
_pdbx_struct_sheet_hbond.range_2_label_atom_id   O 
_pdbx_struct_sheet_hbond.range_2_label_comp_id   TRP 
_pdbx_struct_sheet_hbond.range_2_label_asym_id   C 
_pdbx_struct_sheet_hbond.range_2_label_seq_id    100 
_pdbx_struct_sheet_hbond.range_2_PDB_ins_code    ? 
_pdbx_struct_sheet_hbond.range_2_auth_atom_id    O 
_pdbx_struct_sheet_hbond.range_2_auth_comp_id    TRP 
_pdbx_struct_sheet_hbond.range_2_auth_asym_id    A 
_pdbx_struct_sheet_hbond.range_2_auth_seq_id     173 
# 
loop_
_struct_site.id 
_struct_site.pdbx_evidence_code 
_struct_site.pdbx_auth_asym_id 
_struct_site.pdbx_auth_comp_id 
_struct_site.pdbx_auth_seq_id 
_struct_site.pdbx_auth_ins_code 
_struct_site.pdbx_num_residues 
_struct_site.details 
AC1 Software A MG 1 ? 5 'BINDING SITE FOR RESIDUE MG A 1' 
AC2 Software C MG 2 ? 6 'BINDING SITE FOR RESIDUE MG C 2' 
# 
loop_
_struct_site_gen.id 
_struct_site_gen.site_id 
_struct_site_gen.pdbx_num_res 
_struct_site_gen.label_comp_id 
_struct_site_gen.label_asym_id 
_struct_site_gen.label_seq_id 
_struct_site_gen.pdbx_auth_ins_code 
_struct_site_gen.auth_comp_id 
_struct_site_gen.auth_asym_id 
_struct_site_gen.auth_seq_id 
_struct_site_gen.label_atom_id 
_struct_site_gen.label_alt_id 
_struct_site_gen.symmetry 
_struct_site_gen.details 
1  AC1 5 LEU C 81 ? LEU A 154 . ? 1_555 ? 
2  AC1 5 SER C 82 ? SER A 155 . ? 1_555 ? 
3  AC1 5 HIS C 84 ? HIS A 157 . ? 1_555 ? 
4  AC1 5 PHE C 87 ? PHE A 160 . ? 1_555 ? 
5  AC1 5 HOH G .  ? HOH C 60  . ? 1_555 ? 
6  AC2 6 DT  B 11 ? DT  C 35  . ? 1_555 ? 
7  AC2 6 HOH G .  ? HOH C 70  . ? 1_555 ? 
8  AC2 6 HOH G .  ? HOH C 71  . ? 1_555 ? 
9  AC2 6 HOH G .  ? HOH C 72  . ? 1_555 ? 
10 AC2 6 HOH G .  ? HOH C 73  . ? 1_555 ? 
11 AC2 6 HOH G .  ? HOH C 74  . ? 1_555 ? 
# 
_atom_sites.entry_id                    3L2C 
_atom_sites.fract_transf_matrix[1][1]   -0.01061692 
_atom_sites.fract_transf_matrix[1][2]   0.00393808 
_atom_sites.fract_transf_matrix[1][3]   0.02173059 
_atom_sites.fract_transf_matrix[2][1]   0.00116016 
_atom_sites.fract_transf_matrix[2][2]   -0.01356544 
_atom_sites.fract_transf_matrix[2][3]   0.00302518 
_atom_sites.fract_transf_matrix[3][1]   0.00680600 
_atom_sites.fract_transf_matrix[3][2]   0.00127220 
_atom_sites.fract_transf_matrix[3][3]   0.00309466 
_atom_sites.fract_transf_vector[1]      -0.170211 
_atom_sites.fract_transf_vector[2]      0.296081 
_atom_sites.fract_transf_vector[3]      -0.142138 
# 
loop_
_atom_type.symbol 
C  
MG 
N  
O  
P  
S  
# 
loop_
_atom_site.group_PDB 
_atom_site.id 
_atom_site.type_symbol 
_atom_site.label_atom_id 
_atom_site.label_alt_id 
_atom_site.label_comp_id 
_atom_site.label_asym_id 
_atom_site.label_entity_id 
_atom_site.label_seq_id 
_atom_site.pdbx_PDB_ins_code 
_atom_site.Cartn_x 
_atom_site.Cartn_y 
_atom_site.Cartn_z 
_atom_site.occupancy 
_atom_site.B_iso_or_equiv 
_atom_site.pdbx_formal_charge 
_atom_site.auth_seq_id 
_atom_site.auth_comp_id 
_atom_site.auth_asym_id 
_atom_site.auth_atom_id 
_atom_site.pdbx_PDB_model_num 
ATOM   1    O  "O5'" . DC  A 1 1   ? 2.643   32.072  -0.593  1.00 29.06 ? 1   DC  B "O5'" 1 
ATOM   2    C  "C5'" . DC  A 1 1   ? 2.063   31.041  0.177   1.00 24.17 ? 1   DC  B "C5'" 1 
ATOM   3    C  "C4'" . DC  A 1 1   ? 1.626   29.881  -0.705  1.00 20.85 ? 1   DC  B "C4'" 1 
ATOM   4    O  "O4'" . DC  A 1 1   ? 2.748   29.395  -1.482  1.00 17.67 ? 1   DC  B "O4'" 1 
ATOM   5    C  "C3'" . DC  A 1 1   ? 1.159   28.697  0.109   1.00 19.40 ? 1   DC  B "C3'" 1 
ATOM   6    O  "O3'" . DC  A 1 1   ? 0.079   28.183  -0.605  1.00 22.74 ? 1   DC  B "O3'" 1 
ATOM   7    C  "C2'" . DC  A 1 1   ? 2.373   27.763  0.142   1.00 19.37 ? 1   DC  B "C2'" 1 
ATOM   8    C  "C1'" . DC  A 1 1   ? 3.010   28.024  -1.208  1.00 17.96 ? 1   DC  B "C1'" 1 
ATOM   9    N  N1    . DC  A 1 1   ? 4.532   27.855  -1.248  1.00 18.01 ? 1   DC  B N1    1 
ATOM   10   C  C2    . DC  A 1 1   ? 5.103   27.076  -2.266  1.00 18.39 ? 1   DC  B C2    1 
ATOM   11   O  O2    . DC  A 1 1   ? 4.381   26.504  -3.102  1.00 18.10 ? 1   DC  B O2    1 
ATOM   12   N  N3    . DC  A 1 1   ? 6.449   26.950  -2.302  1.00 17.75 ? 1   DC  B N3    1 
ATOM   13   C  C4    . DC  A 1 1   ? 7.206   27.595  -1.417  1.00 17.15 ? 1   DC  B C4    1 
ATOM   14   N  N4    . DC  A 1 1   ? 8.525   27.433  -1.515  1.00 16.73 ? 1   DC  B N4    1 
ATOM   15   C  C5    . DC  A 1 1   ? 6.649   28.384  -0.364  1.00 19.10 ? 1   DC  B C5    1 
ATOM   16   C  C6    . DC  A 1 1   ? 5.311   28.497  -0.324  1.00 16.38 ? 1   DC  B C6    1 
ATOM   17   P  P     . DT  A 1 2   ? -0.849  26.984  -0.097  1.00 25.01 ? 2   DT  B P     1 
ATOM   18   O  OP1   . DT  A 1 2   ? -2.210  27.340  -0.606  1.00 22.84 ? 2   DT  B OP1   1 
ATOM   19   O  OP2   . DT  A 1 2   ? -0.497  26.626  1.295   1.00 24.43 ? 2   DT  B OP2   1 
ATOM   20   O  "O5'" . DT  A 1 2   ? -0.307  25.769  -0.972  1.00 21.64 ? 2   DT  B "O5'" 1 
ATOM   21   C  "C5'" . DT  A 1 2   ? -0.557  25.744  -2.369  1.00 21.69 ? 2   DT  B "C5'" 1 
ATOM   22   C  "C4'" . DT  A 1 2   ? 0.102   24.519  -2.985  1.00 20.36 ? 2   DT  B "C4'" 1 
ATOM   23   O  "O4'" . DT  A 1 2   ? 1.547   24.588  -2.828  1.00 19.33 ? 2   DT  B "O4'" 1 
ATOM   24   C  "C3'" . DT  A 1 2   ? -0.329  23.202  -2.360  1.00 21.03 ? 2   DT  B "C3'" 1 
ATOM   25   O  "O3'" . DT  A 1 2   ? -0.794  22.412  -3.443  1.00 22.11 ? 2   DT  B "O3'" 1 
ATOM   26   C  "C2'" . DT  A 1 2   ? 0.928   22.641  -1.689  1.00 20.95 ? 2   DT  B "C2'" 1 
ATOM   27   C  "C1'" . DT  A 1 2   ? 2.022   23.275  -2.562  1.00 21.17 ? 2   DT  B "C1'" 1 
ATOM   28   N  N1    . DT  A 1 2   ? 3.355   23.507  -1.962  1.00 19.25 ? 2   DT  B N1    1 
ATOM   29   C  C2    . DT  A 1 2   ? 4.509   23.096  -2.591  1.00 19.46 ? 2   DT  B C2    1 
ATOM   30   O  O2    . DT  A 1 2   ? 4.524   22.471  -3.630  1.00 19.06 ? 2   DT  B O2    1 
ATOM   31   N  N3    . DT  A 1 2   ? 5.673   23.424  -1.930  1.00 19.07 ? 2   DT  B N3    1 
ATOM   32   C  C4    . DT  A 1 2   ? 5.772   24.117  -0.742  1.00 19.35 ? 2   DT  B C4    1 
ATOM   33   O  O4    . DT  A 1 2   ? 6.847   24.369  -0.230  1.00 19.62 ? 2   DT  B O4    1 
ATOM   34   C  C5    . DT  A 1 2   ? 4.523   24.524  -0.135  1.00 19.91 ? 2   DT  B C5    1 
ATOM   35   C  C7    . DT  A 1 2   ? 4.463   25.150  1.234   1.00 19.04 ? 2   DT  B C7    1 
ATOM   36   C  C6    . DT  A 1 2   ? 3.397   24.215  -0.781  1.00 18.89 ? 2   DT  B C6    1 
ATOM   37   P  P     . DA  A 1 3   ? -1.464  20.978  -3.260  1.00 26.05 ? 3   DA  B P     1 
ATOM   38   O  OP1   . DA  A 1 3   ? -2.497  20.885  -4.320  1.00 27.05 ? 3   DA  B OP1   1 
ATOM   39   O  OP2   . DA  A 1 3   ? -1.771  20.749  -1.829  1.00 24.75 ? 3   DA  B OP2   1 
ATOM   40   O  "O5'" . DA  A 1 3   ? -0.300  19.982  -3.647  1.00 22.86 ? 3   DA  B "O5'" 1 
ATOM   41   C  "C5'" . DA  A 1 3   ? 0.252   19.957  -4.956  1.00 22.17 ? 3   DA  B "C5'" 1 
ATOM   42   C  "C4'" . DA  A 1 3   ? 1.416   18.987  -5.011  1.00 22.18 ? 3   DA  B "C4'" 1 
ATOM   43   O  "O4'" . DA  A 1 3   ? 2.500   19.521  -4.215  1.00 21.42 ? 3   DA  B "O4'" 1 
ATOM   44   C  "C3'" . DA  A 1 3   ? 1.123   17.602  -4.435  1.00 21.84 ? 3   DA  B "C3'" 1 
ATOM   45   O  "O3'" . DA  A 1 3   ? 1.501   16.677  -5.453  1.00 22.40 ? 3   DA  B "O3'" 1 
ATOM   46   C  "C2'" . DA  A 1 3   ? 1.989   17.508  -3.171  1.00 18.86 ? 3   DA  B "C2'" 1 
ATOM   47   C  "C1'" . DA  A 1 3   ? 3.114   18.495  -3.463  1.00 19.85 ? 3   DA  B "C1'" 1 
ATOM   48   N  N9    . DA  A 1 3   ? 3.716   19.195  -2.313  1.00 19.87 ? 3   DA  B N9    1 
ATOM   49   C  C8    . DA  A 1 3   ? 3.079   19.848  -1.299  1.00 19.42 ? 3   DA  B C8    1 
ATOM   50   N  N7    . DA  A 1 3   ? 3.888   20.412  -0.412  1.00 18.77 ? 3   DA  B N7    1 
ATOM   51   C  C5    . DA  A 1 3   ? 5.140   20.121  -0.907  1.00 19.29 ? 3   DA  B C5    1 
ATOM   52   C  C6    . DA  A 1 3   ? 6.445   20.427  -0.444  1.00 18.63 ? 3   DA  B C6    1 
ATOM   53   N  N6    . DA  A 1 3   ? 6.658   21.117  0.657   1.00 19.50 ? 3   DA  B N6    1 
ATOM   54   N  N1    . DA  A 1 3   ? 7.503   19.985  -1.137  1.00 18.91 ? 3   DA  B N1    1 
ATOM   55   C  C2    . DA  A 1 3   ? 7.280   19.284  -2.251  1.00 19.45 ? 3   DA  B C2    1 
ATOM   56   N  N3    . DA  A 1 3   ? 6.106   18.938  -2.794  1.00 18.38 ? 3   DA  B N3    1 
ATOM   57   C  C4    . DA  A 1 3   ? 5.066   19.391  -2.076  1.00 18.59 ? 3   DA  B C4    1 
ATOM   58   P  P     . DT  A 1 4   ? 1.257   15.105  -5.318  1.00 23.69 ? 4   DT  B P     1 
ATOM   59   O  OP1   . DT  A 1 4   ? 1.256   14.576  -6.684  1.00 25.01 ? 4   DT  B OP1   1 
ATOM   60   O  OP2   . DT  A 1 4   ? 0.235   14.876  -4.287  1.00 23.17 ? 4   DT  B OP2   1 
ATOM   61   O  "O5'" . DT  A 1 4   ? 2.651   14.623  -4.646  1.00 20.80 ? 4   DT  B "O5'" 1 
ATOM   62   C  "C5'" . DT  A 1 4   ? 3.903   14.789  -5.279  1.00 20.38 ? 4   DT  B "C5'" 1 
ATOM   63   C  "C4'" . DT  A 1 4   ? 4.998   14.562  -4.241  1.00 18.90 ? 4   DT  B "C4'" 1 
ATOM   64   O  "O4'" . DT  A 1 4   ? 4.952   15.593  -3.234  1.00 17.64 ? 4   DT  B "O4'" 1 
ATOM   65   C  "C3'" . DT  A 1 4   ? 4.873   13.259  -3.444  1.00 17.45 ? 4   DT  B "C3'" 1 
ATOM   66   O  "O3'" . DT  A 1 4   ? 5.733   12.323  -4.086  1.00 17.67 ? 4   DT  B "O3'" 1 
ATOM   67   C  "C2'" . DT  A 1 4   ? 5.295   13.647  -2.027  1.00 17.72 ? 4   DT  B "C2'" 1 
ATOM   68   C  "C1'" . DT  A 1 4   ? 5.750   15.091  -2.183  1.00 16.89 ? 4   DT  B "C1'" 1 
ATOM   69   N  N1    . DT  A 1 4   ? 5.592   15.960  -0.987  1.00 15.85 ? 4   DT  B N1    1 
ATOM   70   C  C2    . DT  A 1 4   ? 6.746   16.466  -0.405  1.00 16.23 ? 4   DT  B C2    1 
ATOM   71   O  O2    . DT  A 1 4   ? 7.875   16.214  -0.814  1.00 15.94 ? 4   DT  B O2    1 
ATOM   72   N  N3    . DT  A 1 4   ? 6.526   17.265  0.687   1.00 14.67 ? 4   DT  B N3    1 
ATOM   73   C  C4    . DT  A 1 4   ? 5.314   17.615  1.246   1.00 15.12 ? 4   DT  B C4    1 
ATOM   74   O  O4    . DT  A 1 4   ? 5.219   18.334  2.229   1.00 16.79 ? 4   DT  B O4    1 
ATOM   75   C  C5    . DT  A 1 4   ? 4.144   17.062  0.596   1.00 16.28 ? 4   DT  B C5    1 
ATOM   76   C  C7    . DT  A 1 4   ? 2.790   17.289  1.211   1.00 19.32 ? 4   DT  B C7    1 
ATOM   77   C  C6    . DT  A 1 4   ? 4.330   16.281  -0.485  1.00 16.45 ? 4   DT  B C6    1 
ATOM   78   P  P     . DG  A 1 5   ? 5.960   10.825  -3.624  1.00 17.16 ? 5   DG  B P     1 
ATOM   79   O  OP1   . DG  A 1 5   ? 6.447   10.169  -4.852  1.00 18.83 ? 5   DG  B OP1   1 
ATOM   80   O  OP2   . DG  A 1 5   ? 4.789   10.341  -2.875  1.00 17.21 ? 5   DG  B OP2   1 
ATOM   81   O  "O5'" . DG  A 1 5   ? 7.155   10.975  -2.569  1.00 16.81 ? 5   DG  B "O5'" 1 
ATOM   82   C  "C5'" . DG  A 1 5   ? 8.453   11.404  -3.064  1.00 18.10 ? 5   DG  B "C5'" 1 
ATOM   83   C  "C4'" . DG  A 1 5   ? 9.452   11.455  -1.920  1.00 18.53 ? 5   DG  B "C4'" 1 
ATOM   84   O  "O4'" . DG  A 1 5   ? 9.030   12.508  -1.029  1.00 17.87 ? 5   DG  B "O4'" 1 
ATOM   85   C  "C3'" . DG  A 1 5   ? 9.546   10.179  -1.107  1.00 20.83 ? 5   DG  B "C3'" 1 
ATOM   86   O  "O3'" . DG  A 1 5   ? 10.943  9.876   -1.009  1.00 23.71 ? 5   DG  B "O3'" 1 
ATOM   87   C  "C2'" . DG  A 1 5   ? 8.922   10.543  0.251   1.00 17.67 ? 5   DG  B "C2'" 1 
ATOM   88   C  "C1'" . DG  A 1 5   ? 9.148   12.065  0.284   1.00 17.47 ? 5   DG  B "C1'" 1 
ATOM   89   N  N9    . DG  A 1 5   ? 8.220   12.871  1.064   1.00 17.49 ? 5   DG  B N9    1 
ATOM   90   C  C8    . DG  A 1 5   ? 6.850   12.893  0.944   1.00 18.04 ? 5   DG  B C8    1 
ATOM   91   N  N7    . DG  A 1 5   ? 6.264   13.707  1.766   1.00 17.10 ? 5   DG  B N7    1 
ATOM   92   C  C5    . DG  A 1 5   ? 7.305   14.277  2.495   1.00 17.28 ? 5   DG  B C5    1 
ATOM   93   C  C6    . DG  A 1 5   ? 7.273   15.254  3.537   1.00 17.18 ? 5   DG  B C6    1 
ATOM   94   O  O6    . DG  A 1 5   ? 6.293   15.823  4.056   1.00 17.61 ? 5   DG  B O6    1 
ATOM   95   N  N1    . DG  A 1 5   ? 8.541   15.556  4.009   1.00 17.38 ? 5   DG  B N1    1 
ATOM   96   C  C2    . DG  A 1 5   ? 9.709   14.991  3.504   1.00 17.10 ? 5   DG  B C2    1 
ATOM   97   N  N2    . DG  A 1 5   ? 10.840  15.393  4.071   1.00 16.32 ? 5   DG  B N2    1 
ATOM   98   N  N3    . DG  A 1 5   ? 9.758   14.081  2.523   1.00 16.57 ? 5   DG  B N3    1 
ATOM   99   C  C4    . DG  A 1 5   ? 8.523   13.767  2.068   1.00 16.74 ? 5   DG  B C4    1 
ATOM   100  P  P     . DT  A 1 6   ? 11.489  8.540   -0.325  1.00 25.51 ? 6   DT  B P     1 
ATOM   101  O  OP1   . DT  A 1 6   ? 12.770  8.226   -1.011  1.00 28.14 ? 6   DT  B OP1   1 
ATOM   102  O  OP2   . DT  A 1 6   ? 10.434  7.533   -0.158  1.00 27.05 ? 6   DT  B OP2   1 
ATOM   103  O  "O5'" . DT  A 1 6   ? 11.837  9.060   1.164   1.00 25.56 ? 6   DT  B "O5'" 1 
ATOM   104  C  "C5'" . DT  A 1 6   ? 12.752  10.127  1.363   1.00 21.84 ? 6   DT  B "C5'" 1 
ATOM   105  C  "C4'" . DT  A 1 6   ? 12.791  10.473  2.841   1.00 19.48 ? 6   DT  B "C4'" 1 
ATOM   106  O  "O4'" . DT  A 1 6   ? 11.552  11.134  3.146   1.00 18.27 ? 6   DT  B "O4'" 1 
ATOM   107  C  "C3'" . DT  A 1 6   ? 12.832  9.291   3.793   1.00 19.73 ? 6   DT  B "C3'" 1 
ATOM   108  O  "O3'" . DT  A 1 6   ? 14.098  9.282   4.454   1.00 22.69 ? 6   DT  B "O3'" 1 
ATOM   109  C  "C2'" . DT  A 1 6   ? 11.684  9.524   4.783   1.00 15.83 ? 6   DT  B "C2'" 1 
ATOM   110  C  "C1'" . DT  A 1 6   ? 11.316  10.974  4.538   1.00 18.23 ? 6   DT  B "C1'" 1 
ATOM   111  N  N1    . DT  A 1 6   ? 9.906   11.377  4.764   1.00 18.10 ? 6   DT  B N1    1 
ATOM   112  C  C2    . DT  A 1 6   ? 9.642   12.376  5.680   1.00 16.51 ? 6   DT  B C2    1 
ATOM   113  O  O2    . DT  A 1 6   ? 10.501  12.941  6.328   1.00 18.32 ? 6   DT  B O2    1 
ATOM   114  N  N3    . DT  A 1 6   ? 8.333   12.707  5.809   1.00 16.14 ? 6   DT  B N3    1 
ATOM   115  C  C4    . DT  A 1 6   ? 7.269   12.132  5.135   1.00 16.31 ? 6   DT  B C4    1 
ATOM   116  O  O4    . DT  A 1 6   ? 6.142   12.521  5.364   1.00 18.22 ? 6   DT  B O4    1 
ATOM   117  C  C5    . DT  A 1 6   ? 7.582   11.085  4.187   1.00 16.78 ? 6   DT  B C5    1 
ATOM   118  C  C7    . DT  A 1 6   ? 6.499   10.353  3.421   1.00 11.44 ? 6   DT  B C7    1 
ATOM   119  C  C6    . DT  A 1 6   ? 8.885   10.759  4.033   1.00 16.02 ? 6   DT  B C6    1 
ATOM   120  P  P     . DA  A 1 7   ? 14.461  8.158   5.524   1.00 23.21 ? 7   DA  B P     1 
ATOM   121  O  OP1   . DA  A 1 7   ? 15.951  8.114   5.526   1.00 25.20 ? 7   DA  B OP1   1 
ATOM   122  O  OP2   . DA  A 1 7   ? 13.709  6.891   5.365   1.00 24.10 ? 7   DA  B OP2   1 
ATOM   123  O  "O5'" . DA  A 1 7   ? 14.005  8.795   6.903   1.00 22.46 ? 7   DA  B "O5'" 1 
ATOM   124  C  "C5'" . DA  A 1 7   ? 14.519  10.064  7.269   1.00 21.65 ? 7   DA  B "C5'" 1 
ATOM   125  C  "C4'" . DA  A 1 7   ? 13.971  10.464  8.625   1.00 20.41 ? 7   DA  B "C4'" 1 
ATOM   126  O  "O4'" . DA  A 1 7   ? 12.632  10.993  8.434   1.00 22.29 ? 7   DA  B "O4'" 1 
ATOM   127  C  "C3'" . DA  A 1 7   ? 13.881  9.356   9.670   1.00 22.99 ? 7   DA  B "C3'" 1 
ATOM   128  O  "O3'" . DA  A 1 7   ? 14.607  9.802   10.834  1.00 25.87 ? 7   DA  B "O3'" 1 
ATOM   129  C  "C2'" . DA  A 1 7   ? 12.372  9.220   9.962   1.00 20.38 ? 7   DA  B "C2'" 1 
ATOM   130  C  "C1'" . DA  A 1 7   ? 11.823  10.579  9.525   1.00 17.74 ? 7   DA  B "C1'" 1 
ATOM   131  N  N9    . DA  A 1 7   ? 10.426  10.600  9.070   1.00 16.51 ? 7   DA  B N9    1 
ATOM   132  C  C8    . DA  A 1 7   ? 9.874   9.834   8.051   1.00 14.96 ? 7   DA  B C8    1 
ATOM   133  N  N7    . DA  A 1 7   ? 8.579   10.059  7.882   1.00 15.72 ? 7   DA  B N7    1 
ATOM   134  C  C5    . DA  A 1 7   ? 8.286   11.068  8.808   1.00 14.76 ? 7   DA  B C5    1 
ATOM   135  C  C6    . DA  A 1 7   ? 7.095   11.757  9.128   1.00 16.15 ? 7   DA  B C6    1 
ATOM   136  N  N6    . DA  A 1 7   ? 5.908   11.544  8.505   1.00 15.37 ? 7   DA  B N6    1 
ATOM   137  N  N1    . DA  A 1 7   ? 7.156   12.684  10.122  1.00 16.92 ? 7   DA  B N1    1 
ATOM   138  C  C2    . DA  A 1 7   ? 8.331   12.909  10.761  1.00 15.11 ? 7   DA  B C2    1 
ATOM   139  N  N3    . DA  A 1 7   ? 9.500   12.304  10.549  1.00 15.82 ? 7   DA  B N3    1 
ATOM   140  C  C4    . DA  A 1 7   ? 9.418   11.398  9.548   1.00 15.73 ? 7   DA  B C4    1 
ATOM   141  P  P     . DA  A 1 8   ? 14.833  8.826   12.069  1.00 26.37 ? 8   DA  B P     1 
ATOM   142  O  OP1   . DA  A 1 8   ? 16.099  9.358   12.650  1.00 30.76 ? 8   DA  B OP1   1 
ATOM   143  O  OP2   . DA  A 1 8   ? 14.743  7.411   11.769  1.00 27.16 ? 8   DA  B OP2   1 
ATOM   144  O  "O5'" . DA  A 1 8   ? 13.685  9.234   13.100  1.00 24.85 ? 8   DA  B "O5'" 1 
ATOM   145  C  "C5'" . DA  A 1 8   ? 13.518  10.599  13.459  1.00 23.36 ? 8   DA  B "C5'" 1 
ATOM   146  C  "C4'" . DA  A 1 8   ? 12.209  10.756  14.216  1.00 23.53 ? 8   DA  B "C4'" 1 
ATOM   147  O  "O4'" . DA  A 1 8   ? 11.103  10.718  13.272  1.00 20.21 ? 8   DA  B "O4'" 1 
ATOM   148  C  "C3'" . DA  A 1 8   ? 11.906  9.686   15.269  1.00 23.64 ? 8   DA  B "C3'" 1 
ATOM   149  O  "O3'" . DA  A 1 8   ? 11.419  10.343  16.403  1.00 27.25 ? 8   DA  B "O3'" 1 
ATOM   150  C  "C2'" . DA  A 1 8   ? 10.734  8.919   14.644  1.00 21.51 ? 8   DA  B "C2'" 1 
ATOM   151  C  "C1'" . DA  A 1 8   ? 10.053  10.065  13.890  1.00 16.88 ? 8   DA  B "C1'" 1 
ATOM   152  N  N9    . DA  A 1 8   ? 9.127   9.566   12.868  1.00 16.58 ? 8   DA  B N9    1 
ATOM   153  C  C8    . DA  A 1 8   ? 9.344   8.520   11.978  1.00 15.88 ? 8   DA  B C8    1 
ATOM   154  N  N7    . DA  A 1 8   ? 8.301   8.296   11.207  1.00 16.12 ? 8   DA  B N7    1 
ATOM   155  C  C5    . DA  A 1 8   ? 7.371   9.233   11.638  1.00 15.11 ? 8   DA  B C5    1 
ATOM   156  C  C6    . DA  A 1 8   ? 6.042   9.506   11.244  1.00 15.05 ? 8   DA  B C6    1 
ATOM   157  N  N6    . DA  A 1 8   ? 5.422   8.805   10.263  1.00 13.73 ? 8   DA  B N6    1 
ATOM   158  N  N1    . DA  A 1 8   ? 5.382   10.500  11.866  1.00 14.23 ? 8   DA  B N1    1 
ATOM   159  C  C2    . DA  A 1 8   ? 5.987   11.198  12.849  1.00 15.45 ? 8   DA  B C2    1 
ATOM   160  N  N3    . DA  A 1 8   ? 7.228   11.033  13.305  1.00 14.74 ? 8   DA  B N3    1 
ATOM   161  C  C4    . DA  A 1 8   ? 7.872   10.026  12.664  1.00 16.24 ? 8   DA  B C4    1 
ATOM   162  P  P     . DA  A 1 9   ? 11.649  9.766   17.873  1.00 27.68 ? 9   DA  B P     1 
ATOM   163  O  OP1   . DA  A 1 9   ? 12.884  10.414  18.350  1.00 30.55 ? 9   DA  B OP1   1 
ATOM   164  O  OP2   . DA  A 1 9   ? 11.588  8.289   17.917  1.00 31.81 ? 9   DA  B OP2   1 
ATOM   165  O  "O5'" . DA  A 1 9   ? 10.412  10.436  18.613  1.00 25.52 ? 9   DA  B "O5'" 1 
ATOM   166  C  "C5'" . DA  A 1 9   ? 10.098  11.826  18.420  1.00 21.87 ? 9   DA  B "C5'" 1 
ATOM   167  C  "C4'" . DA  A 1 9   ? 8.666   12.119  18.815  1.00 21.55 ? 9   DA  B "C4'" 1 
ATOM   168  O  "O4'" . DA  A 1 9   ? 7.768   11.720  17.740  1.00 19.99 ? 9   DA  B "O4'" 1 
ATOM   169  C  "C3'" . DA  A 1 9   ? 8.180   11.380  20.067  1.00 21.59 ? 9   DA  B "C3'" 1 
ATOM   170  O  "O3'" . DA  A 1 9   ? 7.308   12.249  20.803  1.00 22.94 ? 9   DA  B "O3'" 1 
ATOM   171  C  "C2'" . DA  A 1 9   ? 7.495   10.125  19.491  1.00 19.18 ? 9   DA  B "C2'" 1 
ATOM   172  C  "C1'" . DA  A 1 9   ? 6.900   10.703  18.209  1.00 17.70 ? 9   DA  B "C1'" 1 
ATOM   173  N  N9    . DA  A 1 9   ? 6.710   9.773   17.093  1.00 17.45 ? 9   DA  B N9    1 
ATOM   174  C  C8    . DA  A 1 9   ? 7.595   8.878   16.570  1.00 17.31 ? 9   DA  B C8    1 
ATOM   175  N  N7    . DA  A 1 9   ? 7.101   8.200   15.558  1.00 15.95 ? 9   DA  B N7    1 
ATOM   176  C  C5    . DA  A 1 9   ? 5.820   8.684   15.413  1.00 16.71 ? 9   DA  B C5    1 
ATOM   177  C  C6    . DA  A 1 9   ? 4.786   8.360   14.502  1.00 15.48 ? 9   DA  B C6    1 
ATOM   178  N  N6    . DA  A 1 9   ? 4.949   7.440   13.568  1.00 14.49 ? 9   DA  B N6    1 
ATOM   179  N  N1    . DA  A 1 9   ? 3.611   9.021   14.615  1.00 15.42 ? 9   DA  B N1    1 
ATOM   180  C  C2    . DA  A 1 9   ? 3.499   9.954   15.589  1.00 17.63 ? 9   DA  B C2    1 
ATOM   181  N  N3    . DA  A 1 9   ? 4.405   10.343  16.504  1.00 15.77 ? 9   DA  B N3    1 
ATOM   182  C  C4    . DA  A 1 9   ? 5.555   9.660   16.349  1.00 16.57 ? 9   DA  B C4    1 
ATOM   183  P  P     . DC  A 1 10  ? 6.899   11.869  22.310  1.00 25.81 ? 10  DC  B P     1 
ATOM   184  O  OP1   . DC  A 1 10  ? 6.403   13.128  22.887  1.00 25.61 ? 10  DC  B OP1   1 
ATOM   185  O  OP2   . DC  A 1 10  ? 7.922   11.032  22.962  1.00 22.42 ? 10  DC  B OP2   1 
ATOM   186  O  "O5'" . DC  A 1 10  ? 5.634   10.909  22.114  1.00 24.74 ? 10  DC  B "O5'" 1 
ATOM   187  C  "C5'" . DC  A 1 10  ? 4.444   11.533  21.656  1.00 25.37 ? 10  DC  B "C5'" 1 
ATOM   188  C  "C4'" . DC  A 1 10  ? 3.510   10.430  21.243  1.00 25.57 ? 10  DC  B "C4'" 1 
ATOM   189  O  "O4'" . DC  A 1 10  ? 4.063   9.768   20.092  1.00 23.59 ? 10  DC  B "O4'" 1 
ATOM   190  C  "C3'" . DC  A 1 10  ? 3.381   9.326   22.277  1.00 27.22 ? 10  DC  B "C3'" 1 
ATOM   191  O  "O3'" . DC  A 1 10  ? 2.247   9.705   23.043  1.00 33.11 ? 10  DC  B "O3'" 1 
ATOM   192  C  "C2'" . DC  A 1 10  ? 3.236   8.050   21.442  1.00 27.51 ? 10  DC  B "C2'" 1 
ATOM   193  C  "C1'" . DC  A 1 10  ? 3.336   8.575   20.004  1.00 21.71 ? 10  DC  B "C1'" 1 
ATOM   194  N  N1    . DC  A 1 10  ? 3.934   7.664   18.952  1.00 20.69 ? 10  DC  B N1    1 
ATOM   195  C  C2    . DC  A 1 10  ? 3.096   7.318   17.884  1.00 17.24 ? 10  DC  B C2    1 
ATOM   196  O  O2    . DC  A 1 10  ? 1.953   7.767   17.905  1.00 20.08 ? 10  DC  B O2    1 
ATOM   197  N  N3    . DC  A 1 10  ? 3.555   6.497   16.903  1.00 17.07 ? 10  DC  B N3    1 
ATOM   198  C  C4    . DC  A 1 10  ? 4.813   6.038   16.948  1.00 16.26 ? 10  DC  B C4    1 
ATOM   199  N  N4    . DC  A 1 10  ? 5.245   5.216   15.973  1.00 17.84 ? 10  DC  B N4    1 
ATOM   200  C  C5    . DC  A 1 10  ? 5.685   6.393   18.032  1.00 19.22 ? 10  DC  B C5    1 
ATOM   201  C  C6    . DC  A 1 10  ? 5.209   7.202   18.989  1.00 16.62 ? 10  DC  B C6    1 
ATOM   202  P  P     . DA  A 1 11  ? 1.554   8.793   24.157  1.00 32.74 ? 11  DA  B P     1 
ATOM   203  O  OP1   . DA  A 1 11  ? 0.950   9.804   25.048  1.00 35.17 ? 11  DA  B OP1   1 
ATOM   204  O  OP2   . DA  A 1 11  ? 2.359   7.649   24.608  1.00 32.34 ? 11  DA  B OP2   1 
ATOM   205  O  "O5'" . DA  A 1 11  ? 0.376   8.067   23.346  1.00 28.29 ? 11  DA  B "O5'" 1 
ATOM   206  C  "C5'" . DA  A 1 11  ? -0.642  8.774   22.689  1.00 22.12 ? 11  DA  B "C5'" 1 
ATOM   207  C  "C4'" . DA  A 1 11  ? -1.543  7.756   21.995  1.00 18.96 ? 11  DA  B "C4'" 1 
ATOM   208  O  "O4'" . DA  A 1 11  ? -0.840  7.100   20.926  1.00 19.84 ? 11  DA  B "O4'" 1 
ATOM   209  C  "C3'" . DA  A 1 11  ? -1.995  6.609   22.891  1.00 17.14 ? 11  DA  B "C3'" 1 
ATOM   210  O  "O3'" . DA  A 1 11  ? -3.365  6.545   22.786  1.00 20.16 ? 11  DA  B "O3'" 1 
ATOM   211  C  "C2'" . DA  A 1 11  ? -1.325  5.336   22.342  1.00 15.92 ? 11  DA  B "C2'" 1 
ATOM   212  C  "C1'" . DA  A 1 11  ? -1.064  5.709   20.889  1.00 15.88 ? 11  DA  B "C1'" 1 
ATOM   213  N  N9    . DA  A 1 11  ? 0.133   5.113   20.257  1.00 15.51 ? 11  DA  B N9    1 
ATOM   214  C  C8    . DA  A 1 11  ? 1.438   5.198   20.702  1.00 15.46 ? 11  DA  B C8    1 
ATOM   215  N  N7    . DA  A 1 11  ? 2.299   4.583   19.913  1.00 14.30 ? 11  DA  B N7    1 
ATOM   216  C  C5    . DA  A 1 11  ? 1.532   4.098   18.859  1.00 15.09 ? 11  DA  B C5    1 
ATOM   217  C  C6    . DA  A 1 11  ? 1.868   3.384   17.700  1.00 14.21 ? 11  DA  B C6    1 
ATOM   218  N  N6    . DA  A 1 11  ? 3.123   3.020   17.407  1.00 15.09 ? 11  DA  B N6    1 
ATOM   219  N  N1    . DA  A 1 11  ? 0.876   3.033   16.856  1.00 15.15 ? 11  DA  B N1    1 
ATOM   220  C  C2    . DA  A 1 11  ? -0.378  3.412   17.168  1.00 15.33 ? 11  DA  B C2    1 
ATOM   221  N  N3    . DA  A 1 11  ? -0.807  4.094   18.236  1.00 14.77 ? 11  DA  B N3    1 
ATOM   222  C  C4    . DA  A 1 11  ? 0.202   4.418   19.052  1.00 15.77 ? 11  DA  B C4    1 
ATOM   223  P  P     . DA  A 1 12  ? -4.253  5.628   23.795  1.00 19.64 ? 12  DA  B P     1 
ATOM   224  O  OP1   . DA  A 1 12  ? -5.542  6.335   23.740  1.00 18.89 ? 12  DA  B OP1   1 
ATOM   225  O  OP2   . DA  A 1 12  ? -3.518  5.315   25.018  1.00 20.62 ? 12  DA  B OP2   1 
ATOM   226  O  "O5'" . DA  A 1 12  ? -4.385  4.248   23.010  1.00 20.47 ? 12  DA  B "O5'" 1 
ATOM   227  C  "C5'" . DA  A 1 12  ? -4.952  4.245   21.734  1.00 16.85 ? 12  DA  B "C5'" 1 
ATOM   228  C  "C4'" . DA  A 1 12  ? -4.741  2.902   21.047  1.00 17.66 ? 12  DA  B "C4'" 1 
ATOM   229  O  "O4'" . DA  A 1 12  ? -3.374  2.817   20.583  1.00 15.93 ? 12  DA  B "O4'" 1 
ATOM   230  C  "C3'" . DA  A 1 12  ? -5.005  1.671   21.909  1.00 18.33 ? 12  DA  B "C3'" 1 
ATOM   231  O  "O3'" . DA  A 1 12  ? -6.131  0.985   21.327  1.00 20.00 ? 12  DA  B "O3'" 1 
ATOM   232  C  "C2'" . DA  A 1 12  ? -3.685  0.890   21.883  1.00 17.68 ? 12  DA  B "C2'" 1 
ATOM   233  C  "C1'" . DA  A 1 12  ? -3.015  1.469   20.622  1.00 13.69 ? 12  DA  B "C1'" 1 
ATOM   234  N  N9    . DA  A 1 12  ? -1.564  1.390   20.629  1.00 14.52 ? 12  DA  B N9    1 
ATOM   235  C  C8    . DA  A 1 12  ? -0.697  1.789   21.625  1.00 12.68 ? 12  DA  B C8    1 
ATOM   236  N  N7    . DA  A 1 12  ? 0.563   1.539   21.314  1.00 13.70 ? 12  DA  B N7    1 
ATOM   237  C  C5    . DA  A 1 12  ? 0.522   0.978   20.046  1.00 12.89 ? 12  DA  B C5    1 
ATOM   238  C  C6    . DA  A 1 12  ? 1.512   0.485   19.185  1.00 13.12 ? 12  DA  B C6    1 
ATOM   239  N  N6    . DA  A 1 12  ? 2.805   0.517   19.504  1.00 11.73 ? 12  DA  B N6    1 
ATOM   240  N  N1    . DA  A 1 12  ? 1.123   -0.044  17.998  1.00 11.99 ? 12  DA  B N1    1 
ATOM   241  C  C2    . DA  A 1 12  ? -0.187  -0.091  17.694  1.00 13.20 ? 12  DA  B C2    1 
ATOM   242  N  N3    . DA  A 1 12  ? -1.212  0.330   18.438  1.00 12.35 ? 12  DA  B N3    1 
ATOM   243  C  C4    . DA  A 1 12  ? -0.787  0.857   19.608  1.00 14.37 ? 12  DA  B C4    1 
ATOM   244  P  P     . DC  A 1 13  ? -6.883  -0.210  22.043  1.00 18.72 ? 13  DC  B P     1 
ATOM   245  O  OP1   . DC  A 1 13  ? -8.214  -0.113  21.434  1.00 22.25 ? 13  DC  B OP1   1 
ATOM   246  O  OP2   . DC  A 1 13  ? -6.697  -0.204  23.516  1.00 18.26 ? 13  DC  B OP2   1 
ATOM   247  O  "O5'" . DC  A 1 13  ? -6.153  -1.552  21.561  1.00 21.44 ? 13  DC  B "O5'" 1 
ATOM   248  C  "C5'" . DC  A 1 13  ? -6.355  -1.992  20.231  1.00 21.91 ? 13  DC  B "C5'" 1 
ATOM   249  C  "C4'" . DC  A 1 13  ? -5.195  -2.833  19.716  1.00 20.94 ? 13  DC  B "C4'" 1 
ATOM   250  O  "O4'" . DC  A 1 13  ? -3.969  -2.095  19.789  1.00 18.63 ? 13  DC  B "O4'" 1 
ATOM   251  C  "C3'" . DC  A 1 13  ? -4.885  -4.094  20.509  1.00 23.00 ? 13  DC  B "C3'" 1 
ATOM   252  O  "O3'" . DC  A 1 13  ? -5.574  -5.186  19.978  1.00 25.42 ? 13  DC  B "O3'" 1 
ATOM   253  C  "C2'" . DC  A 1 13  ? -3.417  -4.342  20.177  1.00 22.07 ? 13  DC  B "C2'" 1 
ATOM   254  C  "C1'" . DC  A 1 13  ? -2.944  -3.024  19.586  1.00 19.47 ? 13  DC  B "C1'" 1 
ATOM   255  N  N1    . DC  A 1 13  ? -1.656  -2.631  20.275  1.00 16.22 ? 13  DC  B N1    1 
ATOM   256  C  C2    . DC  A 1 13  ? -0.467  -2.965  19.627  1.00 17.64 ? 13  DC  B C2    1 
ATOM   257  O  O2    . DC  A 1 13  ? -0.558  -3.513  18.521  1.00 15.29 ? 13  DC  B O2    1 
ATOM   258  N  N3    . DC  A 1 13  ? 0.738   -2.657  20.212  1.00 15.29 ? 13  DC  B N3    1 
ATOM   259  C  C4    . DC  A 1 13  ? 0.733   -2.076  21.403  1.00 16.13 ? 13  DC  B C4    1 
ATOM   260  N  N4    . DC  A 1 13  ? 1.933   -1.800  21.963  1.00 14.90 ? 13  DC  B N4    1 
ATOM   261  C  C5    . DC  A 1 13  ? -0.498  -1.758  22.096  1.00 16.57 ? 13  DC  B C5    1 
ATOM   262  C  C6    . DC  A 1 13  ? -1.665  -2.057  21.508  1.00 15.33 ? 13  DC  B C6    1 
ATOM   263  O  "O5'" . DG  B 2 1   ? 8.872   -9.047  16.848  1.00 24.60 ? 25  DG  C "O5'" 1 
ATOM   264  C  "C5'" . DG  B 2 1   ? 9.221   -8.023  15.940  1.00 22.20 ? 25  DG  C "C5'" 1 
ATOM   265  C  "C4'" . DG  B 2 1   ? 7.946   -7.552  15.247  1.00 20.45 ? 25  DG  C "C4'" 1 
ATOM   266  O  "O4'" . DG  B 2 1   ? 7.017   -7.062  16.262  1.00 18.95 ? 25  DG  C "O4'" 1 
ATOM   267  C  "C3'" . DG  B 2 1   ? 8.154   -6.425  14.237  1.00 19.51 ? 25  DG  C "C3'" 1 
ATOM   268  O  "O3'" . DG  B 2 1   ? 7.304   -6.700  13.098  1.00 19.95 ? 25  DG  C "O3'" 1 
ATOM   269  C  "C2'" . DG  B 2 1   ? 7.732   -5.173  15.004  1.00 19.68 ? 25  DG  C "C2'" 1 
ATOM   270  C  "C1'" . DG  B 2 1   ? 6.625   -5.734  15.925  1.00 17.04 ? 25  DG  C "C1'" 1 
ATOM   271  N  N9    . DG  B 2 1   ? 6.395   -4.917  17.113  1.00 16.09 ? 25  DG  C N9    1 
ATOM   272  C  C8    . DG  B 2 1   ? 7.322   -4.345  17.966  1.00 17.29 ? 25  DG  C C8    1 
ATOM   273  N  N7    . DG  B 2 1   ? 6.777   -3.609  18.912  1.00 17.08 ? 25  DG  C N7    1 
ATOM   274  C  C5    . DG  B 2 1   ? 5.412   -3.723  18.684  1.00 15.87 ? 25  DG  C C5    1 
ATOM   275  C  C6    . DG  B 2 1   ? 4.307   -3.182  19.404  1.00 16.73 ? 25  DG  C C6    1 
ATOM   276  O  O6    . DG  B 2 1   ? 4.329   -2.452  20.408  1.00 15.61 ? 25  DG  C O6    1 
ATOM   277  N  N1    . DG  B 2 1   ? 3.076   -3.517  18.828  1.00 15.17 ? 25  DG  C N1    1 
ATOM   278  C  C2    . DG  B 2 1   ? 2.941   -4.309  17.705  1.00 15.74 ? 25  DG  C C2    1 
ATOM   279  N  N2    . DG  B 2 1   ? 1.696   -4.543  17.280  1.00 14.87 ? 25  DG  C N2    1 
ATOM   280  N  N3    . DG  B 2 1   ? 3.968   -4.838  17.041  1.00 14.63 ? 25  DG  C N3    1 
ATOM   281  C  C4    . DG  B 2 1   ? 5.167   -4.499  17.577  1.00 16.58 ? 25  DG  C C4    1 
ATOM   282  P  P     . DT  B 2 2   ? 7.023   -5.658  11.925  1.00 19.60 ? 26  DT  C P     1 
ATOM   283  O  OP1   . DT  B 2 2   ? 7.000   -6.486  10.722  1.00 22.78 ? 26  DT  C OP1   1 
ATOM   284  O  OP2   . DT  B 2 2   ? 7.827   -4.438  11.979  1.00 20.45 ? 26  DT  C OP2   1 
ATOM   285  O  "O5'" . DT  B 2 2   ? 5.504   -5.241  12.287  1.00 16.71 ? 26  DT  C "O5'" 1 
ATOM   286  C  "C5'" . DT  B 2 2   ? 4.573   -6.308  12.338  1.00 15.22 ? 26  DT  C "C5'" 1 
ATOM   287  C  "C4'" . DT  B 2 2   ? 3.172   -5.722  12.436  1.00 14.31 ? 26  DT  C "C4'" 1 
ATOM   288  O  "O4'" . DT  B 2 2   ? 3.019   -4.975  13.659  1.00 13.52 ? 26  DT  C "O4'" 1 
ATOM   289  C  "C3'" . DT  B 2 2   ? 2.759   -4.788  11.312  1.00 11.12 ? 26  DT  C "C3'" 1 
ATOM   290  O  "O3'" . DT  B 2 2   ? 1.434   -5.215  10.944  1.00 15.73 ? 26  DT  C "O3'" 1 
ATOM   291  C  "C2'" . DT  B 2 2   ? 2.777   -3.387  11.939  1.00 12.32 ? 26  DT  C "C2'" 1 
ATOM   292  C  "C1'" . DT  B 2 2   ? 2.488   -3.679  13.396  1.00 14.18 ? 26  DT  C "C1'" 1 
ATOM   293  N  N1    . DT  B 2 2   ? 3.053   -2.745  14.415  1.00 14.81 ? 26  DT  C N1    1 
ATOM   294  C  C2    . DT  B 2 2   ? 2.174   -2.051  15.241  1.00 15.00 ? 26  DT  C C2    1 
ATOM   295  O  O2    . DT  B 2 2   ? 0.943   -2.108  15.177  1.00 14.69 ? 26  DT  C O2    1 
ATOM   296  N  N3    . DT  B 2 2   ? 2.798   -1.264  16.172  1.00 13.68 ? 26  DT  C N3    1 
ATOM   297  C  C4    . DT  B 2 2   ? 4.166   -1.112  16.358  1.00 14.11 ? 26  DT  C C4    1 
ATOM   298  O  O4    . DT  B 2 2   ? 4.587   -0.367  17.243  1.00 15.57 ? 26  DT  C O4    1 
ATOM   299  C  C5    . DT  B 2 2   ? 5.023   -1.844  15.460  1.00 14.64 ? 26  DT  C C5    1 
ATOM   300  C  C7    . DT  B 2 2   ? 6.522   -1.664  15.501  1.00 14.95 ? 26  DT  C C7    1 
ATOM   301  C  C6    . DT  B 2 2   ? 4.440   -2.643  14.547  1.00 14.08 ? 26  DT  C C6    1 
ATOM   302  P  P     . DT  B 2 3   ? 0.685   -4.630  9.660   1.00 16.09 ? 27  DT  C P     1 
ATOM   303  O  OP1   . DT  B 2 3   ? -0.261  -5.729  9.296   1.00 16.81 ? 27  DT  C OP1   1 
ATOM   304  O  OP2   . DT  B 2 3   ? 1.684   -4.168  8.688   1.00 13.52 ? 27  DT  C OP2   1 
ATOM   305  O  "O5'" . DT  B 2 3   ? -0.177  -3.395  10.166  1.00 13.83 ? 27  DT  C "O5'" 1 
ATOM   306  C  "C5'" . DT  B 2 3   ? -1.239  -3.701  11.128  1.00 13.96 ? 27  DT  C "C5'" 1 
ATOM   307  C  "C4'" . DT  B 2 3   ? -1.854  -2.427  11.655  1.00 13.61 ? 27  DT  C "C4'" 1 
ATOM   308  O  "O4'" . DT  B 2 3   ? -0.881  -1.771  12.515  1.00 14.54 ? 27  DT  C "O4'" 1 
ATOM   309  C  "C3'" . DT  B 2 3   ? -2.242  -1.390  10.609  1.00 13.95 ? 27  DT  C "C3'" 1 
ATOM   310  O  "O3'" . DT  B 2 3   ? -3.653  -1.121  10.805  1.00 13.70 ? 27  DT  C "O3'" 1 
ATOM   311  C  "C2'" . DT  B 2 3   ? -1.369  -0.161  10.899  1.00 10.62 ? 27  DT  C "C2'" 1 
ATOM   312  C  "C1'" . DT  B 2 3   ? -1.070  -0.370  12.368  1.00 13.46 ? 27  DT  C "C1'" 1 
ATOM   313  N  N1    . DT  B 2 3   ? 0.159   0.251   12.960  1.00 12.69 ? 27  DT  C N1    1 
ATOM   314  C  C2    . DT  B 2 3   ? 0.008   0.994   14.129  1.00 14.58 ? 27  DT  C C2    1 
ATOM   315  O  O2    . DT  B 2 3   ? -1.066  1.244   14.657  1.00 13.56 ? 27  DT  C O2    1 
ATOM   316  N  N3    . DT  B 2 3   ? 1.184   1.504   14.640  1.00 12.05 ? 27  DT  C N3    1 
ATOM   317  C  C4    . DT  B 2 3   ? 2.461   1.272   14.115  1.00 12.93 ? 27  DT  C C4    1 
ATOM   318  O  O4    . DT  B 2 3   ? 3.443   1.763   14.685  1.00 11.59 ? 27  DT  C O4    1 
ATOM   319  C  C5    . DT  B 2 3   ? 2.548   0.490   12.901  1.00 12.94 ? 27  DT  C C5    1 
ATOM   320  C  C7    . DT  B 2 3   ? 3.873   0.184   12.227  1.00 11.41 ? 27  DT  C C7    1 
ATOM   321  C  C6    . DT  B 2 3   ? 1.407   0.009   12.374  1.00 12.96 ? 27  DT  C C6    1 
ATOM   322  P  P     . DG  B 2 4   ? -4.521  -0.245  9.817   1.00 13.01 ? 28  DG  C P     1 
ATOM   323  O  OP1   . DG  B 2 4   ? -5.938  -0.587  10.143  1.00 12.24 ? 28  DG  C OP1   1 
ATOM   324  O  OP2   . DG  B 2 4   ? -4.015  -0.354  8.436   1.00 12.50 ? 28  DG  C OP2   1 
ATOM   325  O  "O5'" . DG  B 2 4   ? -4.298  1.256   10.278  1.00 13.26 ? 28  DG  C "O5'" 1 
ATOM   326  C  "C5'" . DG  B 2 4   ? -4.878  1.737   11.547  1.00 14.53 ? 28  DG  C "C5'" 1 
ATOM   327  C  "C4'" . DG  B 2 4   ? -4.305  3.097   11.927  1.00 15.64 ? 28  DG  C "C4'" 1 
ATOM   328  O  "O4'" . DG  B 2 4   ? -2.912  2.946   12.334  1.00 14.37 ? 28  DG  C "O4'" 1 
ATOM   329  C  "C3'" . DG  B 2 4   ? -4.305  4.150   10.807  1.00 14.46 ? 28  DG  C "C3'" 1 
ATOM   330  O  "O3'" . DG  B 2 4   ? -5.429  5.011   11.056  1.00 18.47 ? 28  DG  C "O3'" 1 
ATOM   331  C  "C2'" . DG  B 2 4   ? -2.953  4.855   10.995  1.00 14.35 ? 28  DG  C "C2'" 1 
ATOM   332  C  "C1'" . DG  B 2 4   ? -2.416  4.258   12.312  1.00 14.24 ? 28  DG  C "C1'" 1 
ATOM   333  N  N9    . DG  B 2 4   ? -0.949  4.175   12.405  1.00 14.00 ? 28  DG  C N9    1 
ATOM   334  C  C8    . DG  B 2 4   ? -0.078  3.537   11.553  1.00 13.60 ? 28  DG  C C8    1 
ATOM   335  N  N7    . DG  B 2 4   ? 1.175   3.669   11.884  1.00 13.79 ? 28  DG  C N7    1 
ATOM   336  C  C5    . DG  B 2 4   ? 1.136   4.439   13.049  1.00 14.52 ? 28  DG  C C5    1 
ATOM   337  C  C6    . DG  B 2 4   ? 2.190   4.891   13.898  1.00 13.96 ? 28  DG  C C6    1 
ATOM   338  O  O6    . DG  B 2 4   ? 3.413   4.708   13.778  1.00 14.40 ? 28  DG  C O6    1 
ATOM   339  N  N1    . DG  B 2 4   ? 1.697   5.634   14.967  1.00 13.60 ? 28  DG  C N1    1 
ATOM   340  C  C2    . DG  B 2 4   ? 0.358   5.918   15.179  1.00 14.84 ? 28  DG  C C2    1 
ATOM   341  N  N2    . DG  B 2 4   ? 0.064   6.647   16.250  1.00 14.82 ? 28  DG  C N2    1 
ATOM   342  N  N3    . DG  B 2 4   ? -0.651  5.494   14.406  1.00 14.06 ? 28  DG  C N3    1 
ATOM   343  C  C4    . DG  B 2 4   ? -0.174  4.758   13.368  1.00 14.05 ? 28  DG  C C4    1 
ATOM   344  P  P     . DT  B 2 5   ? -5.735  6.361   10.252  1.00 20.88 ? 29  DT  C P     1 
ATOM   345  O  OP1   . DT  B 2 5   ? -7.182  6.610   10.470  1.00 23.58 ? 29  DT  C OP1   1 
ATOM   346  O  OP2   . DT  B 2 5   ? -5.100  6.380   8.926   1.00 22.04 ? 29  DT  C OP2   1 
ATOM   347  O  "O5'" . DT  B 2 5   ? -4.985  7.437   11.178  1.00 18.75 ? 29  DT  C "O5'" 1 
ATOM   348  C  "C5'" . DT  B 2 5   ? -5.238  7.494   12.581  1.00 17.32 ? 29  DT  C "C5'" 1 
ATOM   349  C  "C4'" . DT  B 2 5   ? -4.431  8.655   13.160  1.00 18.41 ? 29  DT  C "C4'" 1 
ATOM   350  O  "O4'" . DT  B 2 5   ? -3.054  8.236   13.266  1.00 17.53 ? 29  DT  C "O4'" 1 
ATOM   351  C  "C3'" . DT  B 2 5   ? -4.418  9.928   12.320  1.00 19.79 ? 29  DT  C "C3'" 1 
ATOM   352  O  "O3'" . DT  B 2 5   ? -4.885  10.992  13.159  1.00 23.00 ? 29  DT  C "O3'" 1 
ATOM   353  C  "C2'" . DT  B 2 5   ? -2.952  10.098  11.918  1.00 17.65 ? 29  DT  C "C2'" 1 
ATOM   354  C  "C1'" . DT  B 2 5   ? -2.210  9.321   12.998  1.00 15.52 ? 29  DT  C "C1'" 1 
ATOM   355  N  N1    . DT  B 2 5   ? -0.882  8.750   12.593  1.00 14.32 ? 29  DT  C N1    1 
ATOM   356  C  C2    . DT  B 2 5   ? 0.209   8.989   13.429  1.00 14.09 ? 29  DT  C C2    1 
ATOM   357  O  O2    . DT  B 2 5   ? 0.134   9.621   14.479  1.00 15.55 ? 29  DT  C O2    1 
ATOM   358  N  N3    . DT  B 2 5   ? 1.384   8.449   13.011  1.00 12.94 ? 29  DT  C N3    1 
ATOM   359  C  C4    . DT  B 2 5   ? 1.599   7.719   11.860  1.00 13.46 ? 29  DT  C C4    1 
ATOM   360  O  O4    . DT  B 2 5   ? 2.725   7.303   11.606  1.00 16.07 ? 29  DT  C O4    1 
ATOM   361  C  C5    . DT  B 2 5   ? 0.446   7.497   11.014  1.00 13.35 ? 29  DT  C C5    1 
ATOM   362  C  C7    . DT  B 2 5   ? 0.557   6.737   9.706   1.00 10.03 ? 29  DT  C C7    1 
ATOM   363  C  C6    . DT  B 2 5   ? -0.746  8.004   11.427  1.00 14.07 ? 29  DT  C C6    1 
ATOM   364  P  P     . DT  B 2 6   ? -5.181  12.472  12.636  1.00 27.26 ? 30  DT  C P     1 
ATOM   365  O  OP1   . DT  B 2 6   ? -6.267  12.953  13.518  1.00 28.49 ? 30  DT  C OP1   1 
ATOM   366  O  OP2   . DT  B 2 6   ? -5.287  12.511  11.171  1.00 25.19 ? 30  DT  C OP2   1 
ATOM   367  O  "O5'" . DT  B 2 6   ? -3.819  13.284  12.891  1.00 27.36 ? 30  DT  C "O5'" 1 
ATOM   368  C  "C5'" . DT  B 2 6   ? -3.292  13.484  14.207  1.00 27.16 ? 30  DT  C "C5'" 1 
ATOM   369  C  "C4'" . DT  B 2 6   ? -1.777  13.672  14.172  1.00 25.21 ? 30  DT  C "C4'" 1 
ATOM   370  O  "O4'" . DT  B 2 6   ? -1.133  12.556  13.535  1.00 22.09 ? 30  DT  C "O4'" 1 
ATOM   371  C  "C3'" . DT  B 2 6   ? -1.222  14.827  13.349  1.00 25.69 ? 30  DT  C "C3'" 1 
ATOM   372  O  "O3'" . DT  B 2 6   ? -1.441  16.040  14.057  1.00 29.92 ? 30  DT  C "O3'" 1 
ATOM   373  C  "C2'" . DT  B 2 6   ? 0.259   14.459  13.307  1.00 22.42 ? 30  DT  C "C2'" 1 
ATOM   374  C  "C1'" . DT  B 2 6   ? 0.238   12.951  13.488  1.00 19.09 ? 30  DT  C "C1'" 1 
ATOM   375  N  N1    . DT  B 2 6   ? 0.876   12.195  12.372  1.00 16.73 ? 30  DT  C N1    1 
ATOM   376  C  C2    . DT  B 2 6   ? 2.205   11.896  12.524  1.00 17.06 ? 30  DT  C C2    1 
ATOM   377  O  O2    . DT  B 2 6   ? 2.850   12.242  13.510  1.00 16.17 ? 30  DT  C O2    1 
ATOM   378  N  N3    . DT  B 2 6   ? 2.743   11.167  11.481  1.00 13.40 ? 30  DT  C N3    1 
ATOM   379  C  C4    . DT  B 2 6   ? 2.093   10.764  10.331  1.00 13.73 ? 30  DT  C C4    1 
ATOM   380  O  O4    . DT  B 2 6   ? 2.654   10.124  9.471   1.00 15.33 ? 30  DT  C O4    1 
ATOM   381  C  C5    . DT  B 2 6   ? 0.696   11.108  10.227  1.00 15.23 ? 30  DT  C C5    1 
ATOM   382  C  C7    . DT  B 2 6   ? -0.019  10.823  8.937   1.00 16.62 ? 30  DT  C C7    1 
ATOM   383  C  C6    . DT  B 2 6   ? 0.141   11.793  11.255  1.00 16.62 ? 30  DT  C C6    1 
ATOM   384  P  P     . DT  B 2 7   ? -0.986  17.465  13.455  1.00 34.02 ? 31  DT  C P     1 
ATOM   385  O  OP1   . DT  B 2 7   ? -1.766  18.457  14.209  1.00 35.63 ? 31  DT  C OP1   1 
ATOM   386  O  OP2   . DT  B 2 7   ? -0.943  17.483  11.972  1.00 33.11 ? 31  DT  C OP2   1 
ATOM   387  O  "O5'" . DT  B 2 7   ? 0.562   17.588  13.865  1.00 31.38 ? 31  DT  C "O5'" 1 
ATOM   388  C  "C5'" . DT  B 2 7   ? 1.056   17.416  15.182  1.00 30.63 ? 31  DT  C "C5'" 1 
ATOM   389  C  "C4'" . DT  B 2 7   ? 2.578   17.402  15.140  1.00 29.61 ? 31  DT  C "C4'" 1 
ATOM   390  O  "O4'" . DT  B 2 7   ? 3.059   16.263  14.374  1.00 27.71 ? 31  DT  C "O4'" 1 
ATOM   391  C  "C3'" . DT  B 2 7   ? 3.249   18.626  14.529  1.00 29.05 ? 31  DT  C "C3'" 1 
ATOM   392  O  "O3'" . DT  B 2 7   ? 4.360   19.011  15.355  1.00 33.03 ? 31  DT  C "O3'" 1 
ATOM   393  C  "C2'" . DT  B 2 7   ? 3.748   18.153  13.159  1.00 28.15 ? 31  DT  C "C2'" 1 
ATOM   394  C  "C1'" . DT  B 2 7   ? 4.037   16.692  13.441  1.00 23.96 ? 31  DT  C "C1'" 1 
ATOM   395  N  N1    . DT  B 2 7   ? 3.950   15.777  12.265  1.00 22.40 ? 31  DT  C N1    1 
ATOM   396  C  C2    . DT  B 2 7   ? 5.035   14.965  12.004  1.00 20.46 ? 31  DT  C C2    1 
ATOM   397  O  O2    . DT  B 2 7   ? 6.070   14.984  12.655  1.00 19.43 ? 31  DT  C O2    1 
ATOM   398  N  N3    . DT  B 2 7   ? 4.874   14.126  10.931  1.00 17.26 ? 31  DT  C N3    1 
ATOM   399  C  C4    . DT  B 2 7   ? 3.746   14.031  10.125  1.00 19.16 ? 31  DT  C C4    1 
ATOM   400  O  O4    . DT  B 2 7   ? 3.691   13.252  9.185   1.00 19.73 ? 31  DT  C O4    1 
ATOM   401  C  C5    . DT  B 2 7   ? 2.646   14.901  10.460  1.00 20.26 ? 31  DT  C C5    1 
ATOM   402  C  C7    . DT  B 2 7   ? 1.382   14.891  9.644   1.00 20.97 ? 31  DT  C C7    1 
ATOM   403  C  C6    . DT  B 2 7   ? 2.791   15.722  11.512  1.00 20.49 ? 31  DT  C C6    1 
ATOM   404  P  P     . DA  B 2 8   ? 5.076   20.437  15.119  1.00 35.51 ? 32  DA  C P     1 
ATOM   405  O  OP1   . DA  B 2 8   ? 5.582   20.876  16.445  1.00 34.90 ? 32  DA  C OP1   1 
ATOM   406  O  OP2   . DA  B 2 8   ? 4.251   21.291  14.229  1.00 33.98 ? 32  DA  C OP2   1 
ATOM   407  O  "O5'" . DA  B 2 8   ? 6.350   20.005  14.257  1.00 32.14 ? 32  DA  C "O5'" 1 
ATOM   408  C  "C5'" . DA  B 2 8   ? 7.218   19.011  14.763  1.00 29.71 ? 32  DA  C "C5'" 1 
ATOM   409  C  "C4'" . DA  B 2 8   ? 8.288   18.753  13.722  1.00 29.26 ? 32  DA  C "C4'" 1 
ATOM   410  O  "O4'" . DA  B 2 8   ? 7.818   17.807  12.732  1.00 27.03 ? 32  DA  C "O4'" 1 
ATOM   411  C  "C3'" . DA  B 2 8   ? 8.659   20.017  12.946  1.00 28.59 ? 32  DA  C "C3'" 1 
ATOM   412  O  "O3'" . DA  B 2 8   ? 10.012  20.209  13.252  1.00 29.84 ? 32  DA  C "O3'" 1 
ATOM   413  C  "C2'" . DA  B 2 8   ? 8.364   19.687  11.474  1.00 26.88 ? 32  DA  C "C2'" 1 
ATOM   414  C  "C1'" . DA  B 2 8   ? 8.342   18.158  11.473  1.00 23.43 ? 32  DA  C "C1'" 1 
ATOM   415  N  N9    . DA  B 2 8   ? 7.477   17.526  10.467  1.00 21.07 ? 32  DA  C N9    1 
ATOM   416  C  C8    . DA  B 2 8   ? 6.142   17.793  10.248  1.00 20.09 ? 32  DA  C C8    1 
ATOM   417  N  N7    . DA  B 2 8   ? 5.603   17.068  9.295   1.00 21.81 ? 32  DA  C N7    1 
ATOM   418  C  C5    . DA  B 2 8   ? 6.649   16.265  8.869   1.00 19.40 ? 32  DA  C C5    1 
ATOM   419  C  C6    . DA  B 2 8   ? 6.714   15.285  7.858   1.00 19.51 ? 32  DA  C C6    1 
ATOM   420  N  N6    . DA  B 2 8   ? 5.659   14.950  7.107   1.00 17.48 ? 32  DA  C N6    1 
ATOM   421  N  N1    . DA  B 2 8   ? 7.893   14.675  7.663   1.00 19.79 ? 32  DA  C N1    1 
ATOM   422  C  C2    . DA  B 2 8   ? 8.945   15.029  8.423   1.00 20.85 ? 32  DA  C C2    1 
ATOM   423  N  N3    . DA  B 2 8   ? 9.006   15.926  9.409   1.00 18.46 ? 32  DA  C N3    1 
ATOM   424  C  C4    . DA  B 2 8   ? 7.815   16.534  9.574   1.00 20.96 ? 32  DA  C C4    1 
ATOM   425  P  P     . DC  B 2 9   ? 10.868  21.430  12.689  1.00 31.33 ? 33  DC  C P     1 
ATOM   426  O  OP1   . DC  B 2 9   ? 11.979  21.531  13.662  1.00 33.26 ? 33  DC  C OP1   1 
ATOM   427  O  OP2   . DC  B 2 9   ? 9.993   22.564  12.321  1.00 28.44 ? 33  DC  C OP2   1 
ATOM   428  O  "O5'" . DC  B 2 9   ? 11.514  20.859  11.350  1.00 29.18 ? 33  DC  C "O5'" 1 
ATOM   429  C  "C5'" . DC  B 2 9   ? 12.419  19.789  11.420  1.00 28.29 ? 33  DC  C "C5'" 1 
ATOM   430  C  "C4'" . DC  B 2 9   ? 12.630  19.336  9.999   1.00 30.50 ? 33  DC  C "C4'" 1 
ATOM   431  O  "O4'" . DC  B 2 9   ? 11.391  18.777  9.497   1.00 29.90 ? 33  DC  C "O4'" 1 
ATOM   432  C  "C3'" . DC  B 2 9   ? 12.956  20.489  9.049   1.00 30.06 ? 33  DC  C "C3'" 1 
ATOM   433  O  "O3'" . DC  B 2 9   ? 14.207  20.175  8.565   1.00 34.08 ? 33  DC  C "O3'" 1 
ATOM   434  C  "C2'" . DC  B 2 9   ? 11.907  20.413  7.946   1.00 29.06 ? 33  DC  C "C2'" 1 
ATOM   435  C  "C1'" . DC  B 2 9   ? 11.408  18.973  8.104   1.00 25.48 ? 33  DC  C "C1'" 1 
ATOM   436  N  N1    . DC  B 2 9   ? 10.061  18.736  7.524   1.00 23.05 ? 33  DC  C N1    1 
ATOM   437  C  C2    . DC  B 2 9   ? 9.900   17.714  6.578   1.00 20.22 ? 33  DC  C C2    1 
ATOM   438  O  O2    . DC  B 2 9   ? 10.851  17.003  6.262   1.00 21.44 ? 33  DC  C O2    1 
ATOM   439  N  N3    . DC  B 2 9   ? 8.683   17.522  6.041   1.00 20.32 ? 33  DC  C N3    1 
ATOM   440  C  C4    . DC  B 2 9   ? 7.652   18.289  6.381   1.00 21.85 ? 33  DC  C C4    1 
ATOM   441  N  N4    . DC  B 2 9   ? 6.487   18.039  5.788   1.00 21.50 ? 33  DC  C N4    1 
ATOM   442  C  C5    . DC  B 2 9   ? 7.795   19.362  7.331   1.00 21.52 ? 33  DC  C C5    1 
ATOM   443  C  C6    . DC  B 2 9   ? 9.011   19.544  7.862   1.00 21.81 ? 33  DC  C C6    1 
ATOM   444  P  P     . DA  B 2 10  ? 15.062  21.163  7.648   1.00 34.13 ? 34  DA  C P     1 
ATOM   445  O  OP1   . DA  B 2 10  ? 16.334  21.173  8.376   1.00 33.90 ? 34  DA  C OP1   1 
ATOM   446  O  OP2   . DA  B 2 10  ? 14.309  22.398  7.276   1.00 35.52 ? 34  DA  C OP2   1 
ATOM   447  O  "O5'" . DA  B 2 10  ? 15.216  20.350  6.288   1.00 31.52 ? 34  DA  C "O5'" 1 
ATOM   448  C  "C5'" . DA  B 2 10  ? 15.679  19.018  6.249   1.00 25.60 ? 34  DA  C "C5'" 1 
ATOM   449  C  "C4'" . DA  B 2 10  ? 15.458  18.535  4.835   1.00 23.73 ? 34  DA  C "C4'" 1 
ATOM   450  O  "O4'" . DA  B 2 10  ? 14.056  18.240  4.640   1.00 24.71 ? 34  DA  C "O4'" 1 
ATOM   451  C  "C3'" . DA  B 2 10  ? 15.817  19.601  3.794   1.00 23.30 ? 34  DA  C "C3'" 1 
ATOM   452  O  "O3'" . DA  B 2 10  ? 16.750  19.063  2.893   1.00 22.62 ? 34  DA  C "O3'" 1 
ATOM   453  C  "C2'" . DA  B 2 10  ? 14.521  19.949  3.067   1.00 22.95 ? 34  DA  C "C2'" 1 
ATOM   454  C  "C1'" . DA  B 2 10  ? 13.638  18.750  3.381   1.00 21.55 ? 34  DA  C "C1'" 1 
ATOM   455  N  N9    . DA  B 2 10  ? 12.261  19.144  3.567   1.00 22.03 ? 34  DA  C N9    1 
ATOM   456  C  C8    . DA  B 2 10  ? 11.791  20.022  4.496   1.00 20.49 ? 34  DA  C C8    1 
ATOM   457  N  N7    . DA  B 2 10  ? 10.498  20.185  4.452   1.00 21.26 ? 34  DA  C N7    1 
ATOM   458  C  C5    . DA  B 2 10  ? 10.103  19.349  3.412   1.00 21.87 ? 34  DA  C C5    1 
ATOM   459  C  C6    . DA  B 2 10  ? 8.838   19.061  2.864   1.00 20.95 ? 34  DA  C C6    1 
ATOM   460  N  N6    . DA  B 2 10  ? 7.730   19.640  3.329   1.00 20.06 ? 34  DA  C N6    1 
ATOM   461  N  N1    . DA  B 2 10  ? 8.777   18.173  1.839   1.00 19.41 ? 34  DA  C N1    1 
ATOM   462  C  C2    . DA  B 2 10  ? 9.907   17.621  1.389   1.00 20.46 ? 34  DA  C C2    1 
ATOM   463  N  N3    . DA  B 2 10  ? 11.155  17.807  1.849   1.00 20.77 ? 34  DA  C N3    1 
ATOM   464  C  C4    . DA  B 2 10  ? 11.174  18.693  2.856   1.00 20.04 ? 34  DA  C C4    1 
ATOM   465  P  P     . DT  B 2 11  ? 17.483  20.017  1.819   1.00 24.64 ? 35  DT  C P     1 
ATOM   466  O  OP1   . DT  B 2 11  ? 18.748  19.283  1.502   1.00 21.45 ? 35  DT  C OP1   1 
ATOM   467  O  OP2   . DT  B 2 11  ? 17.446  21.441  2.231   1.00 25.18 ? 35  DT  C OP2   1 
ATOM   468  O  "O5'" . DT  B 2 11  ? 16.621  19.819  0.496   1.00 25.46 ? 35  DT  C "O5'" 1 
ATOM   469  C  "C5'" . DT  B 2 11  ? 16.444  18.506  -0.025  1.00 26.01 ? 35  DT  C "C5'" 1 
ATOM   470  C  "C4'" . DT  B 2 11  ? 15.393  18.605  -1.117  1.00 31.64 ? 35  DT  C "C4'" 1 
ATOM   471  O  "O4'" . DT  B 2 11  ? 14.071  18.879  -0.577  1.00 31.56 ? 35  DT  C "O4'" 1 
ATOM   472  C  "C3'" . DT  B 2 11  ? 15.650  19.730  -2.118  1.00 33.17 ? 35  DT  C "C3'" 1 
ATOM   473  O  "O3'" . DT  B 2 11  ? 15.486  19.118  -3.333  1.00 36.05 ? 35  DT  C "O3'" 1 
ATOM   474  C  "C2'" . DT  B 2 11  ? 14.529  20.738  -1.884  1.00 33.21 ? 35  DT  C "C2'" 1 
ATOM   475  C  "C1'" . DT  B 2 11  ? 13.416  19.784  -1.440  1.00 29.90 ? 35  DT  C "C1'" 1 
ATOM   476  N  N1    . DT  B 2 11  ? 12.309  20.397  -0.693  1.00 28.01 ? 35  DT  C N1    1 
ATOM   477  C  C2    . DT  B 2 11  ? 11.015  20.010  -0.998  1.00 25.84 ? 35  DT  C C2    1 
ATOM   478  O  O2    . DT  B 2 11  ? 10.741  19.209  -1.854  1.00 26.61 ? 35  DT  C O2    1 
ATOM   479  N  N3    . DT  B 2 11  ? 10.051  20.623  -0.249  1.00 26.51 ? 35  DT  C N3    1 
ATOM   480  C  C4    . DT  B 2 11  ? 10.229  21.552  0.743   1.00 25.30 ? 35  DT  C C4    1 
ATOM   481  O  O4    . DT  B 2 11  ? 9.306   22.044  1.361   1.00 27.21 ? 35  DT  C O4    1 
ATOM   482  C  C5    . DT  B 2 11  ? 11.598  21.911  1.020   1.00 27.19 ? 35  DT  C C5    1 
ATOM   483  C  C7    . DT  B 2 11  ? 11.891  22.740  2.228   1.00 25.67 ? 35  DT  C C7    1 
ATOM   484  C  C6    . DT  B 2 11  ? 12.555  21.331  0.294   1.00 26.17 ? 35  DT  C C6    1 
ATOM   485  P  P     . DA  B 2 12  ? 16.171  19.641  -4.678  1.00 37.74 ? 36  DA  C P     1 
ATOM   486  O  OP1   . DA  B 2 12  ? 17.119  18.557  -5.034  1.00 34.62 ? 36  DA  C OP1   1 
ATOM   487  O  OP2   . DA  B 2 12  ? 16.485  21.091  -4.563  1.00 32.07 ? 36  DA  C OP2   1 
ATOM   488  O  "O5'" . DA  B 2 12  ? 14.958  19.492  -5.713  1.00 31.39 ? 36  DA  C "O5'" 1 
ATOM   489  C  "C5'" . DA  B 2 12  ? 14.278  18.233  -5.936  1.00 27.78 ? 36  DA  C "C5'" 1 
ATOM   490  C  "C4'" . DA  B 2 12  ? 12.954  18.558  -6.621  1.00 24.13 ? 36  DA  C "C4'" 1 
ATOM   491  O  "O4'" . DA  B 2 12  ? 12.049  19.192  -5.684  1.00 24.16 ? 36  DA  C "O4'" 1 
ATOM   492  C  "C3'" . DA  B 2 12  ? 13.111  19.549  -7.768  1.00 23.68 ? 36  DA  C "C3'" 1 
ATOM   493  O  "O3'" . DA  B 2 12  ? 12.433  18.993  -8.884  1.00 23.90 ? 36  DA  C "O3'" 1 
ATOM   494  C  "C2'" . DA  B 2 12  ? 12.499  20.862  -7.288  1.00 20.82 ? 36  DA  C "C2'" 1 
ATOM   495  C  "C1'" . DA  B 2 12  ? 11.505  20.376  -6.247  1.00 19.75 ? 36  DA  C "C1'" 1 
ATOM   496  N  N9    . DA  B 2 12  ? 11.286  21.257  -5.108  1.00 18.94 ? 36  DA  C N9    1 
ATOM   497  C  C8    . DA  B 2 12  ? 12.249  21.848  -4.323  1.00 19.11 ? 36  DA  C C8    1 
ATOM   498  N  N7    . DA  B 2 12  ? 11.752  22.573  -3.351  1.00 19.04 ? 36  DA  C N7    1 
ATOM   499  C  C5    . DA  B 2 12  ? 10.380  22.436  -3.488  1.00 17.41 ? 36  DA  C C5    1 
ATOM   500  C  C6    . DA  B 2 12  ? 9.292   22.954  -2.752  1.00 18.24 ? 36  DA  C C6    1 
ATOM   501  N  N6    . DA  B 2 12  ? 9.420   23.759  -1.695  1.00 17.58 ? 36  DA  C N6    1 
ATOM   502  N  N1    . DA  B 2 12  ? 8.040   22.631  -3.163  1.00 17.80 ? 36  DA  C N1    1 
ATOM   503  C  C2    . DA  B 2 12  ? 7.896   21.845  -4.237  1.00 17.30 ? 36  DA  C C2    1 
ATOM   504  N  N3    . DA  B 2 12  ? 8.838   21.276  -5.006  1.00 17.25 ? 36  DA  C N3    1 
ATOM   505  C  C4    . DA  B 2 12  ? 10.074  21.612  -4.561  1.00 18.47 ? 36  DA  C C4    1 
ATOM   506  P  P     . DG  B 2 13  ? 12.631  19.637  -10.328 1.00 24.86 ? 37  DG  C P     1 
ATOM   507  O  OP1   . DG  B 2 13  ? 12.425  18.523  -11.279 1.00 23.94 ? 37  DG  C OP1   1 
ATOM   508  O  OP2   . DG  B 2 13  ? 13.866  20.455  -10.343 1.00 25.06 ? 37  DG  C OP2   1 
ATOM   509  O  "O5'" . DG  B 2 13  ? 11.382  20.617  -10.446 1.00 22.34 ? 37  DG  C "O5'" 1 
ATOM   510  C  "C5'" . DG  B 2 13  ? 10.070  20.100  -10.363 1.00 22.71 ? 37  DG  C "C5'" 1 
ATOM   511  C  "C4'" . DG  B 2 13  ? 9.144   21.269  -10.180 1.00 20.74 ? 37  DG  C "C4'" 1 
ATOM   512  O  "O4'" . DG  B 2 13  ? 9.239   21.674  -8.804  1.00 21.46 ? 37  DG  C "O4'" 1 
ATOM   513  C  "C3'" . DG  B 2 13  ? 9.551   22.513  -10.955 1.00 22.54 ? 37  DG  C "C3'" 1 
ATOM   514  O  "O3'" . DG  B 2 13  ? 8.879   22.551  -12.196 1.00 25.75 ? 37  DG  C "O3'" 1 
ATOM   515  C  "C2'" . DG  B 2 13  ? 9.122   23.662  -10.077 1.00 18.25 ? 37  DG  C "C2'" 1 
ATOM   516  C  "C1'" . DG  B 2 13  ? 8.709   22.969  -8.764  1.00 16.46 ? 37  DG  C "C1'" 1 
ATOM   517  N  N9    . DG  B 2 13  ? 9.252   23.680  -7.627  1.00 14.25 ? 37  DG  C N9    1 
ATOM   518  C  C8    . DG  B 2 13  ? 10.571  23.908  -7.331  1.00 15.43 ? 37  DG  C C8    1 
ATOM   519  N  N7    . DG  B 2 13  ? 10.761  24.637  -6.275  1.00 15.05 ? 37  DG  C N7    1 
ATOM   520  C  C5    . DG  B 2 13  ? 9.466   24.888  -5.825  1.00 14.58 ? 37  DG  C C5    1 
ATOM   521  C  C6    . DG  B 2 13  ? 8.979   25.621  -4.717  1.00 14.29 ? 37  DG  C C6    1 
ATOM   522  O  O6    . DG  B 2 13  ? 9.594   26.209  -3.828  1.00 14.43 ? 37  DG  C O6    1 
ATOM   523  N  N1    . DG  B 2 13  ? 7.585   25.615  -4.655  1.00 14.96 ? 37  DG  C N1    1 
ATOM   524  C  C2    . DG  B 2 13  ? 6.738   25.018  -5.557  1.00 14.53 ? 37  DG  C C2    1 
ATOM   525  N  N2    . DG  B 2 13  ? 5.413   25.136  -5.349  1.00 14.34 ? 37  DG  C N2    1 
ATOM   526  N  N3    . DG  B 2 13  ? 7.180   24.329  -6.591  1.00 13.59 ? 37  DG  C N3    1 
ATOM   527  C  C4    . DG  B 2 13  ? 8.534   24.321  -6.667  1.00 15.58 ? 37  DG  C C4    1 
ATOM   528  N  N     . ARG C 3 20  ? 13.929  9.500   -13.747 1.00 33.36 ? 93  ARG A N     1 
ATOM   529  C  CA    . ARG C 3 20  ? 13.109  8.988   -12.605 1.00 32.65 ? 93  ARG A CA    1 
ATOM   530  C  C     . ARG C 3 20  ? 13.073  9.893   -11.393 1.00 31.89 ? 93  ARG A C     1 
ATOM   531  O  O     . ARG C 3 20  ? 14.096  10.191  -10.793 1.00 31.05 ? 93  ARG A O     1 
ATOM   532  C  CB    . ARG C 3 20  ? 13.511  7.583   -12.158 1.00 33.26 ? 93  ARG A CB    1 
ATOM   533  C  CG    . ARG C 3 20  ? 13.188  6.517   -13.117 1.00 35.06 ? 93  ARG A CG    1 
ATOM   534  C  CD    . ARG C 3 20  ? 13.417  5.210   -12.431 1.00 36.83 ? 93  ARG A CD    1 
ATOM   535  N  NE    . ARG C 3 20  ? 12.873  4.157   -13.258 1.00 38.22 ? 93  ARG A NE    1 
ATOM   536  C  CZ    . ARG C 3 20  ? 12.716  2.905   -12.859 1.00 36.88 ? 93  ARG A CZ    1 
ATOM   537  N  NH1   . ARG C 3 20  ? 13.041  2.549   -11.620 1.00 34.81 ? 93  ARG A NH1   1 
ATOM   538  N  NH2   . ARG C 3 20  ? 12.191  2.027   -13.699 1.00 38.83 ? 93  ARG A NH2   1 
ATOM   539  N  N     . ARG C 3 21  ? 11.857  10.251  -11.001 1.00 31.37 ? 94  ARG A N     1 
ATOM   540  C  CA    . ARG C 3 21  ? 11.638  11.128  -9.873  1.00 31.03 ? 94  ARG A CA    1 
ATOM   541  C  C     . ARG C 3 21  ? 11.959  10.400  -8.565  1.00 30.29 ? 94  ARG A C     1 
ATOM   542  O  O     . ARG C 3 21  ? 12.439  11.002  -7.605  1.00 30.72 ? 94  ARG A O     1 
ATOM   543  C  CB    . ARG C 3 21  ? 10.195  11.620  -9.946  1.00 31.41 ? 94  ARG A CB    1 
ATOM   544  C  CG    . ARG C 3 21  ? 9.864   12.747  -9.024  1.00 33.71 ? 94  ARG A CG    1 
ATOM   545  C  CD    . ARG C 3 21  ? 8.434   13.252  -9.267  1.00 34.11 ? 94  ARG A CD    1 
ATOM   546  N  NE    . ARG C 3 21  ? 7.425   12.245  -8.987  1.00 34.95 ? 94  ARG A NE    1 
ATOM   547  C  CZ    . ARG C 3 21  ? 6.919   12.029  -7.773  1.00 35.69 ? 94  ARG A CZ    1 
ATOM   548  N  NH1   . ARG C 3 21  ? 7.360   12.719  -6.721  1.00 35.66 ? 94  ARG A NH1   1 
ATOM   549  N  NH2   . ARG C 3 21  ? 6.002   11.095  -7.605  1.00 34.78 ? 94  ARG A NH2   1 
ATOM   550  N  N     . ASN C 3 22  ? 11.719  9.091   -8.551  1.00 28.65 ? 95  ASN A N     1 
ATOM   551  C  CA    . ASN C 3 22  ? 11.967  8.222   -7.393  1.00 27.88 ? 95  ASN A CA    1 
ATOM   552  C  C     . ASN C 3 22  ? 12.741  7.003   -7.866  1.00 26.80 ? 95  ASN A C     1 
ATOM   553  O  O     . ASN C 3 22  ? 12.756  6.718   -9.056  1.00 26.93 ? 95  ASN A O     1 
ATOM   554  C  CB    . ASN C 3 22  ? 10.635  7.732   -6.821  1.00 27.27 ? 95  ASN A CB    1 
ATOM   555  C  CG    . ASN C 3 22  ? 9.767   8.854   -6.277  1.00 27.22 ? 95  ASN A CG    1 
ATOM   556  O  OD1   . ASN C 3 22  ? 10.352  9.726   -5.459  1.00 23.07 ? 95  ASN A OD1   1 
ATOM   557  N  ND2   . ASN C 3 22  ? 8.588   8.963   -6.642  1.00 26.92 ? 95  ASN A ND2   1 
ATOM   558  N  N     . ALA C 3 23  ? 13.345  6.271   -6.937  1.00 26.01 ? 96  ALA A N     1 
ATOM   559  C  CA    . ALA C 3 23  ? 14.127  5.067   -7.277  1.00 25.79 ? 96  ALA A CA    1 
ATOM   560  C  C     . ALA C 3 23  ? 13.307  3.961   -7.955  1.00 25.51 ? 96  ALA A C     1 
ATOM   561  O  O     . ALA C 3 23  ? 13.843  3.143   -8.698  1.00 25.75 ? 96  ALA A O     1 
ATOM   562  C  CB    . ALA C 3 23  ? 14.795  4.519   -6.036  1.00 26.35 ? 96  ALA A CB    1 
ATOM   563  N  N     . TRP C 3 24  ? 11.996  3.952   -7.726  1.00 24.33 ? 97  TRP A N     1 
ATOM   564  C  CA    . TRP C 3 24  ? 11.135  2.937   -8.312  1.00 23.23 ? 97  TRP A CA    1 
ATOM   565  C  C     . TRP C 3 24  ? 10.407  3.384   -9.576  1.00 23.41 ? 97  TRP A C     1 
ATOM   566  O  O     . TRP C 3 24  ? 9.672   2.592   -10.185 1.00 24.47 ? 97  TRP A O     1 
ATOM   567  C  CB    . TRP C 3 24  ? 10.082  2.527   -7.270  1.00 22.95 ? 97  TRP A CB    1 
ATOM   568  C  CG    . TRP C 3 24  ? 9.230   3.684   -6.844  1.00 21.19 ? 97  TRP A CG    1 
ATOM   569  C  CD1   . TRP C 3 24  ? 8.121   4.160   -7.471  1.00 21.79 ? 97  TRP A CD1   1 
ATOM   570  C  CD2   . TRP C 3 24  ? 9.408   4.491   -5.676  1.00 23.04 ? 97  TRP A CD2   1 
ATOM   571  N  NE1   . TRP C 3 24  ? 7.604   5.233   -6.789  1.00 19.31 ? 97  TRP A NE1   1 
ATOM   572  C  CE2   . TRP C 3 24  ? 8.368   5.455   -5.674  1.00 21.01 ? 97  TRP A CE2   1 
ATOM   573  C  CE3   . TRP C 3 24  ? 10.349  4.506   -4.636  1.00 20.65 ? 97  TRP A CE3   1 
ATOM   574  C  CZ2   . TRP C 3 24  ? 8.246   6.421   -4.675  1.00 20.50 ? 97  TRP A CZ2   1 
ATOM   575  C  CZ3   . TRP C 3 24  ? 10.223  5.475   -3.640  1.00 22.98 ? 97  TRP A CZ3   1 
ATOM   576  C  CH2   . TRP C 3 24  ? 9.186   6.416   -3.670  1.00 22.35 ? 97  TRP A CH2   1 
ATOM   577  N  N     . GLY C 3 25  ? 10.562  4.650   -9.949  1.00 22.95 ? 98  GLY A N     1 
ATOM   578  C  CA    . GLY C 3 25  ? 9.887   5.200   -11.135 1.00 23.11 ? 98  GLY A CA    1 
ATOM   579  C  C     . GLY C 3 25  ? 9.369   6.592   -10.835 1.00 23.02 ? 98  GLY A C     1 
ATOM   580  O  O     . GLY C 3 25  ? 9.782   7.202   -9.861  1.00 23.38 ? 98  GLY A O     1 
ATOM   581  N  N     . ASN C 3 26  ? 8.447   7.087   -11.654 1.00 22.97 ? 99  ASN A N     1 
ATOM   582  C  CA    . ASN C 3 26  ? 7.879   8.414   -11.466 1.00 23.91 ? 99  ASN A CA    1 
ATOM   583  C  C     . ASN C 3 26  ? 6.574   8.425   -10.686 1.00 23.12 ? 99  ASN A C     1 
ATOM   584  O  O     . ASN C 3 26  ? 6.021   9.495   -10.459 1.00 23.05 ? 99  ASN A O     1 
ATOM   585  C  CB    . ASN C 3 26  ? 7.564   9.057   -12.818 1.00 25.36 ? 99  ASN A CB    1 
ATOM   586  C  CG    . ASN C 3 26  ? 8.802   9.361   -13.637 1.00 28.10 ? 99  ASN A CG    1 
ATOM   587  O  OD1   . ASN C 3 26  ? 8.793   9.173   -14.852 1.00 32.78 ? 99  ASN A OD1   1 
ATOM   588  N  ND2   . ASN C 3 26  ? 9.884   9.774   -12.979 1.00 27.97 ? 99  ASN A ND2   1 
ATOM   589  N  N     . GLN C 3 27  ? 6.067   7.255   -10.304 1.00 21.61 ? 100 GLN A N     1 
ATOM   590  C  CA    . GLN C 3 27  ? 4.798   7.231   -9.581  1.00 21.19 ? 100 GLN A CA    1 
ATOM   591  C  C     . GLN C 3 27  ? 4.968   7.753   -8.152  1.00 18.99 ? 100 GLN A C     1 
ATOM   592  O  O     . GLN C 3 27  ? 5.997   7.549   -7.544  1.00 18.63 ? 100 GLN A O     1 
ATOM   593  C  CB    . GLN C 3 27  ? 4.238   5.802   -9.408  1.00 21.40 ? 100 GLN A CB    1 
ATOM   594  C  CG    . GLN C 3 27  ? 4.113   4.833   -10.602 1.00 24.70 ? 100 GLN A CG    1 
ATOM   595  C  CD    . GLN C 3 27  ? 5.441   4.178   -11.043 1.00 29.32 ? 100 GLN A CD    1 
ATOM   596  O  OE1   . GLN C 3 27  ? 6.547   4.638   -10.725 1.00 28.39 ? 100 GLN A OE1   1 
ATOM   597  N  NE2   . GLN C 3 27  ? 5.314   3.064   -11.765 1.00 30.42 ? 100 GLN A NE2   1 
ATOM   598  N  N     . SER C 3 28  ? 3.953   8.430   -7.634  1.00 17.61 ? 101 SER A N     1 
ATOM   599  C  CA    . SER C 3 28  ? 3.990   8.896   -6.272  1.00 16.33 ? 101 SER A CA    1 
ATOM   600  C  C     . SER C 3 28  ? 3.477   7.698   -5.472  1.00 15.72 ? 101 SER A C     1 
ATOM   601  O  O     . SER C 3 28  ? 2.929   6.747   -6.050  1.00 14.37 ? 101 SER A O     1 
ATOM   602  C  CB    . SER C 3 28  ? 3.030   10.057  -6.049  1.00 17.09 ? 101 SER A CB    1 
ATOM   603  O  OG    . SER C 3 28  ? 1.698   9.648   -6.320  1.00 16.63 ? 101 SER A OG    1 
ATOM   604  N  N     . TYR C 3 29  ? 3.686   7.724   -4.153  1.00 15.37 ? 102 TYR A N     1 
ATOM   605  C  CA    . TYR C 3 29  ? 3.201   6.659   -3.288  1.00 15.29 ? 102 TYR A CA    1 
ATOM   606  C  C     . TYR C 3 29  ? 1.671   6.553   -3.375  1.00 15.44 ? 102 TYR A C     1 
ATOM   607  O  O     . TYR C 3 29  ? 1.121   5.450   -3.404  1.00 14.60 ? 102 TYR A O     1 
ATOM   608  C  CB    . TYR C 3 29  ? 3.618   6.830   -1.820  1.00 15.27 ? 102 TYR A CB    1 
ATOM   609  C  CG    . TYR C 3 29  ? 5.040   6.447   -1.483  1.00 15.10 ? 102 TYR A CG    1 
ATOM   610  C  CD1   . TYR C 3 29  ? 6.020   7.404   -1.178  1.00 14.88 ? 102 TYR A CD1   1 
ATOM   611  C  CD2   . TYR C 3 29  ? 5.408   5.087   -1.486  1.00 16.14 ? 102 TYR A CD2   1 
ATOM   612  C  CE1   . TYR C 3 29  ? 7.349   6.999   -0.855  1.00 13.97 ? 102 TYR A CE1   1 
ATOM   613  C  CE2   . TYR C 3 29  ? 6.715   4.685   -1.175  1.00 14.95 ? 102 TYR A CE2   1 
ATOM   614  C  CZ    . TYR C 3 29  ? 7.667   5.629   -0.870  1.00 15.48 ? 102 TYR A CZ    1 
ATOM   615  O  OH    . TYR C 3 29  ? 8.943   5.166   -0.556  1.00 15.58 ? 102 TYR A OH    1 
ATOM   616  N  N     . ALA C 3 30  ? 1.001   7.698   -3.427  1.00 15.88 ? 103 ALA A N     1 
ATOM   617  C  CA    . ALA C 3 30  ? -0.465  7.700   -3.531  1.00 16.56 ? 103 ALA A CA    1 
ATOM   618  C  C     . ALA C 3 30  ? -0.890  6.983   -4.821  1.00 17.12 ? 103 ALA A C     1 
ATOM   619  O  O     . ALA C 3 30  ? -1.871  6.246   -4.830  1.00 16.32 ? 103 ALA A O     1 
ATOM   620  C  CB    . ALA C 3 30  ? -1.014  9.134   -3.474  1.00 17.65 ? 103 ALA A CB    1 
ATOM   621  N  N     . GLU C 3 31  ? -0.167  7.210   -5.915  1.00 16.86 ? 104 GLU A N     1 
ATOM   622  C  CA    . GLU C 3 31  ? -0.474  6.542   -7.179  1.00 18.56 ? 104 GLU A CA    1 
ATOM   623  C  C     . GLU C 3 31  ? -0.238  5.041   -7.065  1.00 17.09 ? 104 GLU A C     1 
ATOM   624  O  O     . GLU C 3 31  ? -1.020  4.252   -7.593  1.00 16.35 ? 104 GLU A O     1 
ATOM   625  C  CB    . GLU C 3 31  ? 0.326   7.152   -8.345  1.00 18.66 ? 104 GLU A CB    1 
ATOM   626  C  CG    . GLU C 3 31  ? -0.120  8.538   -8.705  1.00 21.99 ? 104 GLU A CG    1 
ATOM   627  C  CD    . GLU C 3 31  ? 0.801   9.253   -9.706  1.00 23.18 ? 104 GLU A CD    1 
ATOM   628  O  OE1   . GLU C 3 31  ? 2.031   8.958   -9.768  1.00 24.21 ? 104 GLU A OE1   1 
ATOM   629  O  OE2   . GLU C 3 31  ? 0.290   10.178  -10.388 1.00 30.33 ? 104 GLU A OE2   1 
ATOM   630  N  N     . LEU C 3 32  ? 0.845   4.627   -6.412  1.00 15.39 ? 105 LEU A N     1 
ATOM   631  C  CA    . LEU C 3 32  ? 1.092   3.197   -6.244  1.00 15.00 ? 105 LEU A CA    1 
ATOM   632  C  C     . LEU C 3 32  ? 0.000   2.503   -5.408  1.00 15.08 ? 105 LEU A C     1 
ATOM   633  O  O     . LEU C 3 32  ? -0.449  1.391   -5.736  1.00 14.07 ? 105 LEU A O     1 
ATOM   634  C  CB    . LEU C 3 32  ? 2.462   2.930   -5.598  1.00 14.76 ? 105 LEU A CB    1 
ATOM   635  C  CG    . LEU C 3 32  ? 3.671   3.293   -6.476  1.00 16.36 ? 105 LEU A CG    1 
ATOM   636  C  CD1   . LEU C 3 32  ? 4.938   2.975   -5.713  1.00 18.99 ? 105 LEU A CD1   1 
ATOM   637  C  CD2   . LEU C 3 32  ? 3.611   2.506   -7.791  1.00 18.06 ? 105 LEU A CD2   1 
ATOM   638  N  N     . ILE C 3 33  ? -0.379  3.152   -4.311  1.00 15.36 ? 106 ILE A N     1 
ATOM   639  C  CA    . ILE C 3 33  ? -1.407  2.620   -3.406  1.00 15.72 ? 106 ILE A CA    1 
ATOM   640  C  C     . ILE C 3 33  ? -2.707  2.544   -4.201  1.00 16.10 ? 106 ILE A C     1 
ATOM   641  O  O     . ILE C 3 33  ? -3.414  1.552   -4.109  1.00 16.34 ? 106 ILE A O     1 
ATOM   642  C  CB    . ILE C 3 33  ? -1.574  3.521   -2.176  1.00 15.79 ? 106 ILE A CB    1 
ATOM   643  C  CG1   . ILE C 3 33  ? -0.268  3.534   -1.351  1.00 14.53 ? 106 ILE A CG1   1 
ATOM   644  C  CG2   . ILE C 3 33  ? -2.752  3.008   -1.306  1.00 16.62 ? 106 ILE A CG2   1 
ATOM   645  C  CD1   . ILE C 3 33  ? -0.243  4.634   -0.280  1.00 14.54 ? 106 ILE A CD1   1 
ATOM   646  N  N     . SER C 3 34  ? -3.019  3.601   -4.958  1.00 16.63 ? 107 SER A N     1 
ATOM   647  C  CA    . SER C 3 34  ? -4.245  3.603   -5.787  1.00 17.74 ? 107 SER A CA    1 
ATOM   648  C  C     . SER C 3 34  ? -4.263  2.413   -6.758  1.00 18.08 ? 107 SER A C     1 
ATOM   649  O  O     . SER C 3 34  ? -5.291  1.709   -6.859  1.00 17.52 ? 107 SER A O     1 
ATOM   650  C  CB    . SER C 3 34  ? -4.443  4.946   -6.497  1.00 17.54 ? 107 SER A CB    1 
ATOM   651  O  OG    . SER C 3 34  ? -4.612  5.971   -5.537  1.00 18.47 ? 107 SER A OG    1 
ATOM   652  N  N     . GLN C 3 35  ? -3.138  2.165   -7.456  1.00 18.09 ? 108 GLN A N     1 
ATOM   653  C  CA    . GLN C 3 35  ? -3.036  1.022   -8.397  1.00 19.50 ? 108 GLN A CA    1 
ATOM   654  C  C     . GLN C 3 35  ? -3.196  -0.304  -7.674  1.00 18.15 ? 108 GLN A C     1 
ATOM   655  O  O     . GLN C 3 35  ? -3.822  -1.236  -8.207  1.00 17.14 ? 108 GLN A O     1 
ATOM   656  C  CB    . GLN C 3 35  ? -1.702  0.990   -9.169  1.00 19.84 ? 108 GLN A CB    1 
ATOM   657  C  CG    . GLN C 3 35  ? -1.482  2.194   -10.021 1.00 23.44 ? 108 GLN A CG    1 
ATOM   658  C  CD    . GLN C 3 35  ? -0.154  2.170   -10.779 1.00 23.28 ? 108 GLN A CD    1 
ATOM   659  O  OE1   . GLN C 3 35  ? 0.369   3.233   -11.129 1.00 32.31 ? 108 GLN A OE1   1 
ATOM   660  N  NE2   . GLN C 3 35  ? 0.430   0.991   -10.960 1.00 24.05 ? 108 GLN A NE2   1 
ATOM   661  N  N     . ALA C 3 36  ? -2.626  -0.410  -6.469  1.00 16.74 ? 109 ALA A N     1 
ATOM   662  C  CA    . ALA C 3 36  ? -2.745  -1.643  -5.692  1.00 16.08 ? 109 ALA A CA    1 
ATOM   663  C  C     . ALA C 3 36  ? -4.221  -1.916  -5.357  1.00 16.83 ? 109 ALA A C     1 
ATOM   664  O  O     . ALA C 3 36  ? -4.712  -3.015  -5.592  1.00 17.92 ? 109 ALA A O     1 
ATOM   665  C  CB    . ALA C 3 36  ? -1.928  -1.555  -4.365  1.00 16.17 ? 109 ALA A CB    1 
ATOM   666  N  N     . ILE C 3 37  ? -4.886  -0.927  -4.758  1.00 16.66 ? 110 ILE A N     1 
ATOM   667  C  CA    . ILE C 3 37  ? -6.307  -1.054  -4.380  1.00 17.72 ? 110 ILE A CA    1 
ATOM   668  C  C     . ILE C 3 37  ? -7.161  -1.401  -5.622  1.00 18.88 ? 110 ILE A C     1 
ATOM   669  O  O     . ILE C 3 37  ? -7.955  -2.342  -5.595  1.00 18.04 ? 110 ILE A O     1 
ATOM   670  C  CB    . ILE C 3 37  ? -6.801  0.223   -3.657  1.00 17.24 ? 110 ILE A CB    1 
ATOM   671  C  CG1   . ILE C 3 37  ? -6.047  0.363   -2.324  1.00 17.14 ? 110 ILE A CG1   1 
ATOM   672  C  CG2   . ILE C 3 37  ? -8.329  0.152   -3.405  1.00 17.47 ? 110 ILE A CG2   1 
ATOM   673  C  CD1   . ILE C 3 37  ? -6.339  1.633   -1.536  1.00 17.12 ? 110 ILE A CD1   1 
ATOM   674  N  N     . GLU C 3 38  ? -6.977  -0.651  -6.697  1.00 20.77 ? 111 GLU A N     1 
ATOM   675  C  CA    . GLU C 3 38  ? -7.732  -0.902  -7.950  1.00 24.01 ? 111 GLU A CA    1 
ATOM   676  C  C     . GLU C 3 38  ? -7.521  -2.304  -8.521  1.00 24.07 ? 111 GLU A C     1 
ATOM   677  O  O     . GLU C 3 38  ? -8.423  -2.838  -9.202  1.00 25.00 ? 111 GLU A O     1 
ATOM   678  C  CB    . GLU C 3 38  ? -7.362  0.123   -9.013  1.00 23.90 ? 111 GLU A CB    1 
ATOM   679  C  CG    . GLU C 3 38  ? -7.729  1.548   -8.709  1.00 26.40 ? 111 GLU A CG    1 
ATOM   680  C  CD    . GLU C 3 38  ? -7.126  2.542   -9.720  1.00 29.06 ? 111 GLU A CD    1 
ATOM   681  O  OE1   . GLU C 3 38  ? -6.234  2.141   -10.524 1.00 36.78 ? 111 GLU A OE1   1 
ATOM   682  O  OE2   . GLU C 3 38  ? -7.491  3.745   -9.668  1.00 35.38 ? 111 GLU A OE2   1 
ATOM   683  N  N     . SER C 3 39  ? -6.369  -2.923  -8.241  1.00 24.13 ? 112 SER A N     1 
ATOM   684  C  CA    . SER C 3 39  ? -6.080  -4.262  -8.759  1.00 23.87 ? 112 SER A CA    1 
ATOM   685  C  C     . SER C 3 39  ? -6.826  -5.366  -7.992  1.00 23.56 ? 112 SER A C     1 
ATOM   686  O  O     . SER C 3 39  ? -6.914  -6.504  -8.476  1.00 24.45 ? 112 SER A O     1 
ATOM   687  C  CB    . SER C 3 39  ? -4.577  -4.613  -8.728  1.00 24.16 ? 112 SER A CB    1 
ATOM   688  O  OG    . SER C 3 39  ? -4.127  -4.905  -7.407  1.00 24.19 ? 112 SER A OG    1 
ATOM   689  N  N     . ALA C 3 40  ? -7.296  -5.061  -6.783  1.00 22.46 ? 113 ALA A N     1 
ATOM   690  C  CA    . ALA C 3 40  ? -8.020  -6.032  -5.980  1.00 22.17 ? 113 ALA A CA    1 
ATOM   691  C  C     . ALA C 3 40  ? -9.421  -6.223  -6.579  1.00 22.17 ? 113 ALA A C     1 
ATOM   692  O  O     . ALA C 3 40  ? -10.042 -5.256  -7.003  1.00 20.95 ? 113 ALA A O     1 
ATOM   693  C  CB    . ALA C 3 40  ? -8.107  -5.581  -4.529  1.00 21.55 ? 113 ALA A CB    1 
ATOM   694  N  N     . PRO C 3 41  ? -9.879  -7.479  -6.677  1.00 23.26 ? 114 PRO A N     1 
ATOM   695  C  CA    . PRO C 3 41  ? -11.212 -7.766  -7.224  1.00 23.71 ? 114 PRO A CA    1 
ATOM   696  C  C     . PRO C 3 41  ? -12.318 -6.984  -6.479  1.00 22.71 ? 114 PRO A C     1 
ATOM   697  O  O     . PRO C 3 41  ? -13.184 -6.398  -7.126  1.00 23.69 ? 114 PRO A O     1 
ATOM   698  C  CB    . PRO C 3 41  ? -11.343 -9.277  -7.021  1.00 24.47 ? 114 PRO A CB    1 
ATOM   699  C  CG    . PRO C 3 41  ? -9.944  -9.761  -7.139  1.00 25.75 ? 114 PRO A CG    1 
ATOM   700  C  CD    . PRO C 3 41  ? -9.178  -8.724  -6.326  1.00 24.05 ? 114 PRO A CD    1 
ATOM   701  N  N     . GLU C 3 42  ? -12.245 -6.932  -5.145  1.00 20.78 ? 115 GLU A N     1 
ATOM   702  C  CA    . GLU C 3 42  ? -13.239 -6.190  -4.348  1.00 19.21 ? 115 GLU A CA    1 
ATOM   703  C  C     . GLU C 3 42  ? -12.822 -4.751  -4.021  1.00 18.12 ? 115 GLU A C     1 
ATOM   704  O  O     . GLU C 3 42  ? -13.394 -4.101  -3.155  1.00 17.49 ? 115 GLU A O     1 
ATOM   705  C  CB    . GLU C 3 42  ? -13.684 -6.981  -3.128  1.00 19.08 ? 115 GLU A CB    1 
ATOM   706  C  CG    . GLU C 3 42  ? -14.344 -8.256  -3.570  1.00 18.42 ? 115 GLU A CG    1 
ATOM   707  C  CD    . GLU C 3 42  ? -14.937 -9.076  -2.458  1.00 17.53 ? 115 GLU A CD    1 
ATOM   708  O  OE1   . GLU C 3 42  ? -14.488 -8.977  -1.289  1.00 18.28 ? 115 GLU A OE1   1 
ATOM   709  O  OE2   . GLU C 3 42  ? -15.834 -9.896  -2.785  1.00 16.96 ? 115 GLU A OE2   1 
ATOM   710  N  N     . LYS C 3 43  ? -11.798 -4.265  -4.726  1.00 17.02 ? 116 LYS A N     1 
ATOM   711  C  CA    . LYS C 3 43  ? -11.328 -2.886  -4.564  1.00 16.81 ? 116 LYS A CA    1 
ATOM   712  C  C     . LYS C 3 43  ? -10.985 -2.489  -3.125  1.00 15.16 ? 116 LYS A C     1 
ATOM   713  O  O     . LYS C 3 43  ? -11.292 -1.370  -2.680  1.00 15.46 ? 116 LYS A O     1 
ATOM   714  C  CB    . LYS C 3 43  ? -12.383 -1.914  -5.110  1.00 17.84 ? 116 LYS A CB    1 
ATOM   715  C  CG    . LYS C 3 43  ? -12.772 -2.173  -6.577  1.00 19.54 ? 116 LYS A CG    1 
ATOM   716  C  CD    . LYS C 3 43  ? -11.602 -2.072  -7.550  1.00 21.07 ? 116 LYS A CD    1 
ATOM   717  C  CE    . LYS C 3 43  ? -12.127 -2.308  -8.993  1.00 22.66 ? 116 LYS A CE    1 
ATOM   718  N  NZ    . LYS C 3 43  ? -11.003 -2.312  -9.943  1.00 24.82 ? 116 LYS A NZ    1 
ATOM   719  N  N     . ARG C 3 44  ? -10.430 -3.436  -2.382  1.00 14.97 ? 117 ARG A N     1 
ATOM   720  C  CA    . ARG C 3 44  ? -10.018 -3.159  -0.994  1.00 14.06 ? 117 ARG A CA    1 
ATOM   721  C  C     . ARG C 3 44  ? -8.860  -4.081  -0.666  1.00 13.82 ? 117 ARG A C     1 
ATOM   722  O  O     . ARG C 3 44  ? -8.775  -5.202  -1.170  1.00 12.95 ? 117 ARG A O     1 
ATOM   723  C  CB    . ARG C 3 44  ? -11.153 -3.377  0.005   1.00 13.64 ? 117 ARG A CB    1 
ATOM   724  C  CG    . ARG C 3 44  ? -11.574 -4.805  0.187   1.00 15.43 ? 117 ARG A CG    1 
ATOM   725  C  CD    . ARG C 3 44  ? -12.770 -4.881  1.133   1.00 15.37 ? 117 ARG A CD    1 
ATOM   726  N  NE    . ARG C 3 44  ? -12.998 -6.273  1.505   1.00 13.51 ? 117 ARG A NE    1 
ATOM   727  C  CZ    . ARG C 3 44  ? -13.876 -6.666  2.433   1.00 14.20 ? 117 ARG A CZ    1 
ATOM   728  N  NH1   . ARG C 3 44  ? -14.626 -5.777  3.060   1.00 16.43 ? 117 ARG A NH1   1 
ATOM   729  N  NH2   . ARG C 3 44  ? -13.978 -7.942  2.738   1.00 17.90 ? 117 ARG A NH2   1 
ATOM   730  N  N     . LEU C 3 45  ? -7.945  -3.580  0.162   1.00 14.10 ? 118 LEU A N     1 
ATOM   731  C  CA    . LEU C 3 45  ? -6.788  -4.349  0.597   1.00 13.36 ? 118 LEU A CA    1 
ATOM   732  C  C     . LEU C 3 45  ? -6.388  -3.895  1.981   1.00 12.63 ? 118 LEU A C     1 
ATOM   733  O  O     . LEU C 3 45  ? -6.605  -2.735  2.349   1.00 13.09 ? 118 LEU A O     1 
ATOM   734  C  CB    . LEU C 3 45  ? -5.562  -4.052  -0.302  1.00 14.00 ? 118 LEU A CB    1 
ATOM   735  C  CG    . LEU C 3 45  ? -5.524  -4.445  -1.777  1.00 14.13 ? 118 LEU A CG    1 
ATOM   736  C  CD1   . LEU C 3 45  ? -4.185  -3.921  -2.350  1.00 15.09 ? 118 LEU A CD1   1 
ATOM   737  C  CD2   . LEU C 3 45  ? -5.645  -5.954  -1.860  1.00 13.04 ? 118 LEU A CD2   1 
ATOM   738  N  N     . THR C 3 46  ? -5.800  -4.804  2.745   1.00 13.01 ? 119 THR A N     1 
ATOM   739  C  CA    . THR C 3 46  ? -5.289  -4.449  4.069   1.00 12.26 ? 119 THR A CA    1 
ATOM   740  C  C     . THR C 3 46  ? -3.891  -3.839  3.815   1.00 12.50 ? 119 THR A C     1 
ATOM   741  O  O     . THR C 3 46  ? -3.361  -3.933  2.722   1.00 10.93 ? 119 THR A O     1 
ATOM   742  C  CB    . THR C 3 46  ? -5.041  -5.672  4.984   1.00 13.18 ? 119 THR A CB    1 
ATOM   743  O  OG1   . THR C 3 46  ? -4.061  -6.558  4.387   1.00 14.73 ? 119 THR A OG1   1 
ATOM   744  C  CG2   . THR C 3 46  ? -6.374  -6.443  5.289   1.00 13.79 ? 119 THR A CG2   1 
ATOM   745  N  N     . LEU C 3 47  ? -3.326  -3.211  4.847   1.00 12.56 ? 120 LEU A N     1 
ATOM   746  C  CA    . LEU C 3 47  ? -1.996  -2.612  4.777   1.00 12.94 ? 120 LEU A CA    1 
ATOM   747  C  C     . LEU C 3 47  ? -0.957  -3.663  4.330   1.00 12.74 ? 120 LEU A C     1 
ATOM   748  O  O     . LEU C 3 47  ? -0.182  -3.377  3.429   1.00 13.41 ? 120 LEU A O     1 
ATOM   749  C  CB    . LEU C 3 47  ? -1.604  -2.055  6.148   1.00 12.46 ? 120 LEU A CB    1 
ATOM   750  C  CG    . LEU C 3 47  ? -0.210  -1.402  6.208   1.00 13.17 ? 120 LEU A CG    1 
ATOM   751  C  CD1   . LEU C 3 47  ? -0.020  -0.239  5.204   1.00 14.34 ? 120 LEU A CD1   1 
ATOM   752  C  CD2   . LEU C 3 47  ? 0.042   -0.912  7.636   1.00 13.24 ? 120 LEU A CD2   1 
ATOM   753  N  N     . ALA C 3 48  ? -0.938  -4.851  4.953   1.00 13.24 ? 121 ALA A N     1 
ATOM   754  C  CA    . ALA C 3 48  ? 0.017   -5.912  4.580   1.00 13.74 ? 121 ALA A CA    1 
ATOM   755  C  C     . ALA C 3 48  ? -0.135  -6.295  3.106   1.00 13.89 ? 121 ALA A C     1 
ATOM   756  O  O     . ALA C 3 48  ? 0.850   -6.587  2.437   1.00 12.37 ? 121 ALA A O     1 
ATOM   757  C  CB    . ALA C 3 48  ? -0.083  -7.132  5.476   1.00 14.01 ? 121 ALA A CB    1 
ATOM   758  N  N     . GLN C 3 49  ? -1.378  -6.294  2.607   1.00 13.51 ? 122 GLN A N     1 
ATOM   759  C  CA    . GLN C 3 49  ? -1.645  -6.599  1.202   1.00 12.74 ? 122 GLN A CA    1 
ATOM   760  C  C     . GLN C 3 49  ? -1.130  -5.517  0.246   1.00 13.13 ? 122 GLN A C     1 
ATOM   761  O  O     . GLN C 3 49  ? -0.702  -5.828  -0.892  1.00 13.18 ? 122 GLN A O     1 
ATOM   762  C  CB    . GLN C 3 49  ? -3.130  -6.895  0.969   1.00 13.58 ? 122 GLN A CB    1 
ATOM   763  C  CG    . GLN C 3 49  ? -3.531  -8.224  1.582   1.00 15.16 ? 122 GLN A CG    1 
ATOM   764  C  CD    . GLN C 3 49  ? -5.024  -8.449  1.444   1.00 19.56 ? 122 GLN A CD    1 
ATOM   765  O  OE1   . GLN C 3 49  ? -5.808  -7.514  1.520   1.00 16.20 ? 122 GLN A OE1   1 
ATOM   766  N  NE2   . GLN C 3 49  ? -5.417  -9.699  1.294   1.00 24.95 ? 122 GLN A NE2   1 
ATOM   767  N  N     . ILE C 3 50  ? -1.161  -4.258  0.692   1.00 12.46 ? 123 ILE A N     1 
ATOM   768  C  CA    . ILE C 3 50  ? -0.656  -3.162  -0.117  1.00 11.53 ? 123 ILE A CA    1 
ATOM   769  C  C     . ILE C 3 50  ? 0.856   -3.396  -0.195  1.00 12.30 ? 123 ILE A C     1 
ATOM   770  O  O     . ILE C 3 50  ? 1.426   -3.299  -1.292  1.00 11.12 ? 123 ILE A O     1 
ATOM   771  C  CB    . ILE C 3 50  ? -1.012  -1.807  0.491   1.00 11.84 ? 123 ILE A CB    1 
ATOM   772  C  CG1   . ILE C 3 50  ? -2.546  -1.581  0.343   1.00 9.84  ? 123 ILE A CG1   1 
ATOM   773  C  CG2   . ILE C 3 50  ? -0.274  -0.645  -0.236  1.00 11.09 ? 123 ILE A CG2   1 
ATOM   774  C  CD1   . ILE C 3 50  ? -3.023  -0.313  1.059   1.00 12.11 ? 123 ILE A CD1   1 
ATOM   775  N  N     . TYR C 3 51  ? 1.496   -3.716  0.945   1.00 12.39 ? 124 TYR A N     1 
ATOM   776  C  CA    . TYR C 3 51  ? 2.954   -3.964  0.889   1.00 13.37 ? 124 TYR A CA    1 
ATOM   777  C  C     . TYR C 3 51  ? 3.244   -5.141  -0.070  1.00 14.59 ? 124 TYR A C     1 
ATOM   778  O  O     . TYR C 3 51  ? 4.182   -5.074  -0.883  1.00 13.89 ? 124 TYR A O     1 
ATOM   779  C  CB    . TYR C 3 51  ? 3.599   -4.294  2.227   1.00 12.87 ? 124 TYR A CB    1 
ATOM   780  C  CG    . TYR C 3 51  ? 3.406   -3.319  3.364   1.00 12.97 ? 124 TYR A CG    1 
ATOM   781  C  CD1   . TYR C 3 51  ? 3.498   -1.942  3.156   1.00 12.17 ? 124 TYR A CD1   1 
ATOM   782  C  CD2   . TYR C 3 51  ? 3.404   -3.790  4.664   1.00 11.04 ? 124 TYR A CD2   1 
ATOM   783  C  CE1   . TYR C 3 51  ? 3.406   -1.049  4.228   1.00 13.37 ? 124 TYR A CE1   1 
ATOM   784  C  CE2   . TYR C 3 51  ? 3.305   -2.907  5.763   1.00 11.81 ? 124 TYR A CE2   1 
ATOM   785  C  CZ    . TYR C 3 51  ? 3.306   -1.558  5.531   1.00 12.40 ? 124 TYR A CZ    1 
ATOM   786  O  OH    . TYR C 3 51  ? 3.244   -0.708  6.606   1.00 14.81 ? 124 TYR A OH    1 
ATOM   787  N  N     . GLU C 3 52  ? 2.449   -6.211  0.043   1.00 15.31 ? 125 GLU A N     1 
ATOM   788  C  CA    . GLU C 3 52  ? 2.605   -7.402  -0.815  1.00 17.77 ? 125 GLU A CA    1 
ATOM   789  C  C     . GLU C 3 52  ? 2.508   -7.028  -2.271  1.00 15.84 ? 125 GLU A C     1 
ATOM   790  O  O     . GLU C 3 52  ? 3.310   -7.515  -3.077  1.00 15.73 ? 125 GLU A O     1 
ATOM   791  C  CB    . GLU C 3 52  ? 1.567   -8.505  -0.507  1.00 17.03 ? 125 GLU A CB    1 
ATOM   792  C  CG    . GLU C 3 52  ? 1.644   -9.022  0.904   1.00 23.52 ? 125 GLU A CG    1 
ATOM   793  C  CD    . GLU C 3 52  ? 0.457   -9.904  1.315   1.00 24.72 ? 125 GLU A CD    1 
ATOM   794  O  OE1   . GLU C 3 52  ? -0.381  -10.290 0.439   1.00 32.87 ? 125 GLU A OE1   1 
ATOM   795  O  OE2   . GLU C 3 52  ? 0.371   -10.180 2.544   1.00 32.03 ? 125 GLU A OE2   1 
ATOM   796  N  N     . TRP C 3 53  ? 1.539   -6.174  -2.614  1.00 15.49 ? 126 TRP A N     1 
ATOM   797  C  CA    . TRP C 3 53  ? 1.363   -5.745  -4.008  1.00 15.70 ? 126 TRP A CA    1 
ATOM   798  C  C     . TRP C 3 53  ? 2.642   -5.024  -4.521  1.00 15.52 ? 126 TRP A C     1 
ATOM   799  O  O     . TRP C 3 53  ? 3.106   -5.253  -5.641  1.00 14.91 ? 126 TRP A O     1 
ATOM   800  C  CB    . TRP C 3 53  ? 0.141   -4.832  -4.159  1.00 15.56 ? 126 TRP A CB    1 
ATOM   801  C  CG    . TRP C 3 53  ? -0.098  -4.395  -5.613  1.00 16.45 ? 126 TRP A CG    1 
ATOM   802  C  CD1   . TRP C 3 53  ? -0.875  -5.045  -6.560  1.00 18.45 ? 126 TRP A CD1   1 
ATOM   803  C  CD2   . TRP C 3 53  ? 0.463   -3.258  -6.280  1.00 16.44 ? 126 TRP A CD2   1 
ATOM   804  N  NE1   . TRP C 3 53  ? -0.833  -4.366  -7.760  1.00 17.61 ? 126 TRP A NE1   1 
ATOM   805  C  CE2   . TRP C 3 53  ? -0.016  -3.275  -7.625  1.00 16.89 ? 126 TRP A CE2   1 
ATOM   806  C  CE3   . TRP C 3 53  ? 1.326   -2.223  -5.884  1.00 16.26 ? 126 TRP A CE3   1 
ATOM   807  C  CZ2   . TRP C 3 53  ? 0.325   -2.289  -8.555  1.00 18.19 ? 126 TRP A CZ2   1 
ATOM   808  C  CZ3   . TRP C 3 53  ? 1.666   -1.237  -6.826  1.00 17.30 ? 126 TRP A CZ3   1 
ATOM   809  C  CH2   . TRP C 3 53  ? 1.175   -1.288  -8.140  1.00 18.95 ? 126 TRP A CH2   1 
ATOM   810  N  N     . MET C 3 54  ? 3.207   -4.162  -3.686  1.00 14.87 ? 127 MET A N     1 
ATOM   811  C  CA    . MET C 3 54  ? 4.433   -3.413  -4.051  1.00 15.58 ? 127 MET A CA    1 
ATOM   812  C  C     . MET C 3 54  ? 5.561   -4.401  -4.317  1.00 14.73 ? 127 MET A C     1 
ATOM   813  O  O     . MET C 3 54  ? 6.214   -4.322  -5.363  1.00 14.76 ? 127 MET A O     1 
ATOM   814  C  CB    . MET C 3 54  ? 4.867   -2.468  -2.885  1.00 15.22 ? 127 MET A CB    1 
ATOM   815  C  CG    . MET C 3 54  ? 3.800   -1.460  -2.449  1.00 19.48 ? 127 MET A CG    1 
ATOM   816  S  SD    . MET C 3 54  ? 3.497   -0.186  -3.661  1.00 25.73 ? 127 MET A SD    1 
ATOM   817  C  CE    . MET C 3 54  ? 1.818   0.363   -3.162  1.00 21.13 ? 127 MET A CE    1 
ATOM   818  N  N     . VAL C 3 55  ? 5.776   -5.330  -3.379  1.00 14.93 ? 128 VAL A N     1 
ATOM   819  C  CA    . VAL C 3 55  ? 6.842   -6.334  -3.476  1.00 15.49 ? 128 VAL A CA    1 
ATOM   820  C  C     . VAL C 3 55  ? 6.684   -7.260  -4.691  1.00 17.24 ? 128 VAL A C     1 
ATOM   821  O  O     . VAL C 3 55  ? 7.661   -7.665  -5.296  1.00 16.34 ? 128 VAL A O     1 
ATOM   822  C  CB    . VAL C 3 55  ? 7.004   -7.112  -2.135  1.00 15.45 ? 128 VAL A CB    1 
ATOM   823  C  CG1   . VAL C 3 55  ? 8.066   -8.208  -2.240  1.00 16.03 ? 128 VAL A CG1   1 
ATOM   824  C  CG2   . VAL C 3 55  ? 7.386   -6.126  -1.023  1.00 15.17 ? 128 VAL A CG2   1 
ATOM   825  N  N     . ARG C 3 56  ? 5.441   -7.572  -5.031  1.00 17.87 ? 129 ARG A N     1 
ATOM   826  C  CA    . ARG C 3 56  ? 5.133   -8.426  -6.153  1.00 20.29 ? 129 ARG A CA    1 
ATOM   827  C  C     . ARG C 3 56  ? 5.148   -7.731  -7.524  1.00 19.00 ? 129 ARG A C     1 
ATOM   828  O  O     . ARG C 3 56  ? 5.574   -8.323  -8.509  1.00 20.44 ? 129 ARG A O     1 
ATOM   829  C  CB    . ARG C 3 56  ? 3.706   -9.009  -5.918  1.00 20.23 ? 129 ARG A CB    1 
ATOM   830  C  CG    . ARG C 3 56  ? 3.173   -9.916  -7.024  1.00 24.97 ? 129 ARG A CG    1 
ATOM   831  C  CD    . ARG C 3 56  ? 1.799   -10.564 -6.731  1.00 24.50 ? 129 ARG A CD    1 
ATOM   832  N  NE    . ARG C 3 56  ? 0.731   -9.625  -6.385  1.00 32.90 ? 129 ARG A NE    1 
ATOM   833  C  CZ    . ARG C 3 56  ? 0.305   -9.386  -5.136  1.00 35.51 ? 129 ARG A CZ    1 
ATOM   834  N  NH1   . ARG C 3 56  ? 0.797   -10.060 -4.103  1.00 38.86 ? 129 ARG A NH1   1 
ATOM   835  N  NH2   . ARG C 3 56  ? -0.661  -8.516  -4.918  1.00 35.89 ? 129 ARG A NH2   1 
ATOM   836  N  N     . THR C 3 57  ? 4.778   -6.456  -7.562  1.00 18.48 ? 130 THR A N     1 
ATOM   837  C  CA    . THR C 3 57  ? 4.631   -5.728  -8.806  1.00 18.32 ? 130 THR A CA    1 
ATOM   838  C  C     . THR C 3 57  ? 5.614   -4.642  -9.238  1.00 18.09 ? 130 THR A C     1 
ATOM   839  O  O     . THR C 3 57  ? 5.831   -4.449  -10.446 1.00 17.55 ? 130 THR A O     1 
ATOM   840  C  CB    . THR C 3 57  ? 3.222   -5.045  -8.728  1.00 18.49 ? 130 THR A CB    1 
ATOM   841  O  OG1   . THR C 3 57  ? 2.289   -5.974  -8.154  1.00 21.29 ? 130 THR A OG1   1 
ATOM   842  C  CG2   . THR C 3 57  ? 2.753   -4.553  -10.068 1.00 21.05 ? 130 THR A CG2   1 
ATOM   843  N  N     . VAL C 3 58  ? 6.186   -3.931  -8.271  1.00 16.38 ? 131 VAL A N     1 
ATOM   844  C  CA    . VAL C 3 58  ? 7.100   -2.830  -8.575  1.00 16.08 ? 131 VAL A CA    1 
ATOM   845  C  C     . VAL C 3 58  ? 8.524   -3.369  -8.497  1.00 15.56 ? 131 VAL A C     1 
ATOM   846  O  O     . VAL C 3 58  ? 8.993   -3.714  -7.403  1.00 15.57 ? 131 VAL A O     1 
ATOM   847  C  CB    . VAL C 3 58  ? 6.859   -1.653  -7.605  1.00 15.16 ? 131 VAL A CB    1 
ATOM   848  C  CG1   . VAL C 3 58  ? 7.746   -0.479  -7.971  1.00 15.42 ? 131 VAL A CG1   1 
ATOM   849  C  CG2   . VAL C 3 58  ? 5.381   -1.217  -7.626  1.00 17.67 ? 131 VAL A CG2   1 
ATOM   850  N  N     . PRO C 3 59  ? 9.231   -3.410  -9.644  1.00 15.64 ? 132 PRO A N     1 
ATOM   851  C  CA    . PRO C 3 59  ? 10.597  -3.971  -9.645  1.00 14.97 ? 132 PRO A CA    1 
ATOM   852  C  C     . PRO C 3 59  ? 11.490  -3.544  -8.476  1.00 14.65 ? 132 PRO A C     1 
ATOM   853  O  O     . PRO C 3 59  ? 12.074  -4.410  -7.808  1.00 15.31 ? 132 PRO A O     1 
ATOM   854  C  CB    . PRO C 3 59  ? 11.152  -3.537  -11.008 1.00 15.56 ? 132 PRO A CB    1 
ATOM   855  C  CG    . PRO C 3 59  ? 9.939   -3.520  -11.887 1.00 14.81 ? 132 PRO A CG    1 
ATOM   856  C  CD    . PRO C 3 59  ? 8.848   -2.914  -10.988 1.00 16.00 ? 132 PRO A CD    1 
ATOM   857  N  N     . TYR C 3 60  ? 11.551  -2.248  -8.200  1.00 14.88 ? 133 TYR A N     1 
ATOM   858  C  CA    . TYR C 3 60  ? 12.387  -1.710  -7.099  1.00 15.08 ? 133 TYR A CA    1 
ATOM   859  C  C     . TYR C 3 60  ? 12.134  -2.349  -5.725  1.00 15.44 ? 133 TYR A C     1 
ATOM   860  O  O     . TYR C 3 60  ? 13.052  -2.558  -4.908  1.00 13.99 ? 133 TYR A O     1 
ATOM   861  C  CB    . TYR C 3 60  ? 12.239  -0.175  -7.023  1.00 15.64 ? 133 TYR A CB    1 
ATOM   862  C  CG    . TYR C 3 60  ? 12.959  0.447   -5.832  1.00 19.01 ? 133 TYR A CG    1 
ATOM   863  C  CD1   . TYR C 3 60  ? 14.345  0.696   -5.870  1.00 20.96 ? 133 TYR A CD1   1 
ATOM   864  C  CD2   . TYR C 3 60  ? 12.256  0.784   -4.662  1.00 18.10 ? 133 TYR A CD2   1 
ATOM   865  C  CE1   . TYR C 3 60  ? 15.013  1.243   -4.751  1.00 21.11 ? 133 TYR A CE1   1 
ATOM   866  C  CE2   . TYR C 3 60  ? 12.905  1.353   -3.549  1.00 19.96 ? 133 TYR A CE2   1 
ATOM   867  C  CZ    . TYR C 3 60  ? 14.273  1.598   -3.609  1.00 20.66 ? 133 TYR A CZ    1 
ATOM   868  O  OH    . TYR C 3 60  ? 14.888  2.131   -2.500  1.00 21.45 ? 133 TYR A OH    1 
ATOM   869  N  N     . PHE C 3 61  ? 10.869  -2.695  -5.478  1.00 14.78 ? 134 PHE A N     1 
ATOM   870  C  CA    . PHE C 3 61  ? 10.474  -3.306  -4.208  1.00 14.30 ? 134 PHE A CA    1 
ATOM   871  C  C     . PHE C 3 61  ? 10.544  -4.821  -4.157  1.00 14.83 ? 134 PHE A C     1 
ATOM   872  O  O     . PHE C 3 61  ? 10.386  -5.410  -3.083  1.00 14.43 ? 134 PHE A O     1 
ATOM   873  C  CB    . PHE C 3 61  ? 9.067   -2.826  -3.788  1.00 13.55 ? 134 PHE A CB    1 
ATOM   874  C  CG    . PHE C 3 61  ? 9.005   -1.366  -3.506  1.00 12.62 ? 134 PHE A CG    1 
ATOM   875  C  CD1   . PHE C 3 61  ? 8.507   -0.477  -4.442  1.00 14.98 ? 134 PHE A CD1   1 
ATOM   876  C  CD2   . PHE C 3 61  ? 9.555   -0.864  -2.318  1.00 14.95 ? 134 PHE A CD2   1 
ATOM   877  C  CE1   . PHE C 3 61  ? 8.488   0.904   -4.189  1.00 15.68 ? 134 PHE A CE1   1 
ATOM   878  C  CE2   . PHE C 3 61  ? 9.564   0.513   -2.065  1.00 15.61 ? 134 PHE A CE2   1 
ATOM   879  C  CZ    . PHE C 3 61  ? 9.026   1.397   -2.990  1.00 16.15 ? 134 PHE A CZ    1 
ATOM   880  N  N     . LYS C 3 62  ? 10.835  -5.447  -5.292  1.00 17.16 ? 135 LYS A N     1 
ATOM   881  C  CA    . LYS C 3 62  ? 10.894  -6.903  -5.357  1.00 19.61 ? 135 LYS A CA    1 
ATOM   882  C  C     . LYS C 3 62  ? 11.857  -7.580  -4.397  1.00 21.23 ? 135 LYS A C     1 
ATOM   883  O  O     . LYS C 3 62  ? 11.586  -8.690  -3.960  1.00 22.24 ? 135 LYS A O     1 
ATOM   884  C  CB    . LYS C 3 62  ? 11.023  -7.436  -6.797  1.00 19.49 ? 135 LYS A CB    1 
ATOM   885  C  CG    . LYS C 3 62  ? 9.818   -7.109  -7.668  1.00 19.21 ? 135 LYS A CG    1 
ATOM   886  C  CD    . LYS C 3 62  ? 9.937   -7.720  -9.052  1.00 19.57 ? 135 LYS A CD    1 
ATOM   887  C  CE    . LYS C 3 62  ? 8.759   -7.359  -9.933  1.00 19.72 ? 135 LYS A CE    1 
ATOM   888  N  NZ    . LYS C 3 62  ? 8.887   -8.067  -11.257 1.00 20.87 ? 135 LYS A NZ    1 
ATOM   889  N  N     . ASP C 3 63  ? 12.955  -6.920  -4.064  1.00 23.34 ? 136 ASP A N     1 
ATOM   890  C  CA    . ASP C 3 63  ? 13.907  -7.512  -3.139  1.00 26.26 ? 136 ASP A CA    1 
ATOM   891  C  C     . ASP C 3 63  ? 13.779  -6.874  -1.740  1.00 26.50 ? 136 ASP A C     1 
ATOM   892  O  O     . ASP C 3 63  ? 14.706  -6.929  -0.926  1.00 27.71 ? 136 ASP A O     1 
ATOM   893  C  CB    . ASP C 3 63  ? 15.337  -7.357  -3.683  1.00 26.75 ? 136 ASP A CB    1 
ATOM   894  C  CG    . ASP C 3 63  ? 15.769  -5.892  -3.840  1.00 31.17 ? 136 ASP A CG    1 
ATOM   895  O  OD1   . ASP C 3 63  ? 14.926  -4.958  -3.829  1.00 32.60 ? 136 ASP A OD1   1 
ATOM   896  O  OD2   . ASP C 3 63  ? 16.992  -5.670  -3.992  1.00 36.73 ? 136 ASP A OD2   1 
ATOM   897  N  N     . LYS C 3 64  ? 12.619  -6.295  -1.441  1.00 26.73 ? 137 LYS A N     1 
ATOM   898  C  CA    . LYS C 3 64  ? 12.413  -5.635  -0.140  1.00 26.32 ? 137 LYS A CA    1 
ATOM   899  C  C     . LYS C 3 64  ? 11.311  -6.199  0.741   1.00 26.98 ? 137 LYS A C     1 
ATOM   900  O  O     . LYS C 3 64  ? 10.915  -5.573  1.715   1.00 27.78 ? 137 LYS A O     1 
ATOM   901  C  CB    . LYS C 3 64  ? 12.223  -4.128  -0.351  1.00 26.56 ? 137 LYS A CB    1 
ATOM   902  C  CG    . LYS C 3 64  ? 13.441  -3.488  -0.975  1.00 26.37 ? 137 LYS A CG    1 
ATOM   903  C  CD    . LYS C 3 64  ? 13.327  -2.020  -1.148  1.00 29.34 ? 137 LYS A CD    1 
ATOM   904  C  CE    . LYS C 3 64  ? 14.639  -1.482  -1.712  1.00 28.99 ? 137 LYS A CE    1 
ATOM   905  N  NZ    . LYS C 3 64  ? 14.976  -2.048  -3.031  1.00 25.87 ? 137 LYS A NZ    1 
ATOM   906  N  N     . GLY C 3 65  ? 10.832  -7.393  0.432   1.00 28.10 ? 138 GLY A N     1 
ATOM   907  C  CA    . GLY C 3 65  ? 9.772   -8.003  1.226   1.00 28.91 ? 138 GLY A CA    1 
ATOM   908  C  C     . GLY C 3 65  ? 10.207  -8.426  2.620   1.00 30.53 ? 138 GLY A C     1 
ATOM   909  O  O     . GLY C 3 65  ? 9.382   -8.543  3.531   1.00 29.81 ? 138 GLY A O     1 
ATOM   910  N  N     . ASP C 3 66  ? 11.512  -8.611  2.799   1.00 31.48 ? 139 ASP A N     1 
ATOM   911  C  CA    . ASP C 3 66  ? 12.069  -9.042  4.075   1.00 33.35 ? 139 ASP A CA    1 
ATOM   912  C  C     . ASP C 3 66  ? 12.170  -7.981  5.194   1.00 33.01 ? 139 ASP A C     1 
ATOM   913  O  O     . ASP C 3 66  ? 12.470  -8.297  6.351   1.00 34.80 ? 139 ASP A O     1 
ATOM   914  C  CB    . ASP C 3 66  ? 13.397  -9.781  3.812   1.00 34.71 ? 139 ASP A CB    1 
ATOM   915  C  CG    . ASP C 3 66  ? 14.394  -8.963  2.959   1.00 38.91 ? 139 ASP A CG    1 
ATOM   916  O  OD1   . ASP C 3 66  ? 14.190  -7.741  2.723   1.00 42.93 ? 139 ASP A OD1   1 
ATOM   917  O  OD2   . ASP C 3 66  ? 15.404  -9.569  2.512   1.00 44.62 ? 139 ASP A OD2   1 
ATOM   918  N  N     . SER C 3 67  ? 11.850  -6.743  4.857   1.00 31.81 ? 140 SER A N     1 
ATOM   919  C  CA    . SER C 3 67  ? 11.907  -5.626  5.775   1.00 30.03 ? 140 SER A CA    1 
ATOM   920  C  C     . SER C 3 67  ? 10.775  -5.562  6.812   1.00 29.04 ? 140 SER A C     1 
ATOM   921  O  O     . SER C 3 67  ? 9.689   -6.123  6.608   1.00 28.11 ? 140 SER A O     1 
ATOM   922  C  CB    . SER C 3 67  ? 11.853  -4.347  4.954   1.00 30.87 ? 140 SER A CB    1 
ATOM   923  O  OG    . SER C 3 67  ? 10.645  -4.319  4.207   1.00 30.84 ? 140 SER A OG    1 
ATOM   924  N  N     . ASN C 3 68  ? 11.035  -4.881  7.925   1.00 26.97 ? 141 ASN A N     1 
ATOM   925  C  CA    . ASN C 3 68  ? 9.998   -4.734  8.949   1.00 25.35 ? 141 ASN A CA    1 
ATOM   926  C  C     . ASN C 3 68  ? 9.298   -3.382  8.712   1.00 23.77 ? 141 ASN A C     1 
ATOM   927  O  O     . ASN C 3 68  ? 9.640   -2.656  7.762   1.00 22.29 ? 141 ASN A O     1 
ATOM   928  C  CB    . ASN C 3 68  ? 10.543  -4.909  10.369  1.00 25.56 ? 141 ASN A CB    1 
ATOM   929  C  CG    . ASN C 3 68  ? 11.501  -3.823  10.778  1.00 27.39 ? 141 ASN A CG    1 
ATOM   930  O  OD1   . ASN C 3 68  ? 11.524  -2.722  10.208  1.00 26.74 ? 141 ASN A OD1   1 
ATOM   931  N  ND2   . ASN C 3 68  ? 12.279  -4.107  11.828  1.00 31.85 ? 141 ASN A ND2   1 
ATOM   932  N  N     . SER C 3 69  ? 8.316   -3.045  9.551   1.00 22.90 ? 142 SER A N     1 
ATOM   933  C  CA    . SER C 3 69  ? 7.549   -1.783  9.411   1.00 21.68 ? 142 SER A CA    1 
ATOM   934  C  C     . SER C 3 69  ? 8.305   -0.479  9.502   1.00 21.92 ? 142 SER A C     1 
ATOM   935  O  O     . SER C 3 69  ? 7.811   0.565   9.058   1.00 20.52 ? 142 SER A O     1 
ATOM   936  C  CB    . SER C 3 69  ? 6.304   -1.776  10.327  1.00 21.92 ? 142 SER A CB    1 
ATOM   937  O  OG    . SER C 3 69  ? 5.419   -2.778  9.878   1.00 21.80 ? 142 SER A OG    1 
ATOM   938  N  N     . SER C 3 70  ? 9.522   -0.529  10.053  1.00 21.88 ? 143 SER A N     1 
ATOM   939  C  CA    . SER C 3 70  ? 10.324  0.692   10.150  1.00 22.07 ? 143 SER A CA    1 
ATOM   940  C  C     . SER C 3 70  ? 10.954  1.014   8.784   1.00 21.05 ? 143 SER A C     1 
ATOM   941  O  O     . SER C 3 70  ? 11.525  2.084   8.614   1.00 21.69 ? 143 SER A O     1 
ATOM   942  C  CB    . SER C 3 70  ? 11.408  0.555   11.233  1.00 22.80 ? 143 SER A CB    1 
ATOM   943  O  OG    . SER C 3 70  ? 12.320  -0.473  10.879  1.00 25.85 ? 143 SER A OG    1 
ATOM   944  N  N     . ALA C 3 71  ? 10.872  0.087   7.816   1.00 20.10 ? 144 ALA A N     1 
ATOM   945  C  CA    . ALA C 3 71  ? 11.424  0.348   6.482   1.00 18.67 ? 144 ALA A CA    1 
ATOM   946  C  C     . ALA C 3 71  ? 10.815  1.671   6.043   1.00 18.78 ? 144 ALA A C     1 
ATOM   947  O  O     . ALA C 3 71  ? 9.588   1.879   6.189   1.00 17.85 ? 144 ALA A O     1 
ATOM   948  C  CB    . ALA C 3 71  ? 11.057  -0.763  5.505   1.00 19.19 ? 144 ALA A CB    1 
ATOM   949  N  N     . GLY C 3 72  ? 11.660  2.570   5.537   1.00 17.18 ? 145 GLY A N     1 
ATOM   950  C  CA    . GLY C 3 72  ? 11.239  3.896   5.085   1.00 16.52 ? 145 GLY A CA    1 
ATOM   951  C  C     . GLY C 3 72  ? 10.016  3.874   4.172   1.00 16.18 ? 145 GLY A C     1 
ATOM   952  O  O     . GLY C 3 72  ? 9.055   4.610   4.387   1.00 15.27 ? 145 GLY A O     1 
ATOM   953  N  N     . TRP C 3 73  ? 10.041  3.007   3.171   1.00 14.73 ? 146 TRP A N     1 
ATOM   954  C  CA    . TRP C 3 73  ? 8.933   2.930   2.225   1.00 14.07 ? 146 TRP A CA    1 
ATOM   955  C  C     . TRP C 3 73  ? 7.626   2.459   2.868   1.00 13.55 ? 146 TRP A C     1 
ATOM   956  O  O     . TRP C 3 73  ? 6.545   2.869   2.405   1.00 13.68 ? 146 TRP A O     1 
ATOM   957  C  CB    . TRP C 3 73  ? 9.300   2.087   1.003   1.00 14.16 ? 146 TRP A CB    1 
ATOM   958  C  CG    . TRP C 3 73  ? 9.556   0.636   1.260   1.00 14.62 ? 146 TRP A CG    1 
ATOM   959  C  CD1   . TRP C 3 73  ? 10.746  0.048   1.625   1.00 16.45 ? 146 TRP A CD1   1 
ATOM   960  C  CD2   . TRP C 3 73  ? 8.612   -0.431  1.108   1.00 15.98 ? 146 TRP A CD2   1 
ATOM   961  N  NE1   . TRP C 3 73  ? 10.588  -1.313  1.724   1.00 17.37 ? 146 TRP A NE1   1 
ATOM   962  C  CE2   . TRP C 3 73  ? 9.292   -1.637  1.400   1.00 16.33 ? 146 TRP A CE2   1 
ATOM   963  C  CE3   . TRP C 3 73  ? 7.249   -0.484  0.753   1.00 16.69 ? 146 TRP A CE3   1 
ATOM   964  C  CZ2   . TRP C 3 73  ? 8.664   -2.886  1.351   1.00 16.86 ? 146 TRP A CZ2   1 
ATOM   965  C  CZ3   . TRP C 3 73  ? 6.620   -1.734  0.702   1.00 16.90 ? 146 TRP A CZ3   1 
ATOM   966  C  CH2   . TRP C 3 73  ? 7.331   -2.920  1.015   1.00 15.80 ? 146 TRP A CH2   1 
ATOM   967  N  N     . LYS C 3 74  ? 7.709   1.583   3.875   1.00 12.03 ? 147 LYS A N     1 
ATOM   968  C  CA    . LYS C 3 74  ? 6.460   1.127   4.552   1.00 12.30 ? 147 LYS A CA    1 
ATOM   969  C  C     . LYS C 3 74  ? 5.873   2.279   5.362   1.00 12.70 ? 147 LYS A C     1 
ATOM   970  O  O     . LYS C 3 74  ? 4.666   2.476   5.379   1.00 12.26 ? 147 LYS A O     1 
ATOM   971  C  CB    . LYS C 3 74  ? 6.652   -0.127  5.407   1.00 12.40 ? 147 LYS A CB    1 
ATOM   972  C  CG    . LYS C 3 74  ? 6.964   -1.367  4.572   1.00 11.76 ? 147 LYS A CG    1 
ATOM   973  C  CD    . LYS C 3 74  ? 7.074   -2.599  5.462   1.00 10.44 ? 147 LYS A CD    1 
ATOM   974  C  CE    . LYS C 3 74  ? 7.243   -3.844  4.619   1.00 14.13 ? 147 LYS A CE    1 
ATOM   975  N  NZ    . LYS C 3 74  ? 7.367   -5.052  5.478   1.00 16.89 ? 147 LYS A NZ    1 
ATOM   976  N  N     . ASN C 3 75  ? 6.758   3.031   6.042   1.00 11.96 ? 148 ASN A N     1 
ATOM   977  C  CA    . ASN C 3 75  ? 6.375   4.189   6.846   1.00 11.62 ? 148 ASN A CA    1 
ATOM   978  C  C     . ASN C 3 75  ? 5.720   5.231   5.893   1.00 11.82 ? 148 ASN A C     1 
ATOM   979  O  O     . ASN C 3 75  ? 4.664   5.811   6.203   1.00 10.71 ? 148 ASN A O     1 
ATOM   980  C  CB    . ASN C 3 75  ? 7.656   4.717   7.521   1.00 12.09 ? 148 ASN A CB    1 
ATOM   981  C  CG    . ASN C 3 75  ? 7.398   5.825   8.527   1.00 14.81 ? 148 ASN A CG    1 
ATOM   982  O  OD1   . ASN C 3 75  ? 6.333   6.479   8.555   1.00 15.14 ? 148 ASN A OD1   1 
ATOM   983  N  ND2   . ASN C 3 75  ? 8.403   6.048   9.386   1.00 15.14 ? 148 ASN A ND2   1 
ATOM   984  N  N     . SER C 3 76  ? 6.317   5.429   4.721   1.00 9.87  ? 149 SER A N     1 
ATOM   985  C  CA    . SER C 3 76  ? 5.782   6.373   3.738   1.00 10.32 ? 149 SER A CA    1 
ATOM   986  C  C     . SER C 3 76  ? 4.376   5.943   3.283   1.00 10.12 ? 149 SER A C     1 
ATOM   987  O  O     . SER C 3 76  ? 3.521   6.789   3.105   1.00 10.26 ? 149 SER A O     1 
ATOM   988  C  CB    . SER C 3 76  ? 6.718   6.553   2.540   1.00 11.17 ? 149 SER A CB    1 
ATOM   989  O  OG    . SER C 3 76  ? 7.933   7.210   2.925   1.00 12.82 ? 149 SER A OG    1 
ATOM   990  N  N     . ILE C 3 77  ? 4.168   4.644   3.101   1.00 9.77  ? 150 ILE A N     1 
ATOM   991  C  CA    . ILE C 3 77  ? 2.833   4.120   2.716   1.00 10.83 ? 150 ILE A CA    1 
ATOM   992  C  C     . ILE C 3 77  ? 1.800   4.434   3.805   1.00 11.29 ? 150 ILE A C     1 
ATOM   993  O  O     . ILE C 3 77  ? 0.731   4.986   3.511   1.00 10.61 ? 150 ILE A O     1 
ATOM   994  C  CB    . ILE C 3 77  ? 2.880   2.640   2.381   1.00 10.25 ? 150 ILE A CB    1 
ATOM   995  C  CG1   . ILE C 3 77  ? 3.643   2.505   1.055   1.00 12.58 ? 150 ILE A CG1   1 
ATOM   996  C  CG2   . ILE C 3 77  ? 1.427   2.054   2.225   1.00 10.00 ? 150 ILE A CG2   1 
ATOM   997  C  CD1   . ILE C 3 77  ? 3.900   1.082   0.614   1.00 19.35 ? 150 ILE A CD1   1 
ATOM   998  N  N     . ARG C 3 78  ? 2.115   4.091   5.052   1.00 11.10 ? 151 ARG A N     1 
ATOM   999  C  CA    . ARG C 3 78  ? 1.201   4.364   6.172   1.00 11.75 ? 151 ARG A CA    1 
ATOM   1000 C  C     . ARG C 3 78  ? 0.898   5.859   6.244   1.00 12.34 ? 151 ARG A C     1 
ATOM   1001 O  O     . ARG C 3 78  ? -0.260  6.239   6.406   1.00 11.35 ? 151 ARG A O     1 
ATOM   1002 C  CB    . ARG C 3 78  ? 1.742   3.844   7.526   1.00 11.74 ? 151 ARG A CB    1 
ATOM   1003 C  CG    . ARG C 3 78  ? 1.987   2.331   7.568   1.00 10.83 ? 151 ARG A CG    1 
ATOM   1004 C  CD    . ARG C 3 78  ? 2.374   1.855   9.001   1.00 12.00 ? 151 ARG A CD    1 
ATOM   1005 N  NE    . ARG C 3 78  ? 3.595   2.492   9.515   1.00 13.64 ? 151 ARG A NE    1 
ATOM   1006 C  CZ    . ARG C 3 78  ? 4.827   2.052   9.279   1.00 13.81 ? 151 ARG A CZ    1 
ATOM   1007 N  NH1   . ARG C 3 78  ? 5.858   2.679   9.831   1.00 14.32 ? 151 ARG A NH1   1 
ATOM   1008 N  NH2   . ARG C 3 78  ? 5.040   0.976   8.511   1.00 12.03 ? 151 ARG A NH2   1 
ATOM   1009 N  N     . HIS C 3 79  ? 1.931   6.702   6.096   1.00 11.51 ? 152 HIS A N     1 
ATOM   1010 C  CA    . HIS C 3 79  ? 1.790   8.168   6.125   1.00 12.55 ? 152 HIS A CA    1 
ATOM   1011 C  C     . HIS C 3 79  ? 0.779   8.652   5.052   1.00 12.86 ? 152 HIS A C     1 
ATOM   1012 O  O     . HIS C 3 79  ? -0.108  9.506   5.339   1.00 12.67 ? 152 HIS A O     1 
ATOM   1013 C  CB    . HIS C 3 79  ? 3.179   8.823   5.932   1.00 12.84 ? 152 HIS A CB    1 
ATOM   1014 C  CG    . HIS C 3 79  ? 3.158   10.325  5.913   1.00 13.59 ? 152 HIS A CG    1 
ATOM   1015 N  ND1   . HIS C 3 79  ? 3.065   11.222  6.917   1.00 9.94  ? 152 HIS A ND1   1 
ATOM   1016 C  CD2   . HIS C 3 79  ? 3.188   11.059  4.746   1.00 15.58 ? 152 HIS A CD2   1 
ATOM   1017 C  CE1   . HIS C 3 79  ? 3.066   12.473  6.345   1.00 15.60 ? 152 HIS A CE1   1 
ATOM   1018 N  NE2   . HIS C 3 79  ? 3.130   12.345  5.035   1.00 11.06 ? 152 HIS A NE2   1 
ATOM   1019 N  N     . ASN C 3 80  ? 0.946   8.147   3.829   1.00 12.67 ? 153 ASN A N     1 
ATOM   1020 C  CA    . ASN C 3 80  ? 0.051   8.497   2.712   1.00 13.48 ? 153 ASN A CA    1 
ATOM   1021 C  C     . ASN C 3 80  ? -1.390  8.070   2.950   1.00 13.50 ? 153 ASN A C     1 
ATOM   1022 O  O     . ASN C 3 80  ? -2.316  8.823   2.618   1.00 14.03 ? 153 ASN A O     1 
ATOM   1023 C  CB    . ASN C 3 80  ? 0.500   7.986   1.327   1.00 12.72 ? 153 ASN A CB    1 
ATOM   1024 C  CG    . ASN C 3 80  ? 1.567   8.860   0.665   1.00 15.00 ? 153 ASN A CG    1 
ATOM   1025 O  OD1   . ASN C 3 80  ? 1.214   9.649   -0.221  1.00 15.08 ? 153 ASN A OD1   1 
ATOM   1026 N  ND2   . ASN C 3 80  ? 2.817   8.808   1.132   1.00 13.97 ? 153 ASN A ND2   1 
ATOM   1027 N  N     . LEU C 3 81  ? -1.561  6.844   3.440   1.00 13.21 ? 154 LEU A N     1 
ATOM   1028 C  CA    . LEU C 3 81  ? -2.917  6.330   3.734   1.00 14.90 ? 154 LEU A CA    1 
ATOM   1029 C  C     . LEU C 3 81  ? -3.680  7.247   4.689   1.00 16.42 ? 154 LEU A C     1 
ATOM   1030 O  O     . LEU C 3 81  ? -4.878  7.513   4.490   1.00 16.37 ? 154 LEU A O     1 
ATOM   1031 C  CB    . LEU C 3 81  ? -2.843  4.894   4.261   1.00 13.52 ? 154 LEU A CB    1 
ATOM   1032 C  CG    . LEU C 3 81  ? -2.494  3.796   3.235   1.00 14.09 ? 154 LEU A CG    1 
ATOM   1033 C  CD1   . LEU C 3 81  ? -2.180  2.492   3.903   1.00 12.85 ? 154 LEU A CD1   1 
ATOM   1034 C  CD2   . LEU C 3 81  ? -3.628  3.633   2.202   1.00 16.71 ? 154 LEU A CD2   1 
ATOM   1035 N  N     . SER C 3 82  ? -2.991  7.741   5.721   1.00 16.56 ? 155 SER A N     1 
ATOM   1036 C  CA    . SER C 3 82  ? -3.621  8.646   6.695   1.00 18.57 ? 155 SER A CA    1 
ATOM   1037 C  C     . SER C 3 82  ? -3.771  10.074  6.243   1.00 19.68 ? 155 SER A C     1 
ATOM   1038 O  O     . SER C 3 82  ? -4.759  10.739  6.569   1.00 20.14 ? 155 SER A O     1 
ATOM   1039 C  CB    . SER C 3 82  ? -2.799  8.708   7.998   1.00 17.42 ? 155 SER A CB    1 
ATOM   1040 O  OG    . SER C 3 82  ? -2.764  7.469   8.628   1.00 19.82 ? 155 SER A OG    1 
ATOM   1041 N  N     . LEU C 3 83  ? -2.770  10.564  5.516   1.00 22.02 ? 156 LEU A N     1 
ATOM   1042 C  CA    . LEU C 3 83  ? -2.743  11.942  5.055   1.00 23.13 ? 156 LEU A CA    1 
ATOM   1043 C  C     . LEU C 3 83  ? -3.798  12.295  4.031   1.00 24.14 ? 156 LEU A C     1 
ATOM   1044 O  O     . LEU C 3 83  ? -4.461  13.344  4.154   1.00 24.50 ? 156 LEU A O     1 
ATOM   1045 C  CB    . LEU C 3 83  ? -1.359  12.263  4.443   1.00 23.68 ? 156 LEU A CB    1 
ATOM   1046 C  CG    . LEU C 3 83  ? -1.096  13.732  4.078   1.00 24.44 ? 156 LEU A CG    1 
ATOM   1047 C  CD1   . LEU C 3 83  ? -1.049  14.522  5.394   1.00 28.22 ? 156 LEU A CD1   1 
ATOM   1048 C  CD2   . LEU C 3 83  ? 0.228   13.901  3.347   1.00 23.99 ? 156 LEU A CD2   1 
ATOM   1049 N  N     . HIS C 3 84  ? -3.965  11.431  3.033   1.00 23.88 ? 157 HIS A N     1 
ATOM   1050 C  CA    . HIS C 3 84  ? -4.916  11.699  1.972   1.00 25.23 ? 157 HIS A CA    1 
ATOM   1051 C  C     . HIS C 3 84  ? -6.325  11.203  2.241   1.00 25.50 ? 157 HIS A C     1 
ATOM   1052 O  O     . HIS C 3 84  ? -6.522  10.041  2.517   1.00 23.64 ? 157 HIS A O     1 
ATOM   1053 C  CB    . HIS C 3 84  ? -4.382  11.143  0.644   1.00 24.73 ? 157 HIS A CB    1 
ATOM   1054 C  CG    . HIS C 3 84  ? -2.982  11.584  0.368   1.00 27.67 ? 157 HIS A CG    1 
ATOM   1055 N  ND1   . HIS C 3 84  ? -2.667  12.890  0.066   1.00 30.21 ? 157 HIS A ND1   1 
ATOM   1056 C  CD2   . HIS C 3 84  ? -1.808  10.904  0.377   1.00 26.99 ? 157 HIS A CD2   1 
ATOM   1057 C  CE1   . HIS C 3 84  ? -1.356  12.999  -0.086  1.00 29.07 ? 157 HIS A CE1   1 
ATOM   1058 N  NE2   . HIS C 3 84  ? -0.814  11.810  0.091   1.00 27.63 ? 157 HIS A NE2   1 
ATOM   1059 N  N     . SER C 3 85  ? -7.290  12.123  2.148   1.00 26.96 ? 158 SER A N     1 
ATOM   1060 C  CA    . SER C 3 85  ? -8.702  11.804  2.365   1.00 27.83 ? 158 SER A CA    1 
ATOM   1061 C  C     . SER C 3 85  ? -9.199  10.790  1.326   1.00 28.26 ? 158 SER A C     1 
ATOM   1062 O  O     . SER C 3 85  ? -10.172 10.067  1.598   1.00 28.41 ? 158 SER A O     1 
ATOM   1063 C  CB    . SER C 3 85  ? -9.561  13.061  2.286   1.00 27.88 ? 158 SER A CB    1 
ATOM   1064 O  OG    . SER C 3 85  ? -9.446  13.624  0.990   1.00 30.15 ? 158 SER A OG    1 
ATOM   1065 N  N     . LYS C 3 86  ? -8.529  10.725  0.165   1.00 28.48 ? 159 LYS A N     1 
ATOM   1066 C  CA    . LYS C 3 86  ? -8.905  9.772   -0.904  1.00 28.80 ? 159 LYS A CA    1 
ATOM   1067 C  C     . LYS C 3 86  ? -8.786  8.310   -0.458  1.00 27.02 ? 159 LYS A C     1 
ATOM   1068 O  O     . LYS C 3 86  ? -9.363  7.422   -1.084  1.00 27.89 ? 159 LYS A O     1 
ATOM   1069 C  CB    . LYS C 3 86  ? -8.145  10.013  -2.222  1.00 29.28 ? 159 LYS A CB    1 
ATOM   1070 C  CG    . LYS C 3 86  ? -6.625  9.880   -2.184  1.00 31.49 ? 159 LYS A CG    1 
ATOM   1071 C  CD    . LYS C 3 86  ? -5.977  10.049  -3.595  1.00 31.56 ? 159 LYS A CD    1 
ATOM   1072 C  CE    . LYS C 3 86  ? -6.419  8.933   -4.589  1.00 35.93 ? 159 LYS A CE    1 
ATOM   1073 N  NZ    . LYS C 3 86  ? -5.828  9.012   -5.988  1.00 34.80 ? 159 LYS A NZ    1 
ATOM   1074 N  N     . PHE C 3 87  ? -8.041  8.045   0.617   1.00 24.55 ? 160 PHE A N     1 
ATOM   1075 C  CA    . PHE C 3 87  ? -7.927  6.667   1.098   1.00 22.18 ? 160 PHE A CA    1 
ATOM   1076 C  C     . PHE C 3 87  ? -8.825  6.547   2.302   1.00 22.32 ? 160 PHE A C     1 
ATOM   1077 O  O     . PHE C 3 87  ? -8.687  7.317   3.250   1.00 22.43 ? 160 PHE A O     1 
ATOM   1078 C  CB    . PHE C 3 87  ? -6.476  6.252   1.448   1.00 20.65 ? 160 PHE A CB    1 
ATOM   1079 C  CG    . PHE C 3 87  ? -5.529  6.381   0.294   1.00 18.58 ? 160 PHE A CG    1 
ATOM   1080 C  CD1   . PHE C 3 87  ? -4.500  7.318   0.307   1.00 16.01 ? 160 PHE A CD1   1 
ATOM   1081 C  CD2   . PHE C 3 87  ? -5.736  5.624   -0.858  1.00 18.14 ? 160 PHE A CD2   1 
ATOM   1082 C  CE1   . PHE C 3 87  ? -3.642  7.452   -0.782  1.00 17.33 ? 160 PHE A CE1   1 
ATOM   1083 C  CE2   . PHE C 3 87  ? -4.902  5.757   -1.961  1.00 18.17 ? 160 PHE A CE2   1 
ATOM   1084 C  CZ    . PHE C 3 87  ? -3.861  6.675   -1.933  1.00 17.97 ? 160 PHE A CZ    1 
ATOM   1085 N  N     . ILE C 3 88  ? -9.756  5.599   2.252   1.00 21.23 ? 161 ILE A N     1 
ATOM   1086 C  CA    . ILE C 3 88  ? -10.688 5.387   3.364   1.00 22.80 ? 161 ILE A CA    1 
ATOM   1087 C  C     . ILE C 3 88  ? -10.488 4.049   4.064   1.00 20.16 ? 161 ILE A C     1 
ATOM   1088 O  O     . ILE C 3 88  ? -10.374 3.001   3.435   1.00 19.50 ? 161 ILE A O     1 
ATOM   1089 C  CB    . ILE C 3 88  ? -12.175 5.566   2.948   1.00 22.78 ? 161 ILE A CB    1 
ATOM   1090 C  CG1   . ILE C 3 88  ? -12.563 4.552   1.871   1.00 25.33 ? 161 ILE A CG1   1 
ATOM   1091 C  CG2   . ILE C 3 88  ? -12.410 6.993   2.447   1.00 25.63 ? 161 ILE A CG2   1 
ATOM   1092 C  CD1   . ILE C 3 88  ? -14.017 4.656   1.399   1.00 26.60 ? 161 ILE A CD1   1 
ATOM   1093 N  N     . LYS C 3 89  ? -10.499 4.116   5.384   1.00 19.12 ? 162 LYS A N     1 
ATOM   1094 C  CA    . LYS C 3 89  ? -10.300 2.963   6.250   1.00 19.29 ? 162 LYS A CA    1 
ATOM   1095 C  C     . LYS C 3 89  ? -11.651 2.351   6.633   1.00 19.30 ? 162 LYS A C     1 
ATOM   1096 O  O     . LYS C 3 89  ? -12.548 3.078   7.076   1.00 18.90 ? 162 LYS A O     1 
ATOM   1097 C  CB    . LYS C 3 89  ? -9.569  3.479   7.496   1.00 19.87 ? 162 LYS A CB    1 
ATOM   1098 C  CG    . LYS C 3 89  ? -9.113  2.437   8.482   1.00 21.61 ? 162 LYS A CG    1 
ATOM   1099 C  CD    . LYS C 3 89  ? -8.415  3.087   9.668   1.00 20.21 ? 162 LYS A CD    1 
ATOM   1100 C  CE    . LYS C 3 89  ? -9.361  4.030   10.399  1.00 26.15 ? 162 LYS A CE    1 
ATOM   1101 N  NZ    . LYS C 3 89  ? -8.731  4.675   11.555  1.00 28.45 ? 162 LYS A NZ    1 
ATOM   1102 N  N     . VAL C 3 90  ? -11.786 1.036   6.456   1.00 17.98 ? 163 VAL A N     1 
ATOM   1103 C  CA    . VAL C 3 90  ? -13.028 0.316   6.788   1.00 19.31 ? 163 VAL A CA    1 
ATOM   1104 C  C     . VAL C 3 90  ? -12.735 -0.874  7.705   1.00 19.36 ? 163 VAL A C     1 
ATOM   1105 O  O     . VAL C 3 90  ? -11.766 -1.621  7.492   1.00 18.53 ? 163 VAL A O     1 
ATOM   1106 C  CB    . VAL C 3 90  ? -13.725 -0.216  5.493   1.00 19.07 ? 163 VAL A CB    1 
ATOM   1107 C  CG1   . VAL C 3 90  ? -15.073 -0.882  5.819   1.00 20.44 ? 163 VAL A CG1   1 
ATOM   1108 C  CG2   . VAL C 3 90  ? -13.855 0.914   4.427   1.00 19.73 ? 163 VAL A CG2   1 
ATOM   1109 N  N     . HIS C 3 91  ? -13.586 -1.064  8.721   1.00 20.34 ? 164 HIS A N     1 
ATOM   1110 C  CA    . HIS C 3 91  ? -13.427 -2.174  9.651   1.00 22.04 ? 164 HIS A CA    1 
ATOM   1111 C  C     . HIS C 3 91  ? -13.366 -3.517  8.932   1.00 22.88 ? 164 HIS A C     1 
ATOM   1112 O  O     . HIS C 3 91  ? -14.101 -3.744  7.959   1.00 22.74 ? 164 HIS A O     1 
ATOM   1113 C  CB    . HIS C 3 91  ? -14.574 -2.193  10.672  1.00 23.48 ? 164 HIS A CB    1 
ATOM   1114 C  CG    . HIS C 3 91  ? -14.528 -3.366  11.593  1.00 24.31 ? 164 HIS A CG    1 
ATOM   1115 N  ND1   . HIS C 3 91  ? -15.259 -4.515  11.368  1.00 26.41 ? 164 HIS A ND1   1 
ATOM   1116 C  CD2   . HIS C 3 91  ? -13.784 -3.603  12.699  1.00 24.70 ? 164 HIS A CD2   1 
ATOM   1117 C  CE1   . HIS C 3 91  ? -15.002 -5.392  12.324  1.00 26.35 ? 164 HIS A CE1   1 
ATOM   1118 N  NE2   . HIS C 3 91  ? -14.113 -4.862  13.146  1.00 27.81 ? 164 HIS A NE2   1 
ATOM   1119 N  N     . ASN C 3 92  ? -12.475 -4.389  9.405   1.00 23.69 ? 165 ASN A N     1 
ATOM   1120 C  CA    . ASN C 3 92  ? -12.277 -5.726  8.864   1.00 25.32 ? 165 ASN A CA    1 
ATOM   1121 C  C     . ASN C 3 92  ? -12.732 -6.773  9.893   1.00 27.40 ? 165 ASN A C     1 
ATOM   1122 O  O     . ASN C 3 92  ? -12.180 -6.834  10.993  1.00 26.52 ? 165 ASN A O     1 
ATOM   1123 C  CB    . ASN C 3 92  ? -10.798 -5.923  8.528   1.00 25.24 ? 165 ASN A CB    1 
ATOM   1124 C  CG    . ASN C 3 92  ? -10.498 -7.253  7.883   1.00 25.02 ? 165 ASN A CG    1 
ATOM   1125 O  OD1   . ASN C 3 92  ? -11.322 -8.186  7.881   1.00 25.91 ? 165 ASN A OD1   1 
ATOM   1126 N  ND2   . ASN C 3 92  ? -9.298  -7.360  7.319   1.00 21.35 ? 165 ASN A ND2   1 
ATOM   1127 N  N     . GLU C 3 93  ? -13.728 -7.586  9.523   1.00 29.50 ? 166 GLU A N     1 
ATOM   1128 C  CA    . GLU C 3 93  ? -14.295 -8.655  10.389  1.00 32.93 ? 166 GLU A CA    1 
ATOM   1129 C  C     . GLU C 3 93  ? -13.309 -9.766  10.787  1.00 33.64 ? 166 GLU A C     1 
ATOM   1130 O  O     . GLU C 3 93  ? -13.472 -10.385 11.846  1.00 33.81 ? 166 GLU A O     1 
ATOM   1131 C  CB    . GLU C 3 93  ? -15.523 -9.327  9.716   1.00 32.40 ? 166 GLU A CB    1 
ATOM   1132 C  CG    . GLU C 3 93  ? -16.739 -8.426  9.485   1.00 34.90 ? 166 GLU A CG    1 
ATOM   1133 C  CD    . GLU C 3 93  ? -17.908 -9.088  8.674   1.00 35.93 ? 166 GLU A CD    1 
ATOM   1134 O  OE1   . GLU C 3 93  ? -17.701 -10.029 7.862   1.00 37.88 ? 166 GLU A OE1   1 
ATOM   1135 O  OE2   . GLU C 3 93  ? -19.053 -8.617  8.815   1.00 40.63 ? 166 GLU A OE2   1 
ATOM   1136 N  N     . ALA C 3 94  ? -12.328 -10.047 9.932   1.00 34.74 ? 167 ALA A N     1 
ATOM   1137 C  CA    . ALA C 3 94  ? -11.321 -11.098 10.195  1.00 36.09 ? 167 ALA A CA    1 
ATOM   1138 C  C     . ALA C 3 94  ? -10.519 -10.817 11.478  1.00 37.01 ? 167 ALA A C     1 
ATOM   1139 O  O     . ALA C 3 94  ? -9.687  -9.916  11.526  1.00 37.46 ? 167 ALA A O     1 
ATOM   1140 C  CB    . ALA C 3 94  ? -10.407 -11.282 8.984   1.00 35.67 ? 167 ALA A CB    1 
ATOM   1141 N  N     . THR C 3 95  ? -10.793 -11.618 12.509  1.00 38.53 ? 168 THR A N     1 
ATOM   1142 C  CA    . THR C 3 95  ? -10.176 -11.514 13.862  1.00 39.05 ? 168 THR A CA    1 
ATOM   1143 C  C     . THR C 3 95  ? -8.759  -10.974 14.056  1.00 38.84 ? 168 THR A C     1 
ATOM   1144 O  O     . THR C 3 95  ? -8.559  -10.033 14.856  1.00 39.24 ? 168 THR A O     1 
ATOM   1145 C  CB    . THR C 3 95  ? -10.336 -12.826 14.698  1.00 39.52 ? 168 THR A CB    1 
ATOM   1146 O  OG1   . THR C 3 95  ? -9.812  -13.926 13.944  1.00 41.00 ? 168 THR A OG1   1 
ATOM   1147 C  CG2   . THR C 3 95  ? -11.810 -13.090 15.039  1.00 38.90 ? 168 THR A CG2   1 
ATOM   1148 N  N     . GLY C 3 96  ? -7.785  -11.559 13.361  1.00 37.95 ? 169 GLY A N     1 
ATOM   1149 C  CA    . GLY C 3 96  ? -6.403  -11.099 13.509  1.00 37.04 ? 169 GLY A CA    1 
ATOM   1150 C  C     . GLY C 3 96  ? -5.865  -10.261 12.368  1.00 36.32 ? 169 GLY A C     1 
ATOM   1151 O  O     . GLY C 3 96  ? -4.650  -10.248 12.134  1.00 36.65 ? 169 GLY A O     1 
ATOM   1152 N  N     . LYS C 3 97  ? -6.755  -9.558  11.656  1.00 34.17 ? 170 LYS A N     1 
ATOM   1153 C  CA    . LYS C 3 97  ? -6.333  -8.725  10.532  1.00 32.20 ? 170 LYS A CA    1 
ATOM   1154 C  C     . LYS C 3 97  ? -6.720  -7.267  10.745  1.00 29.60 ? 170 LYS A C     1 
ATOM   1155 O  O     . LYS C 3 97  ? -7.689  -6.969  11.444  1.00 30.18 ? 170 LYS A O     1 
ATOM   1156 C  CB    . LYS C 3 97  ? -6.859  -9.282  9.203   1.00 33.18 ? 170 LYS A CB    1 
ATOM   1157 C  CG    . LYS C 3 97  ? -6.353  -10.708 8.918   1.00 36.01 ? 170 LYS A CG    1 
ATOM   1158 C  CD    . LYS C 3 97  ? -6.934  -11.253 7.637   1.00 41.42 ? 170 LYS A CD    1 
ATOM   1159 C  CE    . LYS C 3 97  ? -6.475  -12.683 7.340   1.00 44.18 ? 170 LYS A CE    1 
ATOM   1160 N  NZ    . LYS C 3 97  ? -7.109  -13.192 6.074   1.00 45.31 ? 170 LYS A NZ    1 
ATOM   1161 N  N     . SER C 3 98  ? -5.958  -6.361  10.133  1.00 25.61 ? 171 SER A N     1 
ATOM   1162 C  CA    . SER C 3 98  ? -6.197  -4.924  10.270  1.00 22.33 ? 171 SER A CA    1 
ATOM   1163 C  C     . SER C 3 98  ? -7.289  -4.406  9.319   1.00 19.84 ? 171 SER A C     1 
ATOM   1164 O  O     . SER C 3 98  ? -7.915  -5.201  8.609   1.00 19.59 ? 171 SER A O     1 
ATOM   1165 C  CB    . SER C 3 98  ? -4.880  -4.165  10.101  1.00 21.87 ? 171 SER A CB    1 
ATOM   1166 O  OG    . SER C 3 98  ? -4.311  -4.398  8.821   1.00 23.09 ? 171 SER A OG    1 
ATOM   1167 N  N     . SER C 3 99  ? -7.453  -3.089  9.257   1.00 17.53 ? 172 SER A N     1 
ATOM   1168 C  CA    . SER C 3 99  ? -8.493  -2.462  8.429   1.00 16.86 ? 172 SER A CA    1 
ATOM   1169 C  C     . SER C 3 99  ? -8.365  -2.619  6.920   1.00 15.99 ? 172 SER A C     1 
ATOM   1170 O  O     . SER C 3 99  ? -7.274  -2.824  6.365   1.00 14.02 ? 172 SER A O     1 
ATOM   1171 C  CB    . SER C 3 99  ? -8.529  -0.952  8.698   1.00 16.99 ? 172 SER A CB    1 
ATOM   1172 O  OG    . SER C 3 99  ? -8.685  -0.674  10.074  1.00 20.64 ? 172 SER A OG    1 
ATOM   1173 N  N     . TRP C 3 100 ? -9.511  -2.541  6.242   1.00 15.33 ? 173 TRP A N     1 
ATOM   1174 C  CA    . TRP C 3 100 ? -9.495  -2.590  4.803   1.00 14.54 ? 173 TRP A CA    1 
ATOM   1175 C  C     . TRP C 3 100 ? -9.275  -1.170  4.340   1.00 14.54 ? 173 TRP A C     1 
ATOM   1176 O  O     . TRP C 3 100 ? -9.837  -0.258  4.917   1.00 15.37 ? 173 TRP A O     1 
ATOM   1177 C  CB    . TRP C 3 100 ? -10.838 -3.053  4.204   1.00 14.60 ? 173 TRP A CB    1 
ATOM   1178 C  CG    . TRP C 3 100 ? -11.148 -4.454  4.482   1.00 14.74 ? 173 TRP A CG    1 
ATOM   1179 C  CD1   . TRP C 3 100 ? -12.055 -4.941  5.395   1.00 15.04 ? 173 TRP A CD1   1 
ATOM   1180 C  CD2   . TRP C 3 100 ? -10.528 -5.595  3.876   1.00 15.61 ? 173 TRP A CD2   1 
ATOM   1181 N  NE1   . TRP C 3 100 ? -12.051 -6.319  5.364   1.00 14.98 ? 173 TRP A NE1   1 
ATOM   1182 C  CE2   . TRP C 3 100 ? -11.127 -6.747  4.447   1.00 15.42 ? 173 TRP A CE2   1 
ATOM   1183 C  CE3   . TRP C 3 100 ? -9.534  -5.760  2.892   1.00 14.80 ? 173 TRP A CE3   1 
ATOM   1184 C  CZ2   . TRP C 3 100 ? -10.762 -8.040  4.074   1.00 15.03 ? 173 TRP A CZ2   1 
ATOM   1185 C  CZ3   . TRP C 3 100 ? -9.178  -7.041  2.516   1.00 15.41 ? 173 TRP A CZ3   1 
ATOM   1186 C  CH2   . TRP C 3 100 ? -9.775  -8.166  3.105   1.00 15.91 ? 173 TRP A CH2   1 
ATOM   1187 N  N     . TRP C 3 101 ? -8.467  -0.973  3.296   1.00 13.65 ? 174 TRP A N     1 
ATOM   1188 C  CA    . TRP C 3 101 ? -8.240  0.360   2.748   1.00 14.32 ? 174 TRP A CA    1 
ATOM   1189 C  C     . TRP C 3 101 ? -8.904  0.424   1.368   1.00 15.30 ? 174 TRP A C     1 
ATOM   1190 O  O     . TRP C 3 101 ? -8.733  -0.476  0.558   1.00 14.87 ? 174 TRP A O     1 
ATOM   1191 C  CB    . TRP C 3 101 ? -6.752  0.712   2.648   1.00 13.34 ? 174 TRP A CB    1 
ATOM   1192 C  CG    . TRP C 3 101 ? -6.165  0.971   4.004   1.00 12.67 ? 174 TRP A CG    1 
ATOM   1193 C  CD1   . TRP C 3 101 ? -5.513  0.104   4.817   1.00 12.31 ? 174 TRP A CD1   1 
ATOM   1194 C  CD2   . TRP C 3 101 ? -6.228  2.216   4.687   1.00 12.05 ? 174 TRP A CD2   1 
ATOM   1195 N  NE1   . TRP C 3 101 ? -5.145  0.750   5.990   1.00 10.98 ? 174 TRP A NE1   1 
ATOM   1196 C  CE2   . TRP C 3 101 ? -5.577  2.048   5.931   1.00 12.04 ? 174 TRP A CE2   1 
ATOM   1197 C  CE3   . TRP C 3 101 ? -6.784  3.470   4.370   1.00 10.38 ? 174 TRP A CE3   1 
ATOM   1198 C  CZ2   . TRP C 3 101 ? -5.455  3.092   6.869   1.00 11.16 ? 174 TRP A CZ2   1 
ATOM   1199 C  CZ3   . TRP C 3 101 ? -6.659  4.515   5.296   1.00 11.43 ? 174 TRP A CZ3   1 
ATOM   1200 C  CH2   . TRP C 3 101 ? -5.993  4.314   6.531   1.00 11.66 ? 174 TRP A CH2   1 
ATOM   1201 N  N     . MET C 3 102 ? -9.642  1.495   1.113   1.00 16.83 ? 175 MET A N     1 
ATOM   1202 C  CA    . MET C 3 102 ? -10.312 1.638   -0.171  1.00 20.38 ? 175 MET A CA    1 
ATOM   1203 C  C     . MET C 3 102 ? -10.122 3.056   -0.674  1.00 21.26 ? 175 MET A C     1 
ATOM   1204 O  O     . MET C 3 102 ? -9.643  3.926   0.064   1.00 20.60 ? 175 MET A O     1 
ATOM   1205 C  CB    . MET C 3 102 ? -11.820 1.371   -0.011  1.00 19.38 ? 175 MET A CB    1 
ATOM   1206 C  CG    . MET C 3 102 ? -12.116 0.070   0.654   1.00 22.90 ? 175 MET A CG    1 
ATOM   1207 S  SD    . MET C 3 102 ? -13.902 -0.295  0.732   1.00 24.27 ? 175 MET A SD    1 
ATOM   1208 C  CE    . MET C 3 102 ? -14.282 -0.625  -1.001  1.00 25.58 ? 175 MET A CE    1 
ATOM   1209 N  N     . LEU C 3 103 ? -10.488 3.281   -1.934  1.00 23.09 ? 176 LEU A N     1 
ATOM   1210 C  CA    . LEU C 3 103 ? -10.377 4.600   -2.545  1.00 26.92 ? 176 LEU A CA    1 
ATOM   1211 C  C     . LEU C 3 103 ? -11.667 5.395   -2.398  1.00 29.49 ? 176 LEU A C     1 
ATOM   1212 O  O     . LEU C 3 103 ? -12.763 4.829   -2.470  1.00 30.45 ? 176 LEU A O     1 
ATOM   1213 C  CB    . LEU C 3 103 ? -10.053 4.485   -4.024  1.00 27.12 ? 176 LEU A CB    1 
ATOM   1214 C  CG    . LEU C 3 103 ? -8.707  3.889   -4.411  1.00 28.07 ? 176 LEU A CG    1 
ATOM   1215 C  CD1   . LEU C 3 103 ? -8.623  3.680   -5.888  1.00 31.74 ? 176 LEU A CD1   1 
ATOM   1216 C  CD2   . LEU C 3 103 ? -7.636  4.830   -3.952  1.00 30.60 ? 176 LEU A CD2   1 
ATOM   1217 N  N     . ASN C 3 104 ? -11.482 6.707   -2.246  1.00 32.24 ? 177 ASN A N     1 
ATOM   1218 C  CA    . ASN C 3 104 ? -12.510 7.757   -2.083  1.00 35.01 ? 177 ASN A CA    1 
ATOM   1219 C  C     . ASN C 3 104 ? -12.826 8.094   -0.640  1.00 36.09 ? 177 ASN A C     1 
ATOM   1220 O  O     . ASN C 3 104 ? -12.433 9.168   -0.151  1.00 38.29 ? 177 ASN A O     1 
ATOM   1221 C  CB    . ASN C 3 104 ? -13.776 7.488   -2.886  1.00 35.64 ? 177 ASN A CB    1 
ATOM   1222 C  CG    . ASN C 3 104 ? -13.527 7.479   -4.373  1.00 37.90 ? 177 ASN A CG    1 
ATOM   1223 O  OD1   . ASN C 3 104 ? -12.407 7.738   -4.841  1.00 38.27 ? 177 ASN A OD1   1 
ATOM   1224 N  ND2   . ASN C 3 104 ? -14.582 7.197   -5.139  1.00 39.37 ? 177 ASN A ND2   1 
HETATM 1225 MG MG    . MG  D 4 .   ? 20.584  19.888  0.755   1.00 20.97 ? 2   MG  C MG    1 
HETATM 1226 MG MG    . MG  E 4 .   ? -7.060  8.525   4.807   1.00 29.99 ? 1   MG  A MG    1 
HETATM 1227 O  O     . HOH F 5 .   ? 12.111  14.002  1.059   1.00 30.59 ? 14  HOH B O     1 
HETATM 1228 O  O     . HOH F 5 .   ? 3.562   13.607  2.339   1.00 29.68 ? 15  HOH B O     1 
HETATM 1229 O  O     . HOH F 5 .   ? -7.128  6.424   26.196  1.00 16.50 ? 16  HOH B O     1 
HETATM 1230 O  O     . HOH F 5 .   ? 6.464   8.743   6.592   1.00 13.51 ? 17  HOH B O     1 
HETATM 1231 O  O     . HOH F 5 .   ? 5.811   2.960   18.847  1.00 26.21 ? 18  HOH B O     1 
HETATM 1232 O  O     . HOH F 5 .   ? 4.548   10.855  -0.215  1.00 20.53 ? 19  HOH B O     1 
HETATM 1233 O  O     . HOH F 5 .   ? 7.868   25.484  1.924   1.00 22.15 ? 20  HOH B O     1 
HETATM 1234 O  O     . HOH F 5 .   ? 11.376  13.502  12.075  1.00 25.41 ? 21  HOH B O     1 
HETATM 1235 O  O     . HOH F 5 .   ? 12.629  13.746  7.594   1.00 25.60 ? 22  HOH B O     1 
HETATM 1236 O  O     . HOH F 5 .   ? 8.111   12.830  15.130  1.00 24.26 ? 23  HOH B O     1 
HETATM 1237 O  O     . HOH F 5 .   ? 11.336  6.769   7.006   1.00 15.78 ? 24  HOH B O     1 
HETATM 1238 O  O     . HOH F 5 .   ? -3.546  4.586   17.964  1.00 23.80 ? 25  HOH B O     1 
HETATM 1239 O  O     . HOH F 5 .   ? 2.226   -0.421  24.396  1.00 26.51 ? 26  HOH B O     1 
HETATM 1240 O  O     . HOH F 5 .   ? -3.751  0.027   17.264  1.00 25.27 ? 27  HOH B O     1 
HETATM 1241 O  O     . HOH F 5 .   ? 8.507   6.357   14.335  1.00 26.63 ? 28  HOH B O     1 
HETATM 1242 O  O     . HOH F 5 .   ? 11.840  6.293   11.675  1.00 22.99 ? 29  HOH B O     1 
HETATM 1243 O  O     . HOH F 5 .   ? 0.236   12.407  -3.290  1.00 26.74 ? 30  HOH B O     1 
HETATM 1244 O  O     . HOH F 5 .   ? 3.418   19.250  3.937   1.00 20.25 ? 31  HOH B O     1 
HETATM 1245 O  O     . HOH F 5 .   ? 17.661  9.528   14.755  1.00 37.49 ? 32  HOH B O     1 
HETATM 1246 O  O     . HOH F 5 .   ? 2.533   2.295   23.000  1.00 32.78 ? 33  HOH B O     1 
HETATM 1247 O  O     . HOH F 5 .   ? 13.788  14.089  3.419   1.00 39.11 ? 34  HOH B O     1 
HETATM 1248 O  O     . HOH F 5 .   ? -2.041  16.103  -3.538  1.00 37.13 ? 35  HOH B O     1 
HETATM 1249 O  O     . HOH F 5 .   ? -7.711  6.432   22.372  1.00 30.15 ? 36  HOH B O     1 
HETATM 1250 O  O     . HOH F 5 .   ? -0.616  16.670  -0.399  1.00 27.98 ? 37  HOH B O     1 
HETATM 1251 O  O     . HOH F 5 .   ? 3.259   12.534  18.109  1.00 34.40 ? 38  HOH B O     1 
HETATM 1252 O  O     . HOH F 5 .   ? 12.898  5.801   3.016   1.00 29.26 ? 39  HOH B O     1 
HETATM 1253 O  O     . HOH F 5 .   ? 10.237  6.339   2.041   1.00 27.60 ? 40  HOH B O     1 
HETATM 1254 O  O     . HOH F 5 .   ? 9.838   15.381  -2.319  1.00 41.58 ? 41  HOH B O     1 
HETATM 1255 O  O     . HOH F 5 .   ? 17.110  10.670  4.612   1.00 39.46 ? 42  HOH B O     1 
HETATM 1256 O  O     . HOH F 5 .   ? 15.907  8.452   16.309  1.00 39.99 ? 43  HOH B O     1 
HETATM 1257 O  O     . HOH F 5 .   ? 1.491   27.614  3.718   1.00 39.76 ? 44  HOH B O     1 
HETATM 1258 O  O     . HOH F 5 .   ? 10.700  13.852  14.829  1.00 33.56 ? 45  HOH B O     1 
HETATM 1259 O  O     . HOH F 5 .   ? -10.026 -2.430  21.807  1.00 41.86 ? 46  HOH B O     1 
HETATM 1260 O  O     . HOH F 5 .   ? 13.988  13.441  10.915  1.00 44.98 ? 47  HOH B O     1 
HETATM 1261 O  O     . HOH F 5 .   ? 10.310  27.000  1.551   1.00 30.70 ? 48  HOH B O     1 
HETATM 1262 O  O     . HOH F 5 .   ? -10.134 1.826   21.838  1.00 31.77 ? 49  HOH B O     1 
HETATM 1263 O  O     . HOH F 5 .   ? 3.459   22.178  -6.031  1.00 37.90 ? 50  HOH B O     1 
HETATM 1264 O  O     . HOH F 5 .   ? -0.075  19.235  -0.304  1.00 28.91 ? 51  HOH B O     1 
HETATM 1265 O  O     . HOH F 5 .   ? 13.611  5.357   -2.083  1.00 42.54 ? 52  HOH B O     1 
HETATM 1266 O  O     . HOH F 5 .   ? 6.229   17.835  -5.461  1.00 31.18 ? 53  HOH B O     1 
HETATM 1267 O  O     . HOH F 5 .   ? 14.546  6.295   0.704   1.00 47.91 ? 54  HOH B O     1 
HETATM 1268 O  O     . HOH F 5 .   ? 6.557   8.851   24.846  1.00 35.01 ? 55  HOH B O     1 
HETATM 1269 O  O     . HOH F 5 .   ? 2.885   29.755  3.294   1.00 38.18 ? 56  HOH B O     1 
HETATM 1270 O  O     . HOH F 5 .   ? 16.524  8.022   1.118   1.00 41.58 ? 57  HOH B O     1 
HETATM 1271 O  O     . HOH F 5 .   ? 3.658   15.228  4.192   1.00 31.51 ? 58  HOH B O     1 
HETATM 1272 O  O     . HOH F 5 .   ? 9.813   11.561  25.466  1.00 39.04 ? 59  HOH B O     1 
HETATM 1273 O  O     . HOH F 5 .   ? 2.880   21.558  1.681   1.00 33.66 ? 60  HOH B O     1 
HETATM 1274 O  O     . HOH F 5 .   ? 10.319  29.335  0.188   1.00 34.38 ? 61  HOH B O     1 
HETATM 1275 O  O     . HOH F 5 .   ? 7.012   5.377   12.805  1.00 33.02 ? 62  HOH B O     1 
HETATM 1276 O  O     . HOH F 5 .   ? 0.239   9.339   19.157  1.00 44.35 ? 63  HOH B O     1 
HETATM 1277 O  O     . HOH F 5 .   ? 7.670   3.709   16.457  1.00 39.65 ? 64  HOH B O     1 
HETATM 1278 O  O     . HOH F 5 .   ? 1.272   14.764  -1.289  1.00 25.37 ? 250 HOH B O     1 
HETATM 1279 O  O     . HOH G 5 .   ? 5.211   4.073   11.989  1.00 25.08 ? 38  HOH C O     1 
HETATM 1280 O  O     . HOH G 5 .   ? -1.597  2.204   8.575   1.00 15.04 ? 39  HOH C O     1 
HETATM 1281 O  O     . HOH G 5 .   ? 3.304   -5.913  7.686   1.00 20.64 ? 40  HOH C O     1 
HETATM 1282 O  O     . HOH G 5 .   ? 11.749  25.257  -0.413  1.00 20.04 ? 41  HOH C O     1 
HETATM 1283 O  O     . HOH G 5 .   ? 6.026   -1.070  21.654  1.00 26.48 ? 42  HOH C O     1 
HETATM 1284 O  O     . HOH G 5 .   ? -3.627  1.972   15.103  1.00 22.57 ? 43  HOH C O     1 
HETATM 1285 O  O     . HOH G 5 .   ? 3.343   17.936  8.306   1.00 26.46 ? 44  HOH C O     1 
HETATM 1286 O  O     . HOH G 5 .   ? -3.242  5.987   15.421  1.00 28.95 ? 45  HOH C O     1 
HETATM 1287 O  O     . HOH G 5 .   ? 11.416  16.017  10.560  1.00 28.20 ? 46  HOH C O     1 
HETATM 1288 O  O     . HOH G 5 .   ? -6.561  -1.605  12.640  1.00 33.48 ? 47  HOH C O     1 
HETATM 1289 O  O     . HOH G 5 .   ? 5.205   23.999  -8.849  1.00 32.03 ? 48  HOH C O     1 
HETATM 1290 O  O     . HOH G 5 .   ? -1.484  -2.979  15.419  1.00 29.05 ? 49  HOH C O     1 
HETATM 1291 O  O     . HOH G 5 .   ? 9.205   -2.405  12.938  1.00 28.46 ? 50  HOH C O     1 
HETATM 1292 O  O     . HOH G 5 .   ? 6.935   -2.363  24.035  1.00 27.11 ? 51  HOH C O     1 
HETATM 1293 O  O     . HOH G 5 .   ? 4.105   19.889  6.566   1.00 29.95 ? 52  HOH C O     1 
HETATM 1294 O  O     . HOH G 5 .   ? 9.703   22.376  6.010   1.00 33.64 ? 53  HOH C O     1 
HETATM 1295 O  O     . HOH G 5 .   ? 7.005   21.898  4.908   1.00 41.74 ? 54  HOH C O     1 
HETATM 1296 O  O     . HOH G 5 .   ? 7.875   19.649  -6.798  1.00 26.50 ? 55  HOH C O     1 
HETATM 1297 O  O     . HOH G 5 .   ? 3.253   -8.287  9.195   1.00 41.73 ? 56  HOH C O     1 
HETATM 1298 O  O     . HOH G 5 .   ? 0.193   -6.268  15.026  1.00 24.38 ? 57  HOH C O     1 
HETATM 1299 O  O     . HOH G 5 .   ? -3.599  8.585   16.508  1.00 38.41 ? 58  HOH C O     1 
HETATM 1300 O  O     . HOH G 5 .   ? 0.755   -8.312  9.439   1.00 36.46 ? 59  HOH C O     1 
HETATM 1301 O  O     . HOH G 5 .   ? -7.375  7.508   7.248   1.00 36.25 ? 60  HOH C O     1 
HETATM 1302 O  O     . HOH G 5 .   ? -5.729  11.156  16.526  1.00 47.99 ? 61  HOH C O     1 
HETATM 1303 O  O     . HOH G 5 .   ? -2.558  13.064  9.418   1.00 38.76 ? 62  HOH C O     1 
HETATM 1304 O  O     . HOH G 5 .   ? 8.795   23.698  3.151   1.00 29.20 ? 63  HOH C O     1 
HETATM 1305 O  O     . HOH G 5 .   ? 15.483  24.038  2.091   0.50 16.32 ? 64  HOH C O     1 
HETATM 1306 O  O     . HOH G 5 .   ? 13.123  16.227  6.955   1.00 44.99 ? 65  HOH C O     1 
HETATM 1307 O  O     . HOH G 5 .   ? 0.990   18.543  10.358  1.00 37.87 ? 66  HOH C O     1 
HETATM 1308 O  O     . HOH G 5 .   ? 11.151  16.210  -10.032 1.00 53.31 ? 67  HOH C O     1 
HETATM 1309 O  O     . HOH G 5 .   ? 3.850   5.627   9.813   1.00 19.80 ? 68  HOH C O     1 
HETATM 1310 O  O     . HOH G 5 .   ? 6.807   0.310   18.459  1.00 28.22 ? 69  HOH C O     1 
HETATM 1311 O  O     . HOH G 5 .   ? 19.620  20.066  -1.166  1.00 21.34 ? 70  HOH C O     1 
HETATM 1312 O  O     . HOH G 5 .   ? 20.939  17.995  0.575   1.00 24.26 ? 71  HOH C O     1 
HETATM 1313 O  O     . HOH G 5 .   ? 20.072  22.057  0.901   1.00 27.76 ? 72  HOH C O     1 
HETATM 1314 O  O     . HOH G 5 .   ? 21.322  19.801  2.599   1.00 22.19 ? 73  HOH C O     1 
HETATM 1315 O  O     . HOH G 5 .   ? 22.348  20.429  -0.103  1.00 16.01 ? 74  HOH C O     1 
HETATM 1316 O  O     . HOH G 5 .   ? 22.721  21.313  -2.547  1.00 24.41 ? 75  HOH C O     1 
HETATM 1317 O  O     . HOH G 5 .   ? 6.080   2.000   14.439  1.00 13.74 ? 251 HOH C O     1 
HETATM 1318 O  O     . HOH H 5 .   ? 12.458  9.096   -3.784  1.00 34.32 ? 184 HOH A O     1 
HETATM 1319 O  O     . HOH H 5 .   ? -2.201  4.887   7.692   1.00 16.50 ? 185 HOH A O     1 
HETATM 1320 O  O     . HOH H 5 .   ? -1.739  -7.946  -2.410  1.00 20.45 ? 186 HOH A O     1 
HETATM 1321 O  O     . HOH H 5 .   ? -16.978 -12.029 -1.235  1.00 33.24 ? 187 HOH A O     1 
HETATM 1322 O  O     . HOH H 5 .   ? 12.773  2.604   2.438   1.00 21.99 ? 188 HOH A O     1 
HETATM 1323 O  O     . HOH H 5 .   ? -10.891 0.262   11.177  1.00 26.23 ? 189 HOH A O     1 
HETATM 1324 O  O     . HOH H 5 .   ? -9.903  -7.567  -1.376  1.00 25.58 ? 190 HOH A O     1 
HETATM 1325 O  O     . HOH H 5 .   ? -15.463 1.030   9.483   1.00 21.45 ? 191 HOH A O     1 
HETATM 1326 O  O     . HOH H 5 .   ? 9.080   7.462   5.672   1.00 20.40 ? 192 HOH A O     1 
HETATM 1327 O  O     . HOH H 5 .   ? -11.643 1.207   -3.612  1.00 19.75 ? 193 HOH A O     1 
HETATM 1328 O  O     . HOH H 5 .   ? 8.839   -10.151 -5.463  1.00 27.45 ? 194 HOH A O     1 
HETATM 1329 O  O     . HOH H 5 .   ? -6.978  12.980  -0.894  1.00 30.91 ? 195 HOH A O     1 
HETATM 1330 O  O     . HOH H 5 .   ? 13.687  -3.382  7.572   1.00 44.90 ? 196 HOH A O     1 
HETATM 1331 O  O     . HOH H 5 .   ? -15.471 -3.123  2.671   1.00 24.42 ? 197 HOH A O     1 
HETATM 1332 O  O     . HOH H 5 .   ? -10.657 6.767   6.760   1.00 32.35 ? 198 HOH A O     1 
HETATM 1333 O  O     . HOH H 5 .   ? 0.018   11.620  -6.428  1.00 25.83 ? 199 HOH A O     1 
HETATM 1334 O  O     . HOH H 5 .   ? 7.830   0.547   12.741  1.00 23.64 ? 200 HOH A O     1 
HETATM 1335 O  O     . HOH H 5 .   ? -4.125  -9.040  5.475   1.00 26.13 ? 201 HOH A O     1 
HETATM 1336 O  O     . HOH H 5 .   ? 14.391  1.955   5.186   1.00 32.43 ? 202 HOH A O     1 
HETATM 1337 O  O     . HOH H 5 .   ? -4.362  -1.370  -10.648 1.00 30.82 ? 203 HOH A O     1 
HETATM 1338 O  O     . HOH H 5 .   ? 8.141   1.744   -12.141 1.00 34.65 ? 204 HOH A O     1 
HETATM 1339 O  O     . HOH H 5 .   ? 5.261   -7.381  1.720   1.00 32.77 ? 205 HOH A O     1 
HETATM 1340 O  O     . HOH H 5 .   ? -1.652  -5.081  -10.543 1.00 32.00 ? 206 HOH A O     1 
HETATM 1341 O  O     . HOH H 5 .   ? -3.932  -7.661  7.930   1.00 27.68 ? 207 HOH A O     1 
HETATM 1342 O  O     . HOH H 5 .   ? -8.095  1.862   13.342  1.00 35.17 ? 208 HOH A O     1 
HETATM 1343 O  O     . HOH H 5 .   ? 13.347  -2.131  2.556   1.00 31.80 ? 209 HOH A O     1 
HETATM 1344 O  O     . HOH H 5 .   ? 6.082   -6.219  -12.401 1.00 37.43 ? 210 HOH A O     1 
HETATM 1345 O  O     . HOH H 5 .   ? -13.172 -6.163  -9.907  1.00 37.27 ? 211 HOH A O     1 
HETATM 1346 O  O     . HOH H 5 .   ? 5.485   -9.780  0.011   1.00 33.70 ? 212 HOH A O     1 
HETATM 1347 O  O     . HOH H 5 .   ? 6.855   -10.945 -8.470  1.00 40.33 ? 213 HOH A O     1 
HETATM 1348 O  O     . HOH H 5 .   ? 7.161   -6.993  3.591   1.00 29.99 ? 214 HOH A O     1 
HETATM 1349 O  O     . HOH H 5 .   ? -8.263  -9.626  5.988   1.00 33.68 ? 215 HOH A O     1 
HETATM 1350 O  O     . HOH H 5 .   ? -10.455 -5.370  -9.669  1.00 33.05 ? 216 HOH A O     1 
HETATM 1351 O  O     . HOH H 5 .   ? 11.567  -9.536  -1.257  1.00 27.53 ? 217 HOH A O     1 
HETATM 1352 O  O     . HOH H 5 .   ? 6.161   -11.452 -4.296  1.00 33.27 ? 218 HOH A O     1 
HETATM 1353 O  O     . HOH H 5 .   ? 11.327  5.114   9.005   1.00 34.30 ? 219 HOH A O     1 
HETATM 1354 O  O     . HOH H 5 .   ? -3.312  9.129   -6.559  1.00 35.32 ? 220 HOH A O     1 
HETATM 1355 O  O     . HOH H 5 .   ? 12.421  -8.551  9.234   1.00 50.08 ? 221 HOH A O     1 
HETATM 1356 O  O     . HOH H 5 .   ? 4.903   -9.912  -2.416  1.00 36.54 ? 222 HOH A O     1 
HETATM 1357 O  O     . HOH H 5 .   ? 15.425  12.590  -11.213 1.00 46.72 ? 223 HOH A O     1 
HETATM 1358 O  O     . HOH H 5 .   ? -12.441 -10.680 1.884   1.00 38.96 ? 224 HOH A O     1 
HETATM 1359 O  O     . HOH H 5 .   ? -12.861 2.420   10.070  1.00 34.48 ? 225 HOH A O     1 
HETATM 1360 O  O     . HOH H 5 .   ? -10.020 -6.766  12.305  1.00 33.20 ? 226 HOH A O     1 
HETATM 1361 O  O     . HOH H 5 .   ? 0.479   -7.424  -9.244  1.00 35.59 ? 227 HOH A O     1 
HETATM 1362 O  O     . HOH H 5 .   ? 14.570  -5.098  -6.792  1.00 29.06 ? 228 HOH A O     1 
HETATM 1363 O  O     . HOH H 5 .   ? 3.039   -7.776  3.501   1.00 22.93 ? 229 HOH A O     1 
HETATM 1364 O  O     . HOH H 5 .   ? -10.709 9.611   4.141   1.00 51.64 ? 230 HOH A O     1 
HETATM 1365 O  O     . HOH H 5 .   ? -8.020  -11.242 2.379   1.00 34.57 ? 231 HOH A O     1 
HETATM 1366 O  O     . HOH H 5 .   ? -6.977  14.709  1.058   1.00 42.32 ? 232 HOH A O     1 
HETATM 1367 O  O     . HOH H 5 .   ? -1.804  -2.175  -11.852 1.00 50.59 ? 233 HOH A O     1 
HETATM 1368 O  O     . HOH H 5 .   ? 11.566  3.802   -1.076  1.00 34.83 ? 234 HOH A O     1 
HETATM 1369 O  O     . HOH H 5 .   ? -5.952  10.625  9.022   1.00 38.08 ? 235 HOH A O     1 
HETATM 1370 O  O     . HOH H 5 .   ? -16.280 3.091   8.178   1.00 38.49 ? 236 HOH A O     1 
HETATM 1371 O  O     . HOH H 5 .   ? 12.001  -6.914  13.372  1.00 44.63 ? 237 HOH A O     1 
HETATM 1372 O  O     . HOH H 5 .   ? -2.587  12.391  -3.326  1.00 52.17 ? 238 HOH A O     1 
HETATM 1373 O  O     . HOH H 5 .   ? 14.634  -4.788  2.502   1.00 39.98 ? 239 HOH A O     1 
HETATM 1374 O  O     . HOH H 5 .   ? 2.212   12.793  0.148   1.00 27.20 ? 240 HOH A O     1 
HETATM 1375 O  O     . HOH H 5 .   ? -12.565 10.654  -5.609  1.00 49.24 ? 241 HOH A O     1 
HETATM 1376 O  O     . HOH H 5 .   ? 3.572   11.849  -9.632  1.00 48.08 ? 242 HOH A O     1 
HETATM 1377 O  O     . HOH H 5 .   ? -8.802  -4.689  -11.606 1.00 43.88 ? 243 HOH A O     1 
HETATM 1378 O  O     . HOH H 5 .   ? -10.598 -8.492  -3.667  1.00 31.03 ? 244 HOH A O     1 
HETATM 1379 O  O     . HOH H 5 .   ? 13.672  6.996   -4.317  1.00 38.35 ? 245 HOH A O     1 
HETATM 1380 O  O     . HOH H 5 .   ? -4.086  -7.551  -6.233  1.00 44.97 ? 246 HOH A O     1 
HETATM 1381 O  O     . HOH H 5 .   ? -12.971 -14.031 12.326  1.00 45.79 ? 247 HOH A O     1 
HETATM 1382 O  O     . HOH H 5 .   ? -2.569  5.309   -9.896  1.00 41.02 ? 248 HOH A O     1 
HETATM 1383 O  O     . HOH H 5 .   ? -15.416 -13.329 12.675  1.00 52.05 ? 249 HOH A O     1 
HETATM 1384 O  O     . HOH H 5 .   ? -10.278 -3.394  11.349  1.00 28.02 ? 250 HOH A O     1 
HETATM 1385 O  O     . HOH H 5 .   ? -2.306  -5.557  7.537   1.00 12.32 ? 251 HOH A O     1 
HETATM 1386 O  O     . HOH H 5 .   ? -4.766  -2.595  7.281   1.00 11.28 ? 252 HOH A O     1 
HETATM 1387 O  O     . HOH H 5 .   ? 2.995   -1.814  9.051   1.00 14.60 ? 253 HOH A O     1 
HETATM 1388 O  O     . HOH H 5 .   ? 5.911   -4.995  8.258   1.00 23.45 ? 254 HOH A O     1 
HETATM 1389 O  O     . HOH H 5 .   ? 2.093   10.375  -2.613  1.00 16.37 ? 255 HOH A O     1 
# 
loop_
_pdbx_poly_seq_scheme.asym_id 
_pdbx_poly_seq_scheme.entity_id 
_pdbx_poly_seq_scheme.seq_id 
_pdbx_poly_seq_scheme.mon_id 
_pdbx_poly_seq_scheme.ndb_seq_num 
_pdbx_poly_seq_scheme.pdb_seq_num 
_pdbx_poly_seq_scheme.auth_seq_num 
_pdbx_poly_seq_scheme.pdb_mon_id 
_pdbx_poly_seq_scheme.auth_mon_id 
_pdbx_poly_seq_scheme.pdb_strand_id 
_pdbx_poly_seq_scheme.pdb_ins_code 
_pdbx_poly_seq_scheme.hetero 
A 1 1   DC  1   1   1   DC  DC  B . n 
A 1 2   DT  2   2   2   DT  DT  B . n 
A 1 3   DA  3   3   3   DA  DA  B . n 
A 1 4   DT  4   4   4   DT  DT  B . n 
A 1 5   DG  5   5   5   DG  DG  B . n 
A 1 6   DT  6   6   6   DT  DT  B . n 
A 1 7   DA  7   7   7   DA  DA  B . n 
A 1 8   DA  8   8   8   DA  DA  B . n 
A 1 9   DA  9   9   9   DA  DA  B . n 
A 1 10  DC  10  10  10  DC  DC  B . n 
A 1 11  DA  11  11  11  DA  DA  B . n 
A 1 12  DA  12  12  12  DA  DA  B . n 
A 1 13  DC  13  13  13  DC  DC  B . n 
B 2 1   DG  1   25  25  DG  DG  C . n 
B 2 2   DT  2   26  26  DT  DT  C . n 
B 2 3   DT  3   27  27  DT  DT  C . n 
B 2 4   DG  4   28  28  DG  DG  C . n 
B 2 5   DT  5   29  29  DT  DT  C . n 
B 2 6   DT  6   30  30  DT  DT  C . n 
B 2 7   DT  7   31  31  DT  DT  C . n 
B 2 8   DA  8   32  32  DA  DA  C . n 
B 2 9   DC  9   33  33  DC  DC  C . n 
B 2 10  DA  10  34  34  DA  DA  C . n 
B 2 11  DT  11  35  35  DT  DT  C . n 
B 2 12  DA  12  36  36  DA  DA  C . n 
B 2 13  DG  13  37  37  DG  DG  C . n 
C 3 1   GLY 1   74  ?   ?   ?   A . n 
C 3 2   SER 2   75  ?   ?   ?   A . n 
C 3 3   HIS 3   76  ?   ?   ?   A . n 
C 3 4   MET 4   77  ?   ?   ?   A . n 
C 3 5   LEU 5   78  ?   ?   ?   A . n 
C 3 6   GLU 6   79  ?   ?   ?   A . n 
C 3 7   ASP 7   80  ?   ?   ?   A . n 
C 3 8   PRO 8   81  ?   ?   ?   A . n 
C 3 9   GLY 9   82  ?   ?   ?   A . n 
C 3 10  ALA 10  83  ?   ?   ?   A . n 
C 3 11  VAL 11  84  ?   ?   ?   A . n 
C 3 12  THR 12  85  ?   ?   ?   A . n 
C 3 13  GLY 13  86  ?   ?   ?   A . n 
C 3 14  PRO 14  87  ?   ?   ?   A . n 
C 3 15  ARG 15  88  ?   ?   ?   A . n 
C 3 16  LYS 16  89  ?   ?   ?   A . n 
C 3 17  GLY 17  90  ?   ?   ?   A . n 
C 3 18  GLY 18  91  ?   ?   ?   A . n 
C 3 19  SER 19  92  ?   ?   ?   A . n 
C 3 20  ARG 20  93  93  ARG ARG A . n 
C 3 21  ARG 21  94  94  ARG ARG A . n 
C 3 22  ASN 22  95  95  ASN ASN A . n 
C 3 23  ALA 23  96  96  ALA ALA A . n 
C 3 24  TRP 24  97  97  TRP TRP A . n 
C 3 25  GLY 25  98  98  GLY GLY A . n 
C 3 26  ASN 26  99  99  ASN ASN A . n 
C 3 27  GLN 27  100 100 GLN GLN A . n 
C 3 28  SER 28  101 101 SER SER A . n 
C 3 29  TYR 29  102 102 TYR TYR A . n 
C 3 30  ALA 30  103 103 ALA ALA A . n 
C 3 31  GLU 31  104 104 GLU GLU A . n 
C 3 32  LEU 32  105 105 LEU LEU A . n 
C 3 33  ILE 33  106 106 ILE ILE A . n 
C 3 34  SER 34  107 107 SER SER A . n 
C 3 35  GLN 35  108 108 GLN GLN A . n 
C 3 36  ALA 36  109 109 ALA ALA A . n 
C 3 37  ILE 37  110 110 ILE ILE A . n 
C 3 38  GLU 38  111 111 GLU GLU A . n 
C 3 39  SER 39  112 112 SER SER A . n 
C 3 40  ALA 40  113 113 ALA ALA A . n 
C 3 41  PRO 41  114 114 PRO PRO A . n 
C 3 42  GLU 42  115 115 GLU GLU A . n 
C 3 43  LYS 43  116 116 LYS LYS A . n 
C 3 44  ARG 44  117 117 ARG ARG A . n 
C 3 45  LEU 45  118 118 LEU LEU A . n 
C 3 46  THR 46  119 119 THR THR A . n 
C 3 47  LEU 47  120 120 LEU LEU A . n 
C 3 48  ALA 48  121 121 ALA ALA A . n 
C 3 49  GLN 49  122 122 GLN GLN A . n 
C 3 50  ILE 50  123 123 ILE ILE A . n 
C 3 51  TYR 51  124 124 TYR TYR A . n 
C 3 52  GLU 52  125 125 GLU GLU A . n 
C 3 53  TRP 53  126 126 TRP TRP A . n 
C 3 54  MET 54  127 127 MET MET A . n 
C 3 55  VAL 55  128 128 VAL VAL A . n 
C 3 56  ARG 56  129 129 ARG ARG A . n 
C 3 57  THR 57  130 130 THR THR A . n 
C 3 58  VAL 58  131 131 VAL VAL A . n 
C 3 59  PRO 59  132 132 PRO PRO A . n 
C 3 60  TYR 60  133 133 TYR TYR A . n 
C 3 61  PHE 61  134 134 PHE PHE A . n 
C 3 62  LYS 62  135 135 LYS LYS A . n 
C 3 63  ASP 63  136 136 ASP ASP A . n 
C 3 64  LYS 64  137 137 LYS LYS A . n 
C 3 65  GLY 65  138 138 GLY GLY A . n 
C 3 66  ASP 66  139 139 ASP ASP A . n 
C 3 67  SER 67  140 140 SER SER A . n 
C 3 68  ASN 68  141 141 ASN ASN A . n 
C 3 69  SER 69  142 142 SER SER A . n 
C 3 70  SER 70  143 143 SER SER A . n 
C 3 71  ALA 71  144 144 ALA ALA A . n 
C 3 72  GLY 72  145 145 GLY GLY A . n 
C 3 73  TRP 73  146 146 TRP TRP A . n 
C 3 74  LYS 74  147 147 LYS LYS A . n 
C 3 75  ASN 75  148 148 ASN ASN A . n 
C 3 76  SER 76  149 149 SER SER A . n 
C 3 77  ILE 77  150 150 ILE ILE A . n 
C 3 78  ARG 78  151 151 ARG ARG A . n 
C 3 79  HIS 79  152 152 HIS HIS A . n 
C 3 80  ASN 80  153 153 ASN ASN A . n 
C 3 81  LEU 81  154 154 LEU LEU A . n 
C 3 82  SER 82  155 155 SER SER A . n 
C 3 83  LEU 83  156 156 LEU LEU A . n 
C 3 84  HIS 84  157 157 HIS HIS A . n 
C 3 85  SER 85  158 158 SER SER A . n 
C 3 86  LYS 86  159 159 LYS LYS A . n 
C 3 87  PHE 87  160 160 PHE PHE A . n 
C 3 88  ILE 88  161 161 ILE ILE A . n 
C 3 89  LYS 89  162 162 LYS LYS A . n 
C 3 90  VAL 90  163 163 VAL VAL A . n 
C 3 91  HIS 91  164 164 HIS HIS A . n 
C 3 92  ASN 92  165 165 ASN ASN A . n 
C 3 93  GLU 93  166 166 GLU GLU A . n 
C 3 94  ALA 94  167 167 ALA ALA A . n 
C 3 95  THR 95  168 168 THR THR A . n 
C 3 96  GLY 96  169 169 GLY GLY A . n 
C 3 97  LYS 97  170 170 LYS LYS A . n 
C 3 98  SER 98  171 171 SER SER A . n 
C 3 99  SER 99  172 172 SER SER A . n 
C 3 100 TRP 100 173 173 TRP TRP A . n 
C 3 101 TRP 101 174 174 TRP TRP A . n 
C 3 102 MET 102 175 175 MET MET A . n 
C 3 103 LEU 103 176 176 LEU LEU A . n 
C 3 104 ASN 104 177 177 ASN ASN A . n 
C 3 105 PRO 105 178 ?   ?   ?   A . n 
C 3 106 GLU 106 179 ?   ?   ?   A . n 
C 3 107 GLY 107 180 ?   ?   ?   A . n 
C 3 108 GLY 108 181 ?   ?   ?   A . n 
C 3 109 LYS 109 182 ?   ?   ?   A . n 
C 3 110 SER 110 183 ?   ?   ?   A . n 
# 
loop_
_pdbx_nonpoly_scheme.asym_id 
_pdbx_nonpoly_scheme.entity_id 
_pdbx_nonpoly_scheme.mon_id 
_pdbx_nonpoly_scheme.ndb_seq_num 
_pdbx_nonpoly_scheme.pdb_seq_num 
_pdbx_nonpoly_scheme.auth_seq_num 
_pdbx_nonpoly_scheme.pdb_mon_id 
_pdbx_nonpoly_scheme.auth_mon_id 
_pdbx_nonpoly_scheme.pdb_strand_id 
_pdbx_nonpoly_scheme.pdb_ins_code 
D 4 MG  1  2   2   MG  MG  C . 
E 4 MG  1  1   1   MG  MG  A . 
F 5 HOH 1  14  14  HOH HOH B . 
F 5 HOH 2  15  15  HOH HOH B . 
F 5 HOH 3  16  16  HOH HOH B . 
F 5 HOH 4  17  17  HOH HOH B . 
F 5 HOH 5  18  18  HOH HOH B . 
F 5 HOH 6  19  19  HOH HOH B . 
F 5 HOH 7  20  20  HOH HOH B . 
F 5 HOH 8  21  21  HOH HOH B . 
F 5 HOH 9  22  22  HOH HOH B . 
F 5 HOH 10 23  23  HOH HOH B . 
F 5 HOH 11 24  24  HOH HOH B . 
F 5 HOH 12 25  25  HOH HOH B . 
F 5 HOH 13 26  26  HOH HOH B . 
F 5 HOH 14 27  27  HOH HOH B . 
F 5 HOH 15 28  28  HOH HOH B . 
F 5 HOH 16 29  29  HOH HOH B . 
F 5 HOH 17 30  30  HOH HOH B . 
F 5 HOH 18 31  31  HOH HOH B . 
F 5 HOH 19 32  32  HOH HOH B . 
F 5 HOH 20 33  33  HOH HOH B . 
F 5 HOH 21 34  34  HOH HOH B . 
F 5 HOH 22 35  35  HOH HOH B . 
F 5 HOH 23 36  36  HOH HOH B . 
F 5 HOH 24 37  37  HOH HOH B . 
F 5 HOH 25 38  38  HOH HOH B . 
F 5 HOH 26 39  39  HOH HOH B . 
F 5 HOH 27 40  40  HOH HOH B . 
F 5 HOH 28 41  41  HOH HOH B . 
F 5 HOH 29 42  42  HOH HOH B . 
F 5 HOH 30 43  43  HOH HOH B . 
F 5 HOH 31 44  44  HOH HOH B . 
F 5 HOH 32 45  45  HOH HOH B . 
F 5 HOH 33 46  46  HOH HOH B . 
F 5 HOH 34 47  47  HOH HOH B . 
F 5 HOH 35 48  48  HOH HOH B . 
F 5 HOH 36 49  49  HOH HOH B . 
F 5 HOH 37 50  50  HOH HOH B . 
F 5 HOH 38 51  51  HOH HOH B . 
F 5 HOH 39 52  52  HOH HOH B . 
F 5 HOH 40 53  53  HOH HOH B . 
F 5 HOH 41 54  54  HOH HOH B . 
F 5 HOH 42 55  55  HOH HOH B . 
F 5 HOH 43 56  56  HOH HOH B . 
F 5 HOH 44 57  57  HOH HOH B . 
F 5 HOH 45 58  58  HOH HOH B . 
F 5 HOH 46 59  59  HOH HOH B . 
F 5 HOH 47 60  60  HOH HOH B . 
F 5 HOH 48 61  61  HOH HOH B . 
F 5 HOH 49 62  62  HOH HOH B . 
F 5 HOH 50 63  63  HOH HOH B . 
F 5 HOH 51 64  64  HOH HOH B . 
F 5 HOH 52 250 250 HOH HOH B . 
G 5 HOH 1  38  38  HOH HOH C . 
G 5 HOH 2  39  39  HOH HOH C . 
G 5 HOH 3  40  40  HOH HOH C . 
G 5 HOH 4  41  41  HOH HOH C . 
G 5 HOH 5  42  42  HOH HOH C . 
G 5 HOH 6  43  43  HOH HOH C . 
G 5 HOH 7  44  44  HOH HOH C . 
G 5 HOH 8  45  45  HOH HOH C . 
G 5 HOH 9  46  46  HOH HOH C . 
G 5 HOH 10 47  47  HOH HOH C . 
G 5 HOH 11 48  48  HOH HOH C . 
G 5 HOH 12 49  49  HOH HOH C . 
G 5 HOH 13 50  50  HOH HOH C . 
G 5 HOH 14 51  51  HOH HOH C . 
G 5 HOH 15 52  52  HOH HOH C . 
G 5 HOH 16 53  53  HOH HOH C . 
G 5 HOH 17 54  54  HOH HOH C . 
G 5 HOH 18 55  55  HOH HOH C . 
G 5 HOH 19 56  56  HOH HOH C . 
G 5 HOH 20 57  57  HOH HOH C . 
G 5 HOH 21 58  58  HOH HOH C . 
G 5 HOH 22 59  59  HOH HOH C . 
G 5 HOH 23 60  60  HOH HOH C . 
G 5 HOH 24 61  61  HOH HOH C . 
G 5 HOH 25 62  62  HOH HOH C . 
G 5 HOH 26 63  63  HOH HOH C . 
G 5 HOH 27 64  64  HOH HOH C . 
G 5 HOH 28 65  65  HOH HOH C . 
G 5 HOH 29 66  66  HOH HOH C . 
G 5 HOH 30 67  67  HOH HOH C . 
G 5 HOH 31 68  68  HOH HOH C . 
G 5 HOH 32 69  69  HOH HOH C . 
G 5 HOH 33 70  70  HOH HOH C . 
G 5 HOH 34 71  71  HOH HOH C . 
G 5 HOH 35 72  72  HOH HOH C . 
G 5 HOH 36 73  73  HOH HOH C . 
G 5 HOH 37 74  74  HOH HOH C . 
G 5 HOH 38 75  75  HOH HOH C . 
G 5 HOH 39 251 251 HOH HOH C . 
H 5 HOH 1  184 184 HOH HOH A . 
H 5 HOH 2  185 185 HOH HOH A . 
H 5 HOH 3  186 186 HOH HOH A . 
H 5 HOH 4  187 187 HOH HOH A . 
H 5 HOH 5  188 188 HOH HOH A . 
H 5 HOH 6  189 189 HOH HOH A . 
H 5 HOH 7  190 190 HOH HOH A . 
H 5 HOH 8  191 191 HOH HOH A . 
H 5 HOH 9  192 192 HOH HOH A . 
H 5 HOH 10 193 193 HOH HOH A . 
H 5 HOH 11 194 194 HOH HOH A . 
H 5 HOH 12 195 195 HOH HOH A . 
H 5 HOH 13 196 196 HOH HOH A . 
H 5 HOH 14 197 197 HOH HOH A . 
H 5 HOH 15 198 198 HOH HOH A . 
H 5 HOH 16 199 199 HOH HOH A . 
H 5 HOH 17 200 200 HOH HOH A . 
H 5 HOH 18 201 201 HOH HOH A . 
H 5 HOH 19 202 202 HOH HOH A . 
H 5 HOH 20 203 203 HOH HOH A . 
H 5 HOH 21 204 204 HOH HOH A . 
H 5 HOH 22 205 205 HOH HOH A . 
H 5 HOH 23 206 206 HOH HOH A . 
H 5 HOH 24 207 207 HOH HOH A . 
H 5 HOH 25 208 208 HOH HOH A . 
H 5 HOH 26 209 209 HOH HOH A . 
H 5 HOH 27 210 210 HOH HOH A . 
H 5 HOH 28 211 211 HOH HOH A . 
H 5 HOH 29 212 212 HOH HOH A . 
H 5 HOH 30 213 213 HOH HOH A . 
H 5 HOH 31 214 214 HOH HOH A . 
H 5 HOH 32 215 215 HOH HOH A . 
H 5 HOH 33 216 216 HOH HOH A . 
H 5 HOH 34 217 217 HOH HOH A . 
H 5 HOH 35 218 218 HOH HOH A . 
H 5 HOH 36 219 219 HOH HOH A . 
H 5 HOH 37 220 220 HOH HOH A . 
H 5 HOH 38 221 221 HOH HOH A . 
H 5 HOH 39 222 222 HOH HOH A . 
H 5 HOH 40 223 223 HOH HOH A . 
H 5 HOH 41 224 224 HOH HOH A . 
H 5 HOH 42 225 225 HOH HOH A . 
H 5 HOH 43 226 226 HOH HOH A . 
H 5 HOH 44 227 227 HOH HOH A . 
H 5 HOH 45 228 228 HOH HOH A . 
H 5 HOH 46 229 229 HOH HOH A . 
H 5 HOH 47 230 230 HOH HOH A . 
H 5 HOH 48 231 231 HOH HOH A . 
H 5 HOH 49 232 232 HOH HOH A . 
H 5 HOH 50 233 233 HOH HOH A . 
H 5 HOH 51 234 234 HOH HOH A . 
H 5 HOH 52 235 235 HOH HOH A . 
H 5 HOH 53 236 236 HOH HOH A . 
H 5 HOH 54 237 237 HOH HOH A . 
H 5 HOH 55 238 238 HOH HOH A . 
H 5 HOH 56 239 239 HOH HOH A . 
H 5 HOH 57 240 240 HOH HOH A . 
H 5 HOH 58 241 241 HOH HOH A . 
H 5 HOH 59 242 242 HOH HOH A . 
H 5 HOH 60 243 243 HOH HOH A . 
H 5 HOH 61 244 244 HOH HOH A . 
H 5 HOH 62 245 245 HOH HOH A . 
H 5 HOH 63 246 246 HOH HOH A . 
H 5 HOH 64 247 247 HOH HOH A . 
H 5 HOH 65 248 248 HOH HOH A . 
H 5 HOH 66 249 249 HOH HOH A . 
H 5 HOH 67 250 178 HOH HOH A . 
H 5 HOH 68 251 179 HOH HOH A . 
H 5 HOH 69 252 180 HOH HOH A . 
H 5 HOH 70 253 181 HOH HOH A . 
H 5 HOH 71 254 182 HOH HOH A . 
H 5 HOH 72 255 183 HOH HOH A . 
# 
_pdbx_struct_assembly.id                   1 
_pdbx_struct_assembly.details              author_and_software_defined_assembly 
_pdbx_struct_assembly.method_details       PISA 
_pdbx_struct_assembly.oligomeric_details   trimeric 
_pdbx_struct_assembly.oligomeric_count     3 
# 
_pdbx_struct_assembly_gen.assembly_id       1 
_pdbx_struct_assembly_gen.oper_expression   1 
_pdbx_struct_assembly_gen.asym_id_list      A,B,C,D,E,F,G,H 
# 
loop_
_pdbx_struct_assembly_prop.biol_id 
_pdbx_struct_assembly_prop.type 
_pdbx_struct_assembly_prop.value 
_pdbx_struct_assembly_prop.details 
1 'ABSA (A^2)' 2870 ? 
1 MORE         -20  ? 
1 'SSA (A^2)'  8650 ? 
# 
_pdbx_struct_oper_list.id                   1 
_pdbx_struct_oper_list.type                 'identity operation' 
_pdbx_struct_oper_list.name                 1_555 
_pdbx_struct_oper_list.symmetry_operation   x,y,z 
_pdbx_struct_oper_list.matrix[1][1]         1.0000000000 
_pdbx_struct_oper_list.matrix[1][2]         0.0000000000 
_pdbx_struct_oper_list.matrix[1][3]         0.0000000000 
_pdbx_struct_oper_list.vector[1]            0.0000000000 
_pdbx_struct_oper_list.matrix[2][1]         0.0000000000 
_pdbx_struct_oper_list.matrix[2][2]         1.0000000000 
_pdbx_struct_oper_list.matrix[2][3]         0.0000000000 
_pdbx_struct_oper_list.vector[2]            0.0000000000 
_pdbx_struct_oper_list.matrix[3][1]         0.0000000000 
_pdbx_struct_oper_list.matrix[3][2]         0.0000000000 
_pdbx_struct_oper_list.matrix[3][3]         1.0000000000 
_pdbx_struct_oper_list.vector[3]            0.0000000000 
# 
loop_
_pdbx_struct_conn_angle.id 
_pdbx_struct_conn_angle.ptnr1_label_atom_id 
_pdbx_struct_conn_angle.ptnr1_label_alt_id 
_pdbx_struct_conn_angle.ptnr1_label_asym_id 
_pdbx_struct_conn_angle.ptnr1_label_comp_id 
_pdbx_struct_conn_angle.ptnr1_label_seq_id 
_pdbx_struct_conn_angle.ptnr1_auth_atom_id 
_pdbx_struct_conn_angle.ptnr1_auth_asym_id 
_pdbx_struct_conn_angle.ptnr1_auth_comp_id 
_pdbx_struct_conn_angle.ptnr1_auth_seq_id 
_pdbx_struct_conn_angle.ptnr1_PDB_ins_code 
_pdbx_struct_conn_angle.ptnr1_symmetry 
_pdbx_struct_conn_angle.ptnr2_label_atom_id 
_pdbx_struct_conn_angle.ptnr2_label_alt_id 
_pdbx_struct_conn_angle.ptnr2_label_asym_id 
_pdbx_struct_conn_angle.ptnr2_label_comp_id 
_pdbx_struct_conn_angle.ptnr2_label_seq_id 
_pdbx_struct_conn_angle.ptnr2_auth_atom_id 
_pdbx_struct_conn_angle.ptnr2_auth_asym_id 
_pdbx_struct_conn_angle.ptnr2_auth_comp_id 
_pdbx_struct_conn_angle.ptnr2_auth_seq_id 
_pdbx_struct_conn_angle.ptnr2_PDB_ins_code 
_pdbx_struct_conn_angle.ptnr2_symmetry 
_pdbx_struct_conn_angle.ptnr3_label_atom_id 
_pdbx_struct_conn_angle.ptnr3_label_alt_id 
_pdbx_struct_conn_angle.ptnr3_label_asym_id 
_pdbx_struct_conn_angle.ptnr3_label_comp_id 
_pdbx_struct_conn_angle.ptnr3_label_seq_id 
_pdbx_struct_conn_angle.ptnr3_auth_atom_id 
_pdbx_struct_conn_angle.ptnr3_auth_asym_id 
_pdbx_struct_conn_angle.ptnr3_auth_comp_id 
_pdbx_struct_conn_angle.ptnr3_auth_seq_id 
_pdbx_struct_conn_angle.ptnr3_PDB_ins_code 
_pdbx_struct_conn_angle.ptnr3_symmetry 
_pdbx_struct_conn_angle.value 
_pdbx_struct_conn_angle.value_esd 
1  OP1 ? B DT  11 ? C DT  35  ? 1_555 MG ? D MG . ? C MG 2 ? 1_555 O ? G HOH .  ? C HOH 70  ? 1_555 87.1  ? 
2  OP1 ? B DT  11 ? C DT  35  ? 1_555 MG ? D MG . ? C MG 2 ? 1_555 O ? G HOH .  ? C HOH 71  ? 1_555 84.9  ? 
3  O   ? G HOH .  ? C HOH 70  ? 1_555 MG ? D MG . ? C MG 2 ? 1_555 O ? G HOH .  ? C HOH 71  ? 1_555 94.6  ? 
4  OP1 ? B DT  11 ? C DT  35  ? 1_555 MG ? D MG . ? C MG 2 ? 1_555 O ? G HOH .  ? C HOH 72  ? 1_555 93.3  ? 
5  O   ? G HOH .  ? C HOH 70  ? 1_555 MG ? D MG . ? C MG 2 ? 1_555 O ? G HOH .  ? C HOH 72  ? 1_555 82.9  ? 
6  O   ? G HOH .  ? C HOH 71  ? 1_555 MG ? D MG . ? C MG 2 ? 1_555 O ? G HOH .  ? C HOH 72  ? 1_555 176.9 ? 
7  OP1 ? B DT  11 ? C DT  35  ? 1_555 MG ? D MG . ? C MG 2 ? 1_555 O ? G HOH .  ? C HOH 73  ? 1_555 88.9  ? 
8  O   ? G HOH .  ? C HOH 70  ? 1_555 MG ? D MG . ? C MG 2 ? 1_555 O ? G HOH .  ? C HOH 73  ? 1_555 174.7 ? 
9  O   ? G HOH .  ? C HOH 71  ? 1_555 MG ? D MG . ? C MG 2 ? 1_555 O ? G HOH .  ? C HOH 73  ? 1_555 88.6  ? 
10 O   ? G HOH .  ? C HOH 72  ? 1_555 MG ? D MG . ? C MG 2 ? 1_555 O ? G HOH .  ? C HOH 73  ? 1_555 93.8  ? 
11 OP1 ? B DT  11 ? C DT  35  ? 1_555 MG ? D MG . ? C MG 2 ? 1_555 O ? G HOH .  ? C HOH 74  ? 1_555 176.1 ? 
12 O   ? G HOH .  ? C HOH 70  ? 1_555 MG ? D MG . ? C MG 2 ? 1_555 O ? G HOH .  ? C HOH 74  ? 1_555 89.4  ? 
13 O   ? G HOH .  ? C HOH 71  ? 1_555 MG ? D MG . ? C MG 2 ? 1_555 O ? G HOH .  ? C HOH 74  ? 1_555 93.5  ? 
14 O   ? G HOH .  ? C HOH 72  ? 1_555 MG ? D MG . ? C MG 2 ? 1_555 O ? G HOH .  ? C HOH 74  ? 1_555 88.2  ? 
15 O   ? G HOH .  ? C HOH 73  ? 1_555 MG ? D MG . ? C MG 2 ? 1_555 O ? G HOH .  ? C HOH 74  ? 1_555 94.6  ? 
16 O   ? G HOH .  ? C HOH 60  ? 1_555 MG ? E MG . ? A MG 1 ? 1_555 O ? C LEU 81 ? A LEU 154 ? 1_555 93.8  ? 
17 O   ? G HOH .  ? C HOH 60  ? 1_555 MG ? E MG . ? A MG 1 ? 1_555 O ? C HIS 84 ? A HIS 157 ? 1_555 168.4 ? 
18 O   ? C LEU 81 ? A LEU 154 ? 1_555 MG ? E MG . ? A MG 1 ? 1_555 O ? C HIS 84 ? A HIS 157 ? 1_555 86.9  ? 
19 O   ? G HOH .  ? C HOH 60  ? 1_555 MG ? E MG . ? A MG 1 ? 1_555 O ? C PHE 87 ? A PHE 160 ? 1_555 107.6 ? 
20 O   ? C LEU 81 ? A LEU 154 ? 1_555 MG ? E MG . ? A MG 1 ? 1_555 O ? C PHE 87 ? A PHE 160 ? 1_555 107.2 ? 
21 O   ? C HIS 84 ? A HIS 157 ? 1_555 MG ? E MG . ? A MG 1 ? 1_555 O ? C PHE 87 ? A PHE 160 ? 1_555 83.1  ? 
# 
loop_
_pdbx_audit_revision_history.ordinal 
_pdbx_audit_revision_history.data_content_type 
_pdbx_audit_revision_history.major_revision 
_pdbx_audit_revision_history.minor_revision 
_pdbx_audit_revision_history.revision_date 
1 'Structure model' 1 0 2009-12-29 
2 'Structure model' 1 1 2011-07-13 
3 'Structure model' 1 2 2023-11-01 
# 
_pdbx_audit_revision_details.ordinal             1 
_pdbx_audit_revision_details.revision_ordinal    1 
_pdbx_audit_revision_details.data_content_type   'Structure model' 
_pdbx_audit_revision_details.provider            repository 
_pdbx_audit_revision_details.type                'Initial release' 
_pdbx_audit_revision_details.description         ? 
_pdbx_audit_revision_details.details             ? 
# 
loop_
_pdbx_audit_revision_group.ordinal 
_pdbx_audit_revision_group.revision_ordinal 
_pdbx_audit_revision_group.data_content_type 
_pdbx_audit_revision_group.group 
1 2 'Structure model' 'Version format compliance' 
2 3 'Structure model' 'Data collection'           
3 3 'Structure model' 'Database references'       
4 3 'Structure model' 'Derived calculations'      
5 3 'Structure model' 'Refinement description'    
# 
loop_
_pdbx_audit_revision_category.ordinal 
_pdbx_audit_revision_category.revision_ordinal 
_pdbx_audit_revision_category.data_content_type 
_pdbx_audit_revision_category.category 
1 3 'Structure model' chem_comp_atom                
2 3 'Structure model' chem_comp_bond                
3 3 'Structure model' database_2                    
4 3 'Structure model' pdbx_initial_refinement_model 
5 3 'Structure model' pdbx_struct_conn_angle        
6 3 'Structure model' struct_conn                   
7 3 'Structure model' struct_ref_seq_dif            
8 3 'Structure model' struct_site                   
# 
loop_
_pdbx_audit_revision_item.ordinal 
_pdbx_audit_revision_item.revision_ordinal 
_pdbx_audit_revision_item.data_content_type 
_pdbx_audit_revision_item.item 
1  3 'Structure model' '_database_2.pdbx_DOI'                        
2  3 'Structure model' '_database_2.pdbx_database_accession'         
3  3 'Structure model' '_pdbx_struct_conn_angle.ptnr1_auth_asym_id'  
4  3 'Structure model' '_pdbx_struct_conn_angle.ptnr1_auth_comp_id'  
5  3 'Structure model' '_pdbx_struct_conn_angle.ptnr1_auth_seq_id'   
6  3 'Structure model' '_pdbx_struct_conn_angle.ptnr1_label_asym_id' 
7  3 'Structure model' '_pdbx_struct_conn_angle.ptnr1_label_atom_id' 
8  3 'Structure model' '_pdbx_struct_conn_angle.ptnr1_label_comp_id' 
9  3 'Structure model' '_pdbx_struct_conn_angle.ptnr1_label_seq_id'  
10 3 'Structure model' '_pdbx_struct_conn_angle.ptnr3_auth_asym_id'  
11 3 'Structure model' '_pdbx_struct_conn_angle.ptnr3_auth_comp_id'  
12 3 'Structure model' '_pdbx_struct_conn_angle.ptnr3_auth_seq_id'   
13 3 'Structure model' '_pdbx_struct_conn_angle.ptnr3_label_asym_id' 
14 3 'Structure model' '_pdbx_struct_conn_angle.ptnr3_label_atom_id' 
15 3 'Structure model' '_pdbx_struct_conn_angle.ptnr3_label_comp_id' 
16 3 'Structure model' '_pdbx_struct_conn_angle.ptnr3_label_seq_id'  
17 3 'Structure model' '_pdbx_struct_conn_angle.value'               
18 3 'Structure model' '_struct_conn.pdbx_dist_value'                
19 3 'Structure model' '_struct_conn.ptnr1_auth_asym_id'             
20 3 'Structure model' '_struct_conn.ptnr1_auth_comp_id'             
21 3 'Structure model' '_struct_conn.ptnr1_auth_seq_id'              
22 3 'Structure model' '_struct_conn.ptnr1_label_asym_id'            
23 3 'Structure model' '_struct_conn.ptnr1_label_atom_id'            
24 3 'Structure model' '_struct_conn.ptnr1_label_comp_id'            
25 3 'Structure model' '_struct_conn.ptnr1_label_seq_id'             
26 3 'Structure model' '_struct_conn.ptnr2_auth_asym_id'             
27 3 'Structure model' '_struct_conn.ptnr2_auth_comp_id'             
28 3 'Structure model' '_struct_conn.ptnr2_auth_seq_id'              
29 3 'Structure model' '_struct_conn.ptnr2_label_asym_id'            
30 3 'Structure model' '_struct_conn.ptnr2_label_atom_id'            
31 3 'Structure model' '_struct_conn.ptnr2_label_comp_id'            
32 3 'Structure model' '_struct_conn.ptnr2_label_seq_id'             
33 3 'Structure model' '_struct_ref_seq_dif.details'                 
34 3 'Structure model' '_struct_site.pdbx_auth_asym_id'              
35 3 'Structure model' '_struct_site.pdbx_auth_comp_id'              
36 3 'Structure model' '_struct_site.pdbx_auth_seq_id'               
# 
_pdbx_phasing_MR.entry_id                     3L2C 
_pdbx_phasing_MR.method_rotation              ? 
_pdbx_phasing_MR.method_translation           ? 
_pdbx_phasing_MR.model_details                ? 
_pdbx_phasing_MR.R_factor                     ? 
_pdbx_phasing_MR.R_rigid_body                 ? 
_pdbx_phasing_MR.correlation_coeff_Fo_to_Fc   ? 
_pdbx_phasing_MR.correlation_coeff_Io_to_Ic   ? 
_pdbx_phasing_MR.d_res_high_rotation          2.040 
_pdbx_phasing_MR.d_res_low_rotation           35.470 
_pdbx_phasing_MR.d_res_high_translation       2.040 
_pdbx_phasing_MR.d_res_low_translation        35.470 
_pdbx_phasing_MR.packing                      ? 
_pdbx_phasing_MR.reflns_percent_rotation      ? 
_pdbx_phasing_MR.reflns_percent_translation   ? 
_pdbx_phasing_MR.sigma_F_rotation             ? 
_pdbx_phasing_MR.sigma_F_translation          ? 
_pdbx_phasing_MR.sigma_I_rotation             ? 
_pdbx_phasing_MR.sigma_I_translation          ? 
# 
_phasing.method   MR 
# 
loop_
_software.name 
_software.version 
_software.date 
_software.type 
_software.contact_author 
_software.contact_author_email 
_software.classification 
_software.location 
_software.language 
_software.citation_id 
_software.pdbx_ordinal 
SCALA       .     ?                    other   'Phil Evans'      pre@mrc-lmb.cam.ac.uk    'data scaling'    
http://www.ccp4.ac.uk/dist/html/INDEX.html  Fortran_77 ? 1 
MOLREP      .     ?                    other   'A. Vagin'        alexei@ysbl.york.ac.uk   phasing           
http://www.ccp4.ac.uk/dist/html/molrep.html Fortran_77 ? 2 
REFMAC      .     ?                    program 'Murshudov, G.N.' ccp4@dl.ac.uk            refinement        
http://www.ccp4.ac.uk/main.html             Fortran_77 ? 3 
PDB_EXTRACT 3.004 'September 10, 2007' package PDB               sw-help@rcsb.rutgers.edu 'data extraction' 
http://pdb.rutgers.edu/software/            C++        ? 4 
MAR345dtb   .     ?                    ?       ?                 ?                        'data collection' ? ?          ? 5 
MOSFLM      .     ?                    ?       ?                 ?                        'data reduction'  ? ?          ? 6 
# 
loop_
_pdbx_validate_rmsd_bond.id 
_pdbx_validate_rmsd_bond.PDB_model_num 
_pdbx_validate_rmsd_bond.auth_atom_id_1 
_pdbx_validate_rmsd_bond.auth_asym_id_1 
_pdbx_validate_rmsd_bond.auth_comp_id_1 
_pdbx_validate_rmsd_bond.auth_seq_id_1 
_pdbx_validate_rmsd_bond.PDB_ins_code_1 
_pdbx_validate_rmsd_bond.label_alt_id_1 
_pdbx_validate_rmsd_bond.auth_atom_id_2 
_pdbx_validate_rmsd_bond.auth_asym_id_2 
_pdbx_validate_rmsd_bond.auth_comp_id_2 
_pdbx_validate_rmsd_bond.auth_seq_id_2 
_pdbx_validate_rmsd_bond.PDB_ins_code_2 
_pdbx_validate_rmsd_bond.label_alt_id_2 
_pdbx_validate_rmsd_bond.bond_value 
_pdbx_validate_rmsd_bond.bond_target_value 
_pdbx_validate_rmsd_bond.bond_deviation 
_pdbx_validate_rmsd_bond.bond_standard_deviation 
_pdbx_validate_rmsd_bond.linker_flag 
1 1 "O3'" B DA 11 ? ? "C3'" B DA 11 ? ? 1.375 1.419 -0.044 0.006 N 
2 1 "O3'" C DC 33 ? ? "C3'" C DC 33 ? ? 1.378 1.419 -0.041 0.006 N 
3 1 "O3'" C DT 35 ? ? "C3'" C DT 35 ? ? 1.370 1.419 -0.049 0.006 N 
# 
loop_
_pdbx_validate_rmsd_angle.id 
_pdbx_validate_rmsd_angle.PDB_model_num 
_pdbx_validate_rmsd_angle.auth_atom_id_1 
_pdbx_validate_rmsd_angle.auth_asym_id_1 
_pdbx_validate_rmsd_angle.auth_comp_id_1 
_pdbx_validate_rmsd_angle.auth_seq_id_1 
_pdbx_validate_rmsd_angle.PDB_ins_code_1 
_pdbx_validate_rmsd_angle.label_alt_id_1 
_pdbx_validate_rmsd_angle.auth_atom_id_2 
_pdbx_validate_rmsd_angle.auth_asym_id_2 
_pdbx_validate_rmsd_angle.auth_comp_id_2 
_pdbx_validate_rmsd_angle.auth_seq_id_2 
_pdbx_validate_rmsd_angle.PDB_ins_code_2 
_pdbx_validate_rmsd_angle.label_alt_id_2 
_pdbx_validate_rmsd_angle.auth_atom_id_3 
_pdbx_validate_rmsd_angle.auth_asym_id_3 
_pdbx_validate_rmsd_angle.auth_comp_id_3 
_pdbx_validate_rmsd_angle.auth_seq_id_3 
_pdbx_validate_rmsd_angle.PDB_ins_code_3 
_pdbx_validate_rmsd_angle.label_alt_id_3 
_pdbx_validate_rmsd_angle.angle_value 
_pdbx_validate_rmsd_angle.angle_target_value 
_pdbx_validate_rmsd_angle.angle_deviation 
_pdbx_validate_rmsd_angle.angle_standard_deviation 
_pdbx_validate_rmsd_angle.linker_flag 
1 1 "O4'" B DT 2  ? ? "C1'" B DT 2  ? ? N1    B DT 2  ? ? 103.46 108.00 -4.54 0.70 N 
2 1 "C1'" B DC 10 ? ? "O4'" B DC 10 ? ? "C4'" B DC 10 ? ? 104.04 110.10 -6.06 1.00 N 
3 1 "O4'" B DC 10 ? ? "C1'" B DC 10 ? ? N1    B DC 10 ? ? 110.57 108.30 2.27  0.30 N 
4 1 "O4'" B DC 13 ? ? "C1'" B DC 13 ? ? N1    B DC 13 ? ? 112.63 108.30 4.33  0.30 N 
5 1 "O4'" C DG 25 ? ? "C1'" C DG 25 ? ? N9    C DG 25 ? ? 111.85 108.30 3.55  0.30 N 
6 1 "C1'" C DG 28 ? ? "O4'" C DG 28 ? ? "C4'" C DG 28 ? ? 103.66 110.10 -6.44 1.00 N 
7 1 "O4'" C DT 30 ? ? "C4'" C DT 30 ? ? "C3'" C DT 30 ? ? 100.73 104.50 -3.77 0.40 N 
8 1 "C1'" C DT 30 ? ? "O4'" C DT 30 ? ? "C4'" C DT 30 ? ? 103.34 110.10 -6.76 1.00 N 
9 1 "O4'" C DC 33 ? ? "C1'" C DC 33 ? ? N1    C DC 33 ? ? 110.71 108.30 2.41  0.30 N 
# 
_pdbx_validate_torsion.id              1 
_pdbx_validate_torsion.PDB_model_num   1 
_pdbx_validate_torsion.auth_comp_id    THR 
_pdbx_validate_torsion.auth_asym_id    A 
_pdbx_validate_torsion.auth_seq_id     168 
_pdbx_validate_torsion.PDB_ins_code    ? 
_pdbx_validate_torsion.label_alt_id    ? 
_pdbx_validate_torsion.phi             -29.90 
_pdbx_validate_torsion.psi             -54.43 
# 
loop_
_pdbx_unobs_or_zero_occ_residues.id 
_pdbx_unobs_or_zero_occ_residues.PDB_model_num 
_pdbx_unobs_or_zero_occ_residues.polymer_flag 
_pdbx_unobs_or_zero_occ_residues.occupancy_flag 
_pdbx_unobs_or_zero_occ_residues.auth_asym_id 
_pdbx_unobs_or_zero_occ_residues.auth_comp_id 
_pdbx_unobs_or_zero_occ_residues.auth_seq_id 
_pdbx_unobs_or_zero_occ_residues.PDB_ins_code 
_pdbx_unobs_or_zero_occ_residues.label_asym_id 
_pdbx_unobs_or_zero_occ_residues.label_comp_id 
_pdbx_unobs_or_zero_occ_residues.label_seq_id 
1  1 Y 1 A GLY 74  ? C GLY 1   
2  1 Y 1 A SER 75  ? C SER 2   
3  1 Y 1 A HIS 76  ? C HIS 3   
4  1 Y 1 A MET 77  ? C MET 4   
5  1 Y 1 A LEU 78  ? C LEU 5   
6  1 Y 1 A GLU 79  ? C GLU 6   
7  1 Y 1 A ASP 80  ? C ASP 7   
8  1 Y 1 A PRO 81  ? C PRO 8   
9  1 Y 1 A GLY 82  ? C GLY 9   
10 1 Y 1 A ALA 83  ? C ALA 10  
11 1 Y 1 A VAL 84  ? C VAL 11  
12 1 Y 1 A THR 85  ? C THR 12  
13 1 Y 1 A GLY 86  ? C GLY 13  
14 1 Y 1 A PRO 87  ? C PRO 14  
15 1 Y 1 A ARG 88  ? C ARG 15  
16 1 Y 1 A LYS 89  ? C LYS 16  
17 1 Y 1 A GLY 90  ? C GLY 17  
18 1 Y 1 A GLY 91  ? C GLY 18  
19 1 Y 1 A SER 92  ? C SER 19  
20 1 Y 1 A PRO 178 ? C PRO 105 
21 1 Y 1 A GLU 179 ? C GLU 106 
22 1 Y 1 A GLY 180 ? C GLY 107 
23 1 Y 1 A GLY 181 ? C GLY 108 
24 1 Y 1 A LYS 182 ? C LYS 109 
25 1 Y 1 A SER 183 ? C SER 110 
# 
loop_
_chem_comp_atom.comp_id 
_chem_comp_atom.atom_id 
_chem_comp_atom.type_symbol 
_chem_comp_atom.pdbx_aromatic_flag 
_chem_comp_atom.pdbx_stereo_config 
_chem_comp_atom.pdbx_ordinal 
ALA N      N  N N 1   
ALA CA     C  N S 2   
ALA C      C  N N 3   
ALA O      O  N N 4   
ALA CB     C  N N 5   
ALA OXT    O  N N 6   
ALA H      H  N N 7   
ALA H2     H  N N 8   
ALA HA     H  N N 9   
ALA HB1    H  N N 10  
ALA HB2    H  N N 11  
ALA HB3    H  N N 12  
ALA HXT    H  N N 13  
ARG N      N  N N 14  
ARG CA     C  N S 15  
ARG C      C  N N 16  
ARG O      O  N N 17  
ARG CB     C  N N 18  
ARG CG     C  N N 19  
ARG CD     C  N N 20  
ARG NE     N  N N 21  
ARG CZ     C  N N 22  
ARG NH1    N  N N 23  
ARG NH2    N  N N 24  
ARG OXT    O  N N 25  
ARG H      H  N N 26  
ARG H2     H  N N 27  
ARG HA     H  N N 28  
ARG HB2    H  N N 29  
ARG HB3    H  N N 30  
ARG HG2    H  N N 31  
ARG HG3    H  N N 32  
ARG HD2    H  N N 33  
ARG HD3    H  N N 34  
ARG HE     H  N N 35  
ARG HH11   H  N N 36  
ARG HH12   H  N N 37  
ARG HH21   H  N N 38  
ARG HH22   H  N N 39  
ARG HXT    H  N N 40  
ASN N      N  N N 41  
ASN CA     C  N S 42  
ASN C      C  N N 43  
ASN O      O  N N 44  
ASN CB     C  N N 45  
ASN CG     C  N N 46  
ASN OD1    O  N N 47  
ASN ND2    N  N N 48  
ASN OXT    O  N N 49  
ASN H      H  N N 50  
ASN H2     H  N N 51  
ASN HA     H  N N 52  
ASN HB2    H  N N 53  
ASN HB3    H  N N 54  
ASN HD21   H  N N 55  
ASN HD22   H  N N 56  
ASN HXT    H  N N 57  
ASP N      N  N N 58  
ASP CA     C  N S 59  
ASP C      C  N N 60  
ASP O      O  N N 61  
ASP CB     C  N N 62  
ASP CG     C  N N 63  
ASP OD1    O  N N 64  
ASP OD2    O  N N 65  
ASP OXT    O  N N 66  
ASP H      H  N N 67  
ASP H2     H  N N 68  
ASP HA     H  N N 69  
ASP HB2    H  N N 70  
ASP HB3    H  N N 71  
ASP HD2    H  N N 72  
ASP HXT    H  N N 73  
DA  OP3    O  N N 74  
DA  P      P  N N 75  
DA  OP1    O  N N 76  
DA  OP2    O  N N 77  
DA  "O5'"  O  N N 78  
DA  "C5'"  C  N N 79  
DA  "C4'"  C  N R 80  
DA  "O4'"  O  N N 81  
DA  "C3'"  C  N S 82  
DA  "O3'"  O  N N 83  
DA  "C2'"  C  N N 84  
DA  "C1'"  C  N R 85  
DA  N9     N  Y N 86  
DA  C8     C  Y N 87  
DA  N7     N  Y N 88  
DA  C5     C  Y N 89  
DA  C6     C  Y N 90  
DA  N6     N  N N 91  
DA  N1     N  Y N 92  
DA  C2     C  Y N 93  
DA  N3     N  Y N 94  
DA  C4     C  Y N 95  
DA  HOP3   H  N N 96  
DA  HOP2   H  N N 97  
DA  "H5'"  H  N N 98  
DA  "H5''" H  N N 99  
DA  "H4'"  H  N N 100 
DA  "H3'"  H  N N 101 
DA  "HO3'" H  N N 102 
DA  "H2'"  H  N N 103 
DA  "H2''" H  N N 104 
DA  "H1'"  H  N N 105 
DA  H8     H  N N 106 
DA  H61    H  N N 107 
DA  H62    H  N N 108 
DA  H2     H  N N 109 
DC  OP3    O  N N 110 
DC  P      P  N N 111 
DC  OP1    O  N N 112 
DC  OP2    O  N N 113 
DC  "O5'"  O  N N 114 
DC  "C5'"  C  N N 115 
DC  "C4'"  C  N R 116 
DC  "O4'"  O  N N 117 
DC  "C3'"  C  N S 118 
DC  "O3'"  O  N N 119 
DC  "C2'"  C  N N 120 
DC  "C1'"  C  N R 121 
DC  N1     N  N N 122 
DC  C2     C  N N 123 
DC  O2     O  N N 124 
DC  N3     N  N N 125 
DC  C4     C  N N 126 
DC  N4     N  N N 127 
DC  C5     C  N N 128 
DC  C6     C  N N 129 
DC  HOP3   H  N N 130 
DC  HOP2   H  N N 131 
DC  "H5'"  H  N N 132 
DC  "H5''" H  N N 133 
DC  "H4'"  H  N N 134 
DC  "H3'"  H  N N 135 
DC  "HO3'" H  N N 136 
DC  "H2'"  H  N N 137 
DC  "H2''" H  N N 138 
DC  "H1'"  H  N N 139 
DC  H41    H  N N 140 
DC  H42    H  N N 141 
DC  H5     H  N N 142 
DC  H6     H  N N 143 
DG  OP3    O  N N 144 
DG  P      P  N N 145 
DG  OP1    O  N N 146 
DG  OP2    O  N N 147 
DG  "O5'"  O  N N 148 
DG  "C5'"  C  N N 149 
DG  "C4'"  C  N R 150 
DG  "O4'"  O  N N 151 
DG  "C3'"  C  N S 152 
DG  "O3'"  O  N N 153 
DG  "C2'"  C  N N 154 
DG  "C1'"  C  N R 155 
DG  N9     N  Y N 156 
DG  C8     C  Y N 157 
DG  N7     N  Y N 158 
DG  C5     C  Y N 159 
DG  C6     C  N N 160 
DG  O6     O  N N 161 
DG  N1     N  N N 162 
DG  C2     C  N N 163 
DG  N2     N  N N 164 
DG  N3     N  N N 165 
DG  C4     C  Y N 166 
DG  HOP3   H  N N 167 
DG  HOP2   H  N N 168 
DG  "H5'"  H  N N 169 
DG  "H5''" H  N N 170 
DG  "H4'"  H  N N 171 
DG  "H3'"  H  N N 172 
DG  "HO3'" H  N N 173 
DG  "H2'"  H  N N 174 
DG  "H2''" H  N N 175 
DG  "H1'"  H  N N 176 
DG  H8     H  N N 177 
DG  H1     H  N N 178 
DG  H21    H  N N 179 
DG  H22    H  N N 180 
DT  OP3    O  N N 181 
DT  P      P  N N 182 
DT  OP1    O  N N 183 
DT  OP2    O  N N 184 
DT  "O5'"  O  N N 185 
DT  "C5'"  C  N N 186 
DT  "C4'"  C  N R 187 
DT  "O4'"  O  N N 188 
DT  "C3'"  C  N S 189 
DT  "O3'"  O  N N 190 
DT  "C2'"  C  N N 191 
DT  "C1'"  C  N R 192 
DT  N1     N  N N 193 
DT  C2     C  N N 194 
DT  O2     O  N N 195 
DT  N3     N  N N 196 
DT  C4     C  N N 197 
DT  O4     O  N N 198 
DT  C5     C  N N 199 
DT  C7     C  N N 200 
DT  C6     C  N N 201 
DT  HOP3   H  N N 202 
DT  HOP2   H  N N 203 
DT  "H5'"  H  N N 204 
DT  "H5''" H  N N 205 
DT  "H4'"  H  N N 206 
DT  "H3'"  H  N N 207 
DT  "HO3'" H  N N 208 
DT  "H2'"  H  N N 209 
DT  "H2''" H  N N 210 
DT  "H1'"  H  N N 211 
DT  H3     H  N N 212 
DT  H71    H  N N 213 
DT  H72    H  N N 214 
DT  H73    H  N N 215 
DT  H6     H  N N 216 
GLN N      N  N N 217 
GLN CA     C  N S 218 
GLN C      C  N N 219 
GLN O      O  N N 220 
GLN CB     C  N N 221 
GLN CG     C  N N 222 
GLN CD     C  N N 223 
GLN OE1    O  N N 224 
GLN NE2    N  N N 225 
GLN OXT    O  N N 226 
GLN H      H  N N 227 
GLN H2     H  N N 228 
GLN HA     H  N N 229 
GLN HB2    H  N N 230 
GLN HB3    H  N N 231 
GLN HG2    H  N N 232 
GLN HG3    H  N N 233 
GLN HE21   H  N N 234 
GLN HE22   H  N N 235 
GLN HXT    H  N N 236 
GLU N      N  N N 237 
GLU CA     C  N S 238 
GLU C      C  N N 239 
GLU O      O  N N 240 
GLU CB     C  N N 241 
GLU CG     C  N N 242 
GLU CD     C  N N 243 
GLU OE1    O  N N 244 
GLU OE2    O  N N 245 
GLU OXT    O  N N 246 
GLU H      H  N N 247 
GLU H2     H  N N 248 
GLU HA     H  N N 249 
GLU HB2    H  N N 250 
GLU HB3    H  N N 251 
GLU HG2    H  N N 252 
GLU HG3    H  N N 253 
GLU HE2    H  N N 254 
GLU HXT    H  N N 255 
GLY N      N  N N 256 
GLY CA     C  N N 257 
GLY C      C  N N 258 
GLY O      O  N N 259 
GLY OXT    O  N N 260 
GLY H      H  N N 261 
GLY H2     H  N N 262 
GLY HA2    H  N N 263 
GLY HA3    H  N N 264 
GLY HXT    H  N N 265 
HIS N      N  N N 266 
HIS CA     C  N S 267 
HIS C      C  N N 268 
HIS O      O  N N 269 
HIS CB     C  N N 270 
HIS CG     C  Y N 271 
HIS ND1    N  Y N 272 
HIS CD2    C  Y N 273 
HIS CE1    C  Y N 274 
HIS NE2    N  Y N 275 
HIS OXT    O  N N 276 
HIS H      H  N N 277 
HIS H2     H  N N 278 
HIS HA     H  N N 279 
HIS HB2    H  N N 280 
HIS HB3    H  N N 281 
HIS HD1    H  N N 282 
HIS HD2    H  N N 283 
HIS HE1    H  N N 284 
HIS HE2    H  N N 285 
HIS HXT    H  N N 286 
HOH O      O  N N 287 
HOH H1     H  N N 288 
HOH H2     H  N N 289 
ILE N      N  N N 290 
ILE CA     C  N S 291 
ILE C      C  N N 292 
ILE O      O  N N 293 
ILE CB     C  N S 294 
ILE CG1    C  N N 295 
ILE CG2    C  N N 296 
ILE CD1    C  N N 297 
ILE OXT    O  N N 298 
ILE H      H  N N 299 
ILE H2     H  N N 300 
ILE HA     H  N N 301 
ILE HB     H  N N 302 
ILE HG12   H  N N 303 
ILE HG13   H  N N 304 
ILE HG21   H  N N 305 
ILE HG22   H  N N 306 
ILE HG23   H  N N 307 
ILE HD11   H  N N 308 
ILE HD12   H  N N 309 
ILE HD13   H  N N 310 
ILE HXT    H  N N 311 
LEU N      N  N N 312 
LEU CA     C  N S 313 
LEU C      C  N N 314 
LEU O      O  N N 315 
LEU CB     C  N N 316 
LEU CG     C  N N 317 
LEU CD1    C  N N 318 
LEU CD2    C  N N 319 
LEU OXT    O  N N 320 
LEU H      H  N N 321 
LEU H2     H  N N 322 
LEU HA     H  N N 323 
LEU HB2    H  N N 324 
LEU HB3    H  N N 325 
LEU HG     H  N N 326 
LEU HD11   H  N N 327 
LEU HD12   H  N N 328 
LEU HD13   H  N N 329 
LEU HD21   H  N N 330 
LEU HD22   H  N N 331 
LEU HD23   H  N N 332 
LEU HXT    H  N N 333 
LYS N      N  N N 334 
LYS CA     C  N S 335 
LYS C      C  N N 336 
LYS O      O  N N 337 
LYS CB     C  N N 338 
LYS CG     C  N N 339 
LYS CD     C  N N 340 
LYS CE     C  N N 341 
LYS NZ     N  N N 342 
LYS OXT    O  N N 343 
LYS H      H  N N 344 
LYS H2     H  N N 345 
LYS HA     H  N N 346 
LYS HB2    H  N N 347 
LYS HB3    H  N N 348 
LYS HG2    H  N N 349 
LYS HG3    H  N N 350 
LYS HD2    H  N N 351 
LYS HD3    H  N N 352 
LYS HE2    H  N N 353 
LYS HE3    H  N N 354 
LYS HZ1    H  N N 355 
LYS HZ2    H  N N 356 
LYS HZ3    H  N N 357 
LYS HXT    H  N N 358 
MET N      N  N N 359 
MET CA     C  N S 360 
MET C      C  N N 361 
MET O      O  N N 362 
MET CB     C  N N 363 
MET CG     C  N N 364 
MET SD     S  N N 365 
MET CE     C  N N 366 
MET OXT    O  N N 367 
MET H      H  N N 368 
MET H2     H  N N 369 
MET HA     H  N N 370 
MET HB2    H  N N 371 
MET HB3    H  N N 372 
MET HG2    H  N N 373 
MET HG3    H  N N 374 
MET HE1    H  N N 375 
MET HE2    H  N N 376 
MET HE3    H  N N 377 
MET HXT    H  N N 378 
MG  MG     MG N N 379 
PHE N      N  N N 380 
PHE CA     C  N S 381 
PHE C      C  N N 382 
PHE O      O  N N 383 
PHE CB     C  N N 384 
PHE CG     C  Y N 385 
PHE CD1    C  Y N 386 
PHE CD2    C  Y N 387 
PHE CE1    C  Y N 388 
PHE CE2    C  Y N 389 
PHE CZ     C  Y N 390 
PHE OXT    O  N N 391 
PHE H      H  N N 392 
PHE H2     H  N N 393 
PHE HA     H  N N 394 
PHE HB2    H  N N 395 
PHE HB3    H  N N 396 
PHE HD1    H  N N 397 
PHE HD2    H  N N 398 
PHE HE1    H  N N 399 
PHE HE2    H  N N 400 
PHE HZ     H  N N 401 
PHE HXT    H  N N 402 
PRO N      N  N N 403 
PRO CA     C  N S 404 
PRO C      C  N N 405 
PRO O      O  N N 406 
PRO CB     C  N N 407 
PRO CG     C  N N 408 
PRO CD     C  N N 409 
PRO OXT    O  N N 410 
PRO H      H  N N 411 
PRO HA     H  N N 412 
PRO HB2    H  N N 413 
PRO HB3    H  N N 414 
PRO HG2    H  N N 415 
PRO HG3    H  N N 416 
PRO HD2    H  N N 417 
PRO HD3    H  N N 418 
PRO HXT    H  N N 419 
SER N      N  N N 420 
SER CA     C  N S 421 
SER C      C  N N 422 
SER O      O  N N 423 
SER CB     C  N N 424 
SER OG     O  N N 425 
SER OXT    O  N N 426 
SER H      H  N N 427 
SER H2     H  N N 428 
SER HA     H  N N 429 
SER HB2    H  N N 430 
SER HB3    H  N N 431 
SER HG     H  N N 432 
SER HXT    H  N N 433 
THR N      N  N N 434 
THR CA     C  N S 435 
THR C      C  N N 436 
THR O      O  N N 437 
THR CB     C  N R 438 
THR OG1    O  N N 439 
THR CG2    C  N N 440 
THR OXT    O  N N 441 
THR H      H  N N 442 
THR H2     H  N N 443 
THR HA     H  N N 444 
THR HB     H  N N 445 
THR HG1    H  N N 446 
THR HG21   H  N N 447 
THR HG22   H  N N 448 
THR HG23   H  N N 449 
THR HXT    H  N N 450 
TRP N      N  N N 451 
TRP CA     C  N S 452 
TRP C      C  N N 453 
TRP O      O  N N 454 
TRP CB     C  N N 455 
TRP CG     C  Y N 456 
TRP CD1    C  Y N 457 
TRP CD2    C  Y N 458 
TRP NE1    N  Y N 459 
TRP CE2    C  Y N 460 
TRP CE3    C  Y N 461 
TRP CZ2    C  Y N 462 
TRP CZ3    C  Y N 463 
TRP CH2    C  Y N 464 
TRP OXT    O  N N 465 
TRP H      H  N N 466 
TRP H2     H  N N 467 
TRP HA     H  N N 468 
TRP HB2    H  N N 469 
TRP HB3    H  N N 470 
TRP HD1    H  N N 471 
TRP HE1    H  N N 472 
TRP HE3    H  N N 473 
TRP HZ2    H  N N 474 
TRP HZ3    H  N N 475 
TRP HH2    H  N N 476 
TRP HXT    H  N N 477 
TYR N      N  N N 478 
TYR CA     C  N S 479 
TYR C      C  N N 480 
TYR O      O  N N 481 
TYR CB     C  N N 482 
TYR CG     C  Y N 483 
TYR CD1    C  Y N 484 
TYR CD2    C  Y N 485 
TYR CE1    C  Y N 486 
TYR CE2    C  Y N 487 
TYR CZ     C  Y N 488 
TYR OH     O  N N 489 
TYR OXT    O  N N 490 
TYR H      H  N N 491 
TYR H2     H  N N 492 
TYR HA     H  N N 493 
TYR HB2    H  N N 494 
TYR HB3    H  N N 495 
TYR HD1    H  N N 496 
TYR HD2    H  N N 497 
TYR HE1    H  N N 498 
TYR HE2    H  N N 499 
TYR HH     H  N N 500 
TYR HXT    H  N N 501 
VAL N      N  N N 502 
VAL CA     C  N S 503 
VAL C      C  N N 504 
VAL O      O  N N 505 
VAL CB     C  N N 506 
VAL CG1    C  N N 507 
VAL CG2    C  N N 508 
VAL OXT    O  N N 509 
VAL H      H  N N 510 
VAL H2     H  N N 511 
VAL HA     H  N N 512 
VAL HB     H  N N 513 
VAL HG11   H  N N 514 
VAL HG12   H  N N 515 
VAL HG13   H  N N 516 
VAL HG21   H  N N 517 
VAL HG22   H  N N 518 
VAL HG23   H  N N 519 
VAL HXT    H  N N 520 
# 
loop_
_chem_comp_bond.comp_id 
_chem_comp_bond.atom_id_1 
_chem_comp_bond.atom_id_2 
_chem_comp_bond.value_order 
_chem_comp_bond.pdbx_aromatic_flag 
_chem_comp_bond.pdbx_stereo_config 
_chem_comp_bond.pdbx_ordinal 
ALA N     CA     sing N N 1   
ALA N     H      sing N N 2   
ALA N     H2     sing N N 3   
ALA CA    C      sing N N 4   
ALA CA    CB     sing N N 5   
ALA CA    HA     sing N N 6   
ALA C     O      doub N N 7   
ALA C     OXT    sing N N 8   
ALA CB    HB1    sing N N 9   
ALA CB    HB2    sing N N 10  
ALA CB    HB3    sing N N 11  
ALA OXT   HXT    sing N N 12  
ARG N     CA     sing N N 13  
ARG N     H      sing N N 14  
ARG N     H2     sing N N 15  
ARG CA    C      sing N N 16  
ARG CA    CB     sing N N 17  
ARG CA    HA     sing N N 18  
ARG C     O      doub N N 19  
ARG C     OXT    sing N N 20  
ARG CB    CG     sing N N 21  
ARG CB    HB2    sing N N 22  
ARG CB    HB3    sing N N 23  
ARG CG    CD     sing N N 24  
ARG CG    HG2    sing N N 25  
ARG CG    HG3    sing N N 26  
ARG CD    NE     sing N N 27  
ARG CD    HD2    sing N N 28  
ARG CD    HD3    sing N N 29  
ARG NE    CZ     sing N N 30  
ARG NE    HE     sing N N 31  
ARG CZ    NH1    sing N N 32  
ARG CZ    NH2    doub N N 33  
ARG NH1   HH11   sing N N 34  
ARG NH1   HH12   sing N N 35  
ARG NH2   HH21   sing N N 36  
ARG NH2   HH22   sing N N 37  
ARG OXT   HXT    sing N N 38  
ASN N     CA     sing N N 39  
ASN N     H      sing N N 40  
ASN N     H2     sing N N 41  
ASN CA    C      sing N N 42  
ASN CA    CB     sing N N 43  
ASN CA    HA     sing N N 44  
ASN C     O      doub N N 45  
ASN C     OXT    sing N N 46  
ASN CB    CG     sing N N 47  
ASN CB    HB2    sing N N 48  
ASN CB    HB3    sing N N 49  
ASN CG    OD1    doub N N 50  
ASN CG    ND2    sing N N 51  
ASN ND2   HD21   sing N N 52  
ASN ND2   HD22   sing N N 53  
ASN OXT   HXT    sing N N 54  
ASP N     CA     sing N N 55  
ASP N     H      sing N N 56  
ASP N     H2     sing N N 57  
ASP CA    C      sing N N 58  
ASP CA    CB     sing N N 59  
ASP CA    HA     sing N N 60  
ASP C     O      doub N N 61  
ASP C     OXT    sing N N 62  
ASP CB    CG     sing N N 63  
ASP CB    HB2    sing N N 64  
ASP CB    HB3    sing N N 65  
ASP CG    OD1    doub N N 66  
ASP CG    OD2    sing N N 67  
ASP OD2   HD2    sing N N 68  
ASP OXT   HXT    sing N N 69  
DA  OP3   P      sing N N 70  
DA  OP3   HOP3   sing N N 71  
DA  P     OP1    doub N N 72  
DA  P     OP2    sing N N 73  
DA  P     "O5'"  sing N N 74  
DA  OP2   HOP2   sing N N 75  
DA  "O5'" "C5'"  sing N N 76  
DA  "C5'" "C4'"  sing N N 77  
DA  "C5'" "H5'"  sing N N 78  
DA  "C5'" "H5''" sing N N 79  
DA  "C4'" "O4'"  sing N N 80  
DA  "C4'" "C3'"  sing N N 81  
DA  "C4'" "H4'"  sing N N 82  
DA  "O4'" "C1'"  sing N N 83  
DA  "C3'" "O3'"  sing N N 84  
DA  "C3'" "C2'"  sing N N 85  
DA  "C3'" "H3'"  sing N N 86  
DA  "O3'" "HO3'" sing N N 87  
DA  "C2'" "C1'"  sing N N 88  
DA  "C2'" "H2'"  sing N N 89  
DA  "C2'" "H2''" sing N N 90  
DA  "C1'" N9     sing N N 91  
DA  "C1'" "H1'"  sing N N 92  
DA  N9    C8     sing Y N 93  
DA  N9    C4     sing Y N 94  
DA  C8    N7     doub Y N 95  
DA  C8    H8     sing N N 96  
DA  N7    C5     sing Y N 97  
DA  C5    C6     sing Y N 98  
DA  C5    C4     doub Y N 99  
DA  C6    N6     sing N N 100 
DA  C6    N1     doub Y N 101 
DA  N6    H61    sing N N 102 
DA  N6    H62    sing N N 103 
DA  N1    C2     sing Y N 104 
DA  C2    N3     doub Y N 105 
DA  C2    H2     sing N N 106 
DA  N3    C4     sing Y N 107 
DC  OP3   P      sing N N 108 
DC  OP3   HOP3   sing N N 109 
DC  P     OP1    doub N N 110 
DC  P     OP2    sing N N 111 
DC  P     "O5'"  sing N N 112 
DC  OP2   HOP2   sing N N 113 
DC  "O5'" "C5'"  sing N N 114 
DC  "C5'" "C4'"  sing N N 115 
DC  "C5'" "H5'"  sing N N 116 
DC  "C5'" "H5''" sing N N 117 
DC  "C4'" "O4'"  sing N N 118 
DC  "C4'" "C3'"  sing N N 119 
DC  "C4'" "H4'"  sing N N 120 
DC  "O4'" "C1'"  sing N N 121 
DC  "C3'" "O3'"  sing N N 122 
DC  "C3'" "C2'"  sing N N 123 
DC  "C3'" "H3'"  sing N N 124 
DC  "O3'" "HO3'" sing N N 125 
DC  "C2'" "C1'"  sing N N 126 
DC  "C2'" "H2'"  sing N N 127 
DC  "C2'" "H2''" sing N N 128 
DC  "C1'" N1     sing N N 129 
DC  "C1'" "H1'"  sing N N 130 
DC  N1    C2     sing N N 131 
DC  N1    C6     sing N N 132 
DC  C2    O2     doub N N 133 
DC  C2    N3     sing N N 134 
DC  N3    C4     doub N N 135 
DC  C4    N4     sing N N 136 
DC  C4    C5     sing N N 137 
DC  N4    H41    sing N N 138 
DC  N4    H42    sing N N 139 
DC  C5    C6     doub N N 140 
DC  C5    H5     sing N N 141 
DC  C6    H6     sing N N 142 
DG  OP3   P      sing N N 143 
DG  OP3   HOP3   sing N N 144 
DG  P     OP1    doub N N 145 
DG  P     OP2    sing N N 146 
DG  P     "O5'"  sing N N 147 
DG  OP2   HOP2   sing N N 148 
DG  "O5'" "C5'"  sing N N 149 
DG  "C5'" "C4'"  sing N N 150 
DG  "C5'" "H5'"  sing N N 151 
DG  "C5'" "H5''" sing N N 152 
DG  "C4'" "O4'"  sing N N 153 
DG  "C4'" "C3'"  sing N N 154 
DG  "C4'" "H4'"  sing N N 155 
DG  "O4'" "C1'"  sing N N 156 
DG  "C3'" "O3'"  sing N N 157 
DG  "C3'" "C2'"  sing N N 158 
DG  "C3'" "H3'"  sing N N 159 
DG  "O3'" "HO3'" sing N N 160 
DG  "C2'" "C1'"  sing N N 161 
DG  "C2'" "H2'"  sing N N 162 
DG  "C2'" "H2''" sing N N 163 
DG  "C1'" N9     sing N N 164 
DG  "C1'" "H1'"  sing N N 165 
DG  N9    C8     sing Y N 166 
DG  N9    C4     sing Y N 167 
DG  C8    N7     doub Y N 168 
DG  C8    H8     sing N N 169 
DG  N7    C5     sing Y N 170 
DG  C5    C6     sing N N 171 
DG  C5    C4     doub Y N 172 
DG  C6    O6     doub N N 173 
DG  C6    N1     sing N N 174 
DG  N1    C2     sing N N 175 
DG  N1    H1     sing N N 176 
DG  C2    N2     sing N N 177 
DG  C2    N3     doub N N 178 
DG  N2    H21    sing N N 179 
DG  N2    H22    sing N N 180 
DG  N3    C4     sing N N 181 
DT  OP3   P      sing N N 182 
DT  OP3   HOP3   sing N N 183 
DT  P     OP1    doub N N 184 
DT  P     OP2    sing N N 185 
DT  P     "O5'"  sing N N 186 
DT  OP2   HOP2   sing N N 187 
DT  "O5'" "C5'"  sing N N 188 
DT  "C5'" "C4'"  sing N N 189 
DT  "C5'" "H5'"  sing N N 190 
DT  "C5'" "H5''" sing N N 191 
DT  "C4'" "O4'"  sing N N 192 
DT  "C4'" "C3'"  sing N N 193 
DT  "C4'" "H4'"  sing N N 194 
DT  "O4'" "C1'"  sing N N 195 
DT  "C3'" "O3'"  sing N N 196 
DT  "C3'" "C2'"  sing N N 197 
DT  "C3'" "H3'"  sing N N 198 
DT  "O3'" "HO3'" sing N N 199 
DT  "C2'" "C1'"  sing N N 200 
DT  "C2'" "H2'"  sing N N 201 
DT  "C2'" "H2''" sing N N 202 
DT  "C1'" N1     sing N N 203 
DT  "C1'" "H1'"  sing N N 204 
DT  N1    C2     sing N N 205 
DT  N1    C6     sing N N 206 
DT  C2    O2     doub N N 207 
DT  C2    N3     sing N N 208 
DT  N3    C4     sing N N 209 
DT  N3    H3     sing N N 210 
DT  C4    O4     doub N N 211 
DT  C4    C5     sing N N 212 
DT  C5    C7     sing N N 213 
DT  C5    C6     doub N N 214 
DT  C7    H71    sing N N 215 
DT  C7    H72    sing N N 216 
DT  C7    H73    sing N N 217 
DT  C6    H6     sing N N 218 
GLN N     CA     sing N N 219 
GLN N     H      sing N N 220 
GLN N     H2     sing N N 221 
GLN CA    C      sing N N 222 
GLN CA    CB     sing N N 223 
GLN CA    HA     sing N N 224 
GLN C     O      doub N N 225 
GLN C     OXT    sing N N 226 
GLN CB    CG     sing N N 227 
GLN CB    HB2    sing N N 228 
GLN CB    HB3    sing N N 229 
GLN CG    CD     sing N N 230 
GLN CG    HG2    sing N N 231 
GLN CG    HG3    sing N N 232 
GLN CD    OE1    doub N N 233 
GLN CD    NE2    sing N N 234 
GLN NE2   HE21   sing N N 235 
GLN NE2   HE22   sing N N 236 
GLN OXT   HXT    sing N N 237 
GLU N     CA     sing N N 238 
GLU N     H      sing N N 239 
GLU N     H2     sing N N 240 
GLU CA    C      sing N N 241 
GLU CA    CB     sing N N 242 
GLU CA    HA     sing N N 243 
GLU C     O      doub N N 244 
GLU C     OXT    sing N N 245 
GLU CB    CG     sing N N 246 
GLU CB    HB2    sing N N 247 
GLU CB    HB3    sing N N 248 
GLU CG    CD     sing N N 249 
GLU CG    HG2    sing N N 250 
GLU CG    HG3    sing N N 251 
GLU CD    OE1    doub N N 252 
GLU CD    OE2    sing N N 253 
GLU OE2   HE2    sing N N 254 
GLU OXT   HXT    sing N N 255 
GLY N     CA     sing N N 256 
GLY N     H      sing N N 257 
GLY N     H2     sing N N 258 
GLY CA    C      sing N N 259 
GLY CA    HA2    sing N N 260 
GLY CA    HA3    sing N N 261 
GLY C     O      doub N N 262 
GLY C     OXT    sing N N 263 
GLY OXT   HXT    sing N N 264 
HIS N     CA     sing N N 265 
HIS N     H      sing N N 266 
HIS N     H2     sing N N 267 
HIS CA    C      sing N N 268 
HIS CA    CB     sing N N 269 
HIS CA    HA     sing N N 270 
HIS C     O      doub N N 271 
HIS C     OXT    sing N N 272 
HIS CB    CG     sing N N 273 
HIS CB    HB2    sing N N 274 
HIS CB    HB3    sing N N 275 
HIS CG    ND1    sing Y N 276 
HIS CG    CD2    doub Y N 277 
HIS ND1   CE1    doub Y N 278 
HIS ND1   HD1    sing N N 279 
HIS CD2   NE2    sing Y N 280 
HIS CD2   HD2    sing N N 281 
HIS CE1   NE2    sing Y N 282 
HIS CE1   HE1    sing N N 283 
HIS NE2   HE2    sing N N 284 
HIS OXT   HXT    sing N N 285 
HOH O     H1     sing N N 286 
HOH O     H2     sing N N 287 
ILE N     CA     sing N N 288 
ILE N     H      sing N N 289 
ILE N     H2     sing N N 290 
ILE CA    C      sing N N 291 
ILE CA    CB     sing N N 292 
ILE CA    HA     sing N N 293 
ILE C     O      doub N N 294 
ILE C     OXT    sing N N 295 
ILE CB    CG1    sing N N 296 
ILE CB    CG2    sing N N 297 
ILE CB    HB     sing N N 298 
ILE CG1   CD1    sing N N 299 
ILE CG1   HG12   sing N N 300 
ILE CG1   HG13   sing N N 301 
ILE CG2   HG21   sing N N 302 
ILE CG2   HG22   sing N N 303 
ILE CG2   HG23   sing N N 304 
ILE CD1   HD11   sing N N 305 
ILE CD1   HD12   sing N N 306 
ILE CD1   HD13   sing N N 307 
ILE OXT   HXT    sing N N 308 
LEU N     CA     sing N N 309 
LEU N     H      sing N N 310 
LEU N     H2     sing N N 311 
LEU CA    C      sing N N 312 
LEU CA    CB     sing N N 313 
LEU CA    HA     sing N N 314 
LEU C     O      doub N N 315 
LEU C     OXT    sing N N 316 
LEU CB    CG     sing N N 317 
LEU CB    HB2    sing N N 318 
LEU CB    HB3    sing N N 319 
LEU CG    CD1    sing N N 320 
LEU CG    CD2    sing N N 321 
LEU CG    HG     sing N N 322 
LEU CD1   HD11   sing N N 323 
LEU CD1   HD12   sing N N 324 
LEU CD1   HD13   sing N N 325 
LEU CD2   HD21   sing N N 326 
LEU CD2   HD22   sing N N 327 
LEU CD2   HD23   sing N N 328 
LEU OXT   HXT    sing N N 329 
LYS N     CA     sing N N 330 
LYS N     H      sing N N 331 
LYS N     H2     sing N N 332 
LYS CA    C      sing N N 333 
LYS CA    CB     sing N N 334 
LYS CA    HA     sing N N 335 
LYS C     O      doub N N 336 
LYS C     OXT    sing N N 337 
LYS CB    CG     sing N N 338 
LYS CB    HB2    sing N N 339 
LYS CB    HB3    sing N N 340 
LYS CG    CD     sing N N 341 
LYS CG    HG2    sing N N 342 
LYS CG    HG3    sing N N 343 
LYS CD    CE     sing N N 344 
LYS CD    HD2    sing N N 345 
LYS CD    HD3    sing N N 346 
LYS CE    NZ     sing N N 347 
LYS CE    HE2    sing N N 348 
LYS CE    HE3    sing N N 349 
LYS NZ    HZ1    sing N N 350 
LYS NZ    HZ2    sing N N 351 
LYS NZ    HZ3    sing N N 352 
LYS OXT   HXT    sing N N 353 
MET N     CA     sing N N 354 
MET N     H      sing N N 355 
MET N     H2     sing N N 356 
MET CA    C      sing N N 357 
MET CA    CB     sing N N 358 
MET CA    HA     sing N N 359 
MET C     O      doub N N 360 
MET C     OXT    sing N N 361 
MET CB    CG     sing N N 362 
MET CB    HB2    sing N N 363 
MET CB    HB3    sing N N 364 
MET CG    SD     sing N N 365 
MET CG    HG2    sing N N 366 
MET CG    HG3    sing N N 367 
MET SD    CE     sing N N 368 
MET CE    HE1    sing N N 369 
MET CE    HE2    sing N N 370 
MET CE    HE3    sing N N 371 
MET OXT   HXT    sing N N 372 
PHE N     CA     sing N N 373 
PHE N     H      sing N N 374 
PHE N     H2     sing N N 375 
PHE CA    C      sing N N 376 
PHE CA    CB     sing N N 377 
PHE CA    HA     sing N N 378 
PHE C     O      doub N N 379 
PHE C     OXT    sing N N 380 
PHE CB    CG     sing N N 381 
PHE CB    HB2    sing N N 382 
PHE CB    HB3    sing N N 383 
PHE CG    CD1    doub Y N 384 
PHE CG    CD2    sing Y N 385 
PHE CD1   CE1    sing Y N 386 
PHE CD1   HD1    sing N N 387 
PHE CD2   CE2    doub Y N 388 
PHE CD2   HD2    sing N N 389 
PHE CE1   CZ     doub Y N 390 
PHE CE1   HE1    sing N N 391 
PHE CE2   CZ     sing Y N 392 
PHE CE2   HE2    sing N N 393 
PHE CZ    HZ     sing N N 394 
PHE OXT   HXT    sing N N 395 
PRO N     CA     sing N N 396 
PRO N     CD     sing N N 397 
PRO N     H      sing N N 398 
PRO CA    C      sing N N 399 
PRO CA    CB     sing N N 400 
PRO CA    HA     sing N N 401 
PRO C     O      doub N N 402 
PRO C     OXT    sing N N 403 
PRO CB    CG     sing N N 404 
PRO CB    HB2    sing N N 405 
PRO CB    HB3    sing N N 406 
PRO CG    CD     sing N N 407 
PRO CG    HG2    sing N N 408 
PRO CG    HG3    sing N N 409 
PRO CD    HD2    sing N N 410 
PRO CD    HD3    sing N N 411 
PRO OXT   HXT    sing N N 412 
SER N     CA     sing N N 413 
SER N     H      sing N N 414 
SER N     H2     sing N N 415 
SER CA    C      sing N N 416 
SER CA    CB     sing N N 417 
SER CA    HA     sing N N 418 
SER C     O      doub N N 419 
SER C     OXT    sing N N 420 
SER CB    OG     sing N N 421 
SER CB    HB2    sing N N 422 
SER CB    HB3    sing N N 423 
SER OG    HG     sing N N 424 
SER OXT   HXT    sing N N 425 
THR N     CA     sing N N 426 
THR N     H      sing N N 427 
THR N     H2     sing N N 428 
THR CA    C      sing N N 429 
THR CA    CB     sing N N 430 
THR CA    HA     sing N N 431 
THR C     O      doub N N 432 
THR C     OXT    sing N N 433 
THR CB    OG1    sing N N 434 
THR CB    CG2    sing N N 435 
THR CB    HB     sing N N 436 
THR OG1   HG1    sing N N 437 
THR CG2   HG21   sing N N 438 
THR CG2   HG22   sing N N 439 
THR CG2   HG23   sing N N 440 
THR OXT   HXT    sing N N 441 
TRP N     CA     sing N N 442 
TRP N     H      sing N N 443 
TRP N     H2     sing N N 444 
TRP CA    C      sing N N 445 
TRP CA    CB     sing N N 446 
TRP CA    HA     sing N N 447 
TRP C     O      doub N N 448 
TRP C     OXT    sing N N 449 
TRP CB    CG     sing N N 450 
TRP CB    HB2    sing N N 451 
TRP CB    HB3    sing N N 452 
TRP CG    CD1    doub Y N 453 
TRP CG    CD2    sing Y N 454 
TRP CD1   NE1    sing Y N 455 
TRP CD1   HD1    sing N N 456 
TRP CD2   CE2    doub Y N 457 
TRP CD2   CE3    sing Y N 458 
TRP NE1   CE2    sing Y N 459 
TRP NE1   HE1    sing N N 460 
TRP CE2   CZ2    sing Y N 461 
TRP CE3   CZ3    doub Y N 462 
TRP CE3   HE3    sing N N 463 
TRP CZ2   CH2    doub Y N 464 
TRP CZ2   HZ2    sing N N 465 
TRP CZ3   CH2    sing Y N 466 
TRP CZ3   HZ3    sing N N 467 
TRP CH2   HH2    sing N N 468 
TRP OXT   HXT    sing N N 469 
TYR N     CA     sing N N 470 
TYR N     H      sing N N 471 
TYR N     H2     sing N N 472 
TYR CA    C      sing N N 473 
TYR CA    CB     sing N N 474 
TYR CA    HA     sing N N 475 
TYR C     O      doub N N 476 
TYR C     OXT    sing N N 477 
TYR CB    CG     sing N N 478 
TYR CB    HB2    sing N N 479 
TYR CB    HB3    sing N N 480 
TYR CG    CD1    doub Y N 481 
TYR CG    CD2    sing Y N 482 
TYR CD1   CE1    sing Y N 483 
TYR CD1   HD1    sing N N 484 
TYR CD2   CE2    doub Y N 485 
TYR CD2   HD2    sing N N 486 
TYR CE1   CZ     doub Y N 487 
TYR CE1   HE1    sing N N 488 
TYR CE2   CZ     sing Y N 489 
TYR CE2   HE2    sing N N 490 
TYR CZ    OH     sing N N 491 
TYR OH    HH     sing N N 492 
TYR OXT   HXT    sing N N 493 
VAL N     CA     sing N N 494 
VAL N     H      sing N N 495 
VAL N     H2     sing N N 496 
VAL CA    C      sing N N 497 
VAL CA    CB     sing N N 498 
VAL CA    HA     sing N N 499 
VAL C     O      doub N N 500 
VAL C     OXT    sing N N 501 
VAL CB    CG1    sing N N 502 
VAL CB    CG2    sing N N 503 
VAL CB    HB     sing N N 504 
VAL CG1   HG11   sing N N 505 
VAL CG1   HG12   sing N N 506 
VAL CG1   HG13   sing N N 507 
VAL CG2   HG21   sing N N 508 
VAL CG2   HG22   sing N N 509 
VAL CG2   HG23   sing N N 510 
VAL OXT   HXT    sing N N 511 
# 
loop_
_ndb_struct_conf_na.entry_id 
_ndb_struct_conf_na.feature 
3L2C 'double helix'        
3L2C 'b-form double helix' 
# 
loop_
_ndb_struct_na_base_pair.model_number 
_ndb_struct_na_base_pair.i_label_asym_id 
_ndb_struct_na_base_pair.i_label_comp_id 
_ndb_struct_na_base_pair.i_label_seq_id 
_ndb_struct_na_base_pair.i_symmetry 
_ndb_struct_na_base_pair.j_label_asym_id 
_ndb_struct_na_base_pair.j_label_comp_id 
_ndb_struct_na_base_pair.j_label_seq_id 
_ndb_struct_na_base_pair.j_symmetry 
_ndb_struct_na_base_pair.shear 
_ndb_struct_na_base_pair.stretch 
_ndb_struct_na_base_pair.stagger 
_ndb_struct_na_base_pair.buckle 
_ndb_struct_na_base_pair.propeller 
_ndb_struct_na_base_pair.opening 
_ndb_struct_na_base_pair.pair_number 
_ndb_struct_na_base_pair.pair_name 
_ndb_struct_na_base_pair.i_auth_asym_id 
_ndb_struct_na_base_pair.i_auth_seq_id 
_ndb_struct_na_base_pair.i_PDB_ins_code 
_ndb_struct_na_base_pair.j_auth_asym_id 
_ndb_struct_na_base_pair.j_auth_seq_id 
_ndb_struct_na_base_pair.j_PDB_ins_code 
_ndb_struct_na_base_pair.hbond_type_28 
_ndb_struct_na_base_pair.hbond_type_12 
1 A DC 1  1_555 B DG 13 1_555 0.170  -0.134 0.354  -4.443 -1.543  -1.479 1  B_DC1:DG37_C  B 1  ? C 37 ? 19 1 
1 A DT 2  1_555 B DA 12 1_555 -0.082 -0.136 0.112  -0.095 -7.024  1.883  2  B_DT2:DA36_C  B 2  ? C 36 ? 20 1 
1 A DA 3  1_555 B DT 11 1_555 -0.132 -0.222 -0.138 -5.057 -9.405  -1.397 3  B_DA3:DT35_C  B 3  ? C 35 ? 20 1 
1 A DT 4  1_555 B DA 10 1_555 -0.028 -0.237 0.084  4.340  -9.210  3.077  4  B_DT4:DA34_C  B 4  ? C 34 ? 20 1 
1 A DG 5  1_555 B DC 9  1_555 -0.253 -0.186 -0.046 -4.228 -10.819 0.411  5  B_DG5:DC33_C  B 5  ? C 33 ? 19 1 
1 A DT 6  1_555 B DA 8  1_555 0.056  -0.188 0.085  -0.153 -9.590  3.394  6  B_DT6:DA32_C  B 6  ? C 32 ? 20 1 
1 A DA 7  1_555 B DT 7  1_555 0.047  -0.142 -0.203 -4.615 -7.512  -1.669 7  B_DA7:DT31_C  B 7  ? C 31 ? 20 1 
1 A DA 8  1_555 B DT 6  1_555 0.013  -0.156 0.242  8.276  -16.243 4.843  8  B_DA8:DT30_C  B 8  ? C 30 ? 20 1 
1 A DA 9  1_555 B DT 5  1_555 0.022  -0.142 0.018  1.926  -13.332 -0.534 9  B_DA9:DT29_C  B 9  ? C 29 ? 20 1 
1 A DC 10 1_555 B DG 4  1_555 0.199  -0.168 -0.031 8.100  -11.394 1.447  10 B_DC10:DG28_C B 10 ? C 28 ? 19 1 
1 A DA 11 1_555 B DT 3  1_555 -0.013 -0.176 0.031  3.483  -13.043 3.198  11 B_DA11:DT27_C B 11 ? C 27 ? 20 1 
1 A DA 12 1_555 B DT 2  1_555 0.105  -0.154 0.283  10.643 -11.386 1.456  12 B_DA12:DT26_C B 12 ? C 26 ? 20 1 
1 A DC 13 1_555 B DG 1  1_555 0.241  -0.120 -0.009 6.341  -7.861  1.444  13 B_DC13:DG25_C B 13 ? C 25 ? 19 1 
# 
loop_
_ndb_struct_na_base_pair_step.model_number 
_ndb_struct_na_base_pair_step.i_label_asym_id_1 
_ndb_struct_na_base_pair_step.i_label_comp_id_1 
_ndb_struct_na_base_pair_step.i_label_seq_id_1 
_ndb_struct_na_base_pair_step.i_symmetry_1 
_ndb_struct_na_base_pair_step.j_label_asym_id_1 
_ndb_struct_na_base_pair_step.j_label_comp_id_1 
_ndb_struct_na_base_pair_step.j_label_seq_id_1 
_ndb_struct_na_base_pair_step.j_symmetry_1 
_ndb_struct_na_base_pair_step.i_label_asym_id_2 
_ndb_struct_na_base_pair_step.i_label_comp_id_2 
_ndb_struct_na_base_pair_step.i_label_seq_id_2 
_ndb_struct_na_base_pair_step.i_symmetry_2 
_ndb_struct_na_base_pair_step.j_label_asym_id_2 
_ndb_struct_na_base_pair_step.j_label_comp_id_2 
_ndb_struct_na_base_pair_step.j_label_seq_id_2 
_ndb_struct_na_base_pair_step.j_symmetry_2 
_ndb_struct_na_base_pair_step.shift 
_ndb_struct_na_base_pair_step.slide 
_ndb_struct_na_base_pair_step.rise 
_ndb_struct_na_base_pair_step.tilt 
_ndb_struct_na_base_pair_step.roll 
_ndb_struct_na_base_pair_step.twist 
_ndb_struct_na_base_pair_step.x_displacement 
_ndb_struct_na_base_pair_step.y_displacement 
_ndb_struct_na_base_pair_step.helical_rise 
_ndb_struct_na_base_pair_step.inclination 
_ndb_struct_na_base_pair_step.tip 
_ndb_struct_na_base_pair_step.helical_twist 
_ndb_struct_na_base_pair_step.step_number 
_ndb_struct_na_base_pair_step.step_name 
_ndb_struct_na_base_pair_step.i_auth_asym_id_1 
_ndb_struct_na_base_pair_step.i_auth_seq_id_1 
_ndb_struct_na_base_pair_step.i_PDB_ins_code_1 
_ndb_struct_na_base_pair_step.j_auth_asym_id_1 
_ndb_struct_na_base_pair_step.j_auth_seq_id_1 
_ndb_struct_na_base_pair_step.j_PDB_ins_code_1 
_ndb_struct_na_base_pair_step.i_auth_asym_id_2 
_ndb_struct_na_base_pair_step.i_auth_seq_id_2 
_ndb_struct_na_base_pair_step.i_PDB_ins_code_2 
_ndb_struct_na_base_pair_step.j_auth_asym_id_2 
_ndb_struct_na_base_pair_step.j_auth_seq_id_2 
_ndb_struct_na_base_pair_step.j_PDB_ins_code_2 
1 A DC 1  1_555 B DG 13 1_555 A DT 2  1_555 B DA 12 1_555 -0.430 -0.441 3.157 1.096  -1.208 30.558 -0.604 1.024  3.154 -2.290 
-2.077 30.601 1  BB_DC1DT2:DA36DG37_CC   B 1  ? C 37 ? B 2  ? C 36 ? 
1 A DT 2  1_555 B DA 12 1_555 A DA 3  1_555 B DT 11 1_555 0.124  0.217  3.390 2.191  4.286  38.851 -0.211 0.089  3.395 6.414  
-3.278 39.137 2  BB_DT2DA3:DT35DA36_CC   B 2  ? C 36 ? B 3  ? C 35 ? 
1 A DA 3  1_555 B DT 11 1_555 A DT 4  1_555 B DA 10 1_555 0.496  -0.567 3.058 -3.058 3.034  26.887 -1.902 -1.757 2.904 6.472  
6.523  27.224 3  BB_DA3DT4:DA34DT35_CC   B 3  ? C 35 ? B 4  ? C 34 ? 
1 A DT 4  1_555 B DA 10 1_555 A DG 5  1_555 B DC 9  1_555 0.017  -0.299 3.403 2.563  9.414  37.441 -1.646 0.300  3.231 14.369 
-3.912 38.648 4  BB_DT4DG5:DC33DA34_CC   B 4  ? C 34 ? B 5  ? C 33 ? 
1 A DG 5  1_555 B DC 9  1_555 A DT 6  1_555 B DA 8  1_555 -0.010 -0.619 3.164 -0.837 1.371  30.432 -1.442 -0.141 3.133 2.610  
1.593  30.474 5  BB_DG5DT6:DA32DC33_CC   B 5  ? C 33 ? B 6  ? C 32 ? 
1 A DT 6  1_555 B DA 8  1_555 A DA 7  1_555 B DT 7  1_555 -0.281 -0.806 3.293 1.680  7.922  31.749 -2.764 0.781  2.992 14.194 
-3.010 32.739 6  BB_DT6DA7:DT31DA32_CC   B 6  ? C 32 ? B 7  ? C 31 ? 
1 A DA 7  1_555 B DT 7  1_555 A DA 8  1_555 B DT 6  1_555 0.679  -0.371 2.935 -2.384 4.567  31.280 -1.421 -1.631 2.796 8.398  
4.384  31.691 7  BB_DA7DA8:DT30DT31_CC   B 7  ? C 31 ? B 8  ? C 30 ? 
1 A DA 8  1_555 B DT 6  1_555 A DA 9  1_555 B DT 5  1_555 -1.227 -0.247 3.335 -1.602 0.802  36.467 -0.509 1.731  3.378 1.281  
2.558  36.510 8  BB_DA8DA9:DT29DT30_CC   B 8  ? C 30 ? B 9  ? C 29 ? 
1 A DA 9  1_555 B DT 5  1_555 A DC 10 1_555 B DG 4  1_555 0.522  -0.672 3.095 -1.113 5.249  28.139 -2.457 -1.289 2.902 10.673 
2.263  28.636 9  BB_DA9DC10:DG28DT29_CC  B 9  ? C 29 ? B 10 ? C 28 ? 
1 A DC 10 1_555 B DG 4  1_555 A DA 11 1_555 B DT 3  1_555 -0.664 -0.445 3.309 -1.632 10.203 32.282 -2.406 0.877  3.061 17.790 
2.846  33.854 10 BB_DC10DA11:DT27DG28_CC B 10 ? C 28 ? B 11 ? C 27 ? 
1 A DA 11 1_555 B DT 3  1_555 A DA 12 1_555 B DT 2  1_555 0.312  -0.410 3.053 -1.002 -0.616 32.289 -0.634 -0.727 3.049 -1.108 
1.801  32.310 11 BB_DA11DA12:DT26DT27_CC B 11 ? C 27 ? B 12 ? C 26 ? 
1 A DA 12 1_555 B DT 2  1_555 A DC 13 1_555 B DG 1  1_555 0.653  -0.897 3.391 1.940  -0.823 33.645 -1.407 -0.796 3.442 -1.420 
-3.348 33.709 12 BB_DA12DC13:DG25DT26_CC B 12 ? C 26 ? B 13 ? C 25 ? 
# 
loop_
_pdbx_entity_nonpoly.entity_id 
_pdbx_entity_nonpoly.name 
_pdbx_entity_nonpoly.comp_id 
4 'MAGNESIUM ION' MG  
5 water           HOH 
# 
_pdbx_initial_refinement_model.id               1 
_pdbx_initial_refinement_model.entity_id_list   ? 
_pdbx_initial_refinement_model.type             'experimental model' 
_pdbx_initial_refinement_model.source_name      PDB 
_pdbx_initial_refinement_model.accession_code   2UZK 
_pdbx_initial_refinement_model.details          'PDB ENTRY 2UZK' 
# 
